data_3EO2
# 
_entry.id   3EO2 
# 
_audit_conform.dict_name       mmcif_pdbx.dic 
_audit_conform.dict_version    5.378 
_audit_conform.dict_location   http://mmcif.pdb.org/dictionaries/ascii/mmcif_pdbx.dic 
# 
loop_
_database_2.database_id 
_database_2.database_code 
_database_2.pdbx_database_accession 
_database_2.pdbx_DOI 
PDB   3EO2         pdb_00003eo2 10.2210/pdb3eo2/pdb 
RCSB  RCSB049561   ?            ?                   
WWPDB D_1000049561 ?            ?                   
# 
_pdbx_database_status.entry_id                        3EO2 
_pdbx_database_status.deposit_site                    RCSB 
_pdbx_database_status.process_site                    RCSB 
_pdbx_database_status.recvd_initial_deposition_date   2008-09-26 
_pdbx_database_status.status_code                     REL 
_pdbx_database_status.status_code_sf                  REL 
_pdbx_database_status.status_code_mr                  ? 
_pdbx_database_status.SG_entry                        Y 
_pdbx_database_status.pdb_format_compatible           Y 
_pdbx_database_status.status_code_cs                  ? 
_pdbx_database_status.methods_development_category    ? 
_pdbx_database_status.status_code_nmr_data            ? 
# 
loop_
_audit_author.name 
_audit_author.pdbx_ordinal 
'Nedyalkova, L.'                       1  
'Tong, Y.'                             2  
'Tempel, W.'                           3  
'MacKenzie, F.'                        4  
'Arrowsmith, C.H.'                     5  
'Edwards, A.M.'                        6  
'Bountra, C.'                          7  
'Weigelt, J.'                          8  
'Bochkarev, A.'                        9  
'Park, H.'                             10 
'Structural Genomics Consortium (SGC)' 11 
# 
_citation.id                        primary 
_citation.title                     
'Crystal structure of the RhoGEF domain of human neuroepithelial cell-transforming gene 1 protein' 
_citation.journal_abbrev            'To be Published' 
_citation.journal_volume            ? 
_citation.page_first                ? 
_citation.page_last                 ? 
_citation.year                      ? 
_citation.journal_id_ASTM           ? 
_citation.country                   ? 
_citation.journal_id_ISSN           ? 
_citation.journal_id_CSD            0353 
_citation.book_publisher            ? 
_citation.pdbx_database_id_PubMed   ? 
_citation.pdbx_database_id_DOI      ? 
# 
loop_
_citation_author.citation_id 
_citation_author.name 
_citation_author.ordinal 
_citation_author.identifier_ORCID 
primary 'Nedyalkova, L.'   1  ? 
primary 'Tong, Y.'         2  ? 
primary 'Tempel, W.'       3  ? 
primary 'MacKenzie, F.'    4  ? 
primary 'Arrowsmith, C.H.' 5  ? 
primary 'Edwards, A.M.'    6  ? 
primary 'Bountra, C.'      7  ? 
primary 'Weigelt, J.'      8  ? 
primary 'Bochkarev, A.'    9  ? 
primary 'Park, H.'         10 ? 
# 
_cell.entry_id           3EO2 
_cell.length_a           95.629 
_cell.length_b           95.629 
_cell.length_c           62.887 
_cell.angle_alpha        90.000 
_cell.angle_beta         90.000 
_cell.angle_gamma        120.000 
_cell.pdbx_unique_axis   ? 
_cell.Z_PDB              6 
_cell.length_a_esd       ? 
_cell.length_b_esd       ? 
_cell.length_c_esd       ? 
_cell.angle_alpha_esd    ? 
_cell.angle_beta_esd     ? 
_cell.angle_gamma_esd    ? 
# 
_symmetry.entry_id                         3EO2 
_symmetry.space_group_name_H-M             'P 64' 
_symmetry.Int_Tables_number                172 
_symmetry.pdbx_full_space_group_name_H-M   ? 
_symmetry.cell_setting                     ? 
_symmetry.space_group_name_Hall            ? 
# 
loop_
_entity.id 
_entity.type 
_entity.src_method 
_entity.pdbx_description 
_entity.formula_weight 
_entity.pdbx_number_of_molecules 
_entity.pdbx_ec 
_entity.pdbx_mutation 
_entity.pdbx_fragment 
_entity.details 
1 polymer     man 'Neuroepithelial cell-transforming gene 1 protein' 27072.014 1 ? ? 'UNP residues 161-373' ? 
2 non-polymer syn 'UNKNOWN ATOM OR ION'                              ?         1 ? ? ?                      ? 
# 
_entity_name_com.entity_id   1 
_entity_name_com.name        'p65 Net1 proto-oncogene, Rho guanine nucleotide exchange factor 8' 
# 
_entity_poly.entity_id                      1 
_entity_poly.type                           'polypeptide(L)' 
_entity_poly.nstd_linkage                   no 
_entity_poly.nstd_monomer                   no 
_entity_poly.pdbx_seq_one_letter_code       
;MHHHHHHSSGRENLYFQGDITMKESLTTREIRRQEAIYEMSRGEQDLIEDLKLARKAYHDPMLKLSIMSEEELTHIFGDL
DSYIPLHEDLLTRIGEATKPDGTVEQIGHILVSWLPRLNAYRGYCSNQLAAKALLDQKKQDPRVQDFLQRCLESPFSRKL
DLWSFLDIPRSRLVKYPLLLKEILKHTPKEHPDVQLLEDAILIIQGVLSDINLKKGESECQYYIDKLEYLD
;
_entity_poly.pdbx_seq_one_letter_code_can   
;MHHHHHHSSGRENLYFQGDITMKESLTTREIRRQEAIYEMSRGEQDLIEDLKLARKAYHDPMLKLSIMSEEELTHIFGDL
DSYIPLHEDLLTRIGEATKPDGTVEQIGHILVSWLPRLNAYRGYCSNQLAAKALLDQKKQDPRVQDFLQRCLESPFSRKL
DLWSFLDIPRSRLVKYPLLLKEILKHTPKEHPDVQLLEDAILIIQGVLSDINLKKGESECQYYIDKLEYLD
;
_entity_poly.pdbx_strand_id                 A 
_entity_poly.pdbx_target_identifier         ? 
# 
loop_
_entity_poly_seq.entity_id 
_entity_poly_seq.num 
_entity_poly_seq.mon_id 
_entity_poly_seq.hetero 
1 1   MET n 
1 2   HIS n 
1 3   HIS n 
1 4   HIS n 
1 5   HIS n 
1 6   HIS n 
1 7   HIS n 
1 8   SER n 
1 9   SER n 
1 10  GLY n 
1 11  ARG n 
1 12  GLU n 
1 13  ASN n 
1 14  LEU n 
1 15  TYR n 
1 16  PHE n 
1 17  GLN n 
1 18  GLY n 
1 19  ASP n 
1 20  ILE n 
1 21  THR n 
1 22  MET n 
1 23  LYS n 
1 24  GLU n 
1 25  SER n 
1 26  LEU n 
1 27  THR n 
1 28  THR n 
1 29  ARG n 
1 30  GLU n 
1 31  ILE n 
1 32  ARG n 
1 33  ARG n 
1 34  GLN n 
1 35  GLU n 
1 36  ALA n 
1 37  ILE n 
1 38  TYR n 
1 39  GLU n 
1 40  MET n 
1 41  SER n 
1 42  ARG n 
1 43  GLY n 
1 44  GLU n 
1 45  GLN n 
1 46  ASP n 
1 47  LEU n 
1 48  ILE n 
1 49  GLU n 
1 50  ASP n 
1 51  LEU n 
1 52  LYS n 
1 53  LEU n 
1 54  ALA n 
1 55  ARG n 
1 56  LYS n 
1 57  ALA n 
1 58  TYR n 
1 59  HIS n 
1 60  ASP n 
1 61  PRO n 
1 62  MET n 
1 63  LEU n 
1 64  LYS n 
1 65  LEU n 
1 66  SER n 
1 67  ILE n 
1 68  MET n 
1 69  SER n 
1 70  GLU n 
1 71  GLU n 
1 72  GLU n 
1 73  LEU n 
1 74  THR n 
1 75  HIS n 
1 76  ILE n 
1 77  PHE n 
1 78  GLY n 
1 79  ASP n 
1 80  LEU n 
1 81  ASP n 
1 82  SER n 
1 83  TYR n 
1 84  ILE n 
1 85  PRO n 
1 86  LEU n 
1 87  HIS n 
1 88  GLU n 
1 89  ASP n 
1 90  LEU n 
1 91  LEU n 
1 92  THR n 
1 93  ARG n 
1 94  ILE n 
1 95  GLY n 
1 96  GLU n 
1 97  ALA n 
1 98  THR n 
1 99  LYS n 
1 100 PRO n 
1 101 ASP n 
1 102 GLY n 
1 103 THR n 
1 104 VAL n 
1 105 GLU n 
1 106 GLN n 
1 107 ILE n 
1 108 GLY n 
1 109 HIS n 
1 110 ILE n 
1 111 LEU n 
1 112 VAL n 
1 113 SER n 
1 114 TRP n 
1 115 LEU n 
1 116 PRO n 
1 117 ARG n 
1 118 LEU n 
1 119 ASN n 
1 120 ALA n 
1 121 TYR n 
1 122 ARG n 
1 123 GLY n 
1 124 TYR n 
1 125 CYS n 
1 126 SER n 
1 127 ASN n 
1 128 GLN n 
1 129 LEU n 
1 130 ALA n 
1 131 ALA n 
1 132 LYS n 
1 133 ALA n 
1 134 LEU n 
1 135 LEU n 
1 136 ASP n 
1 137 GLN n 
1 138 LYS n 
1 139 LYS n 
1 140 GLN n 
1 141 ASP n 
1 142 PRO n 
1 143 ARG n 
1 144 VAL n 
1 145 GLN n 
1 146 ASP n 
1 147 PHE n 
1 148 LEU n 
1 149 GLN n 
1 150 ARG n 
1 151 CYS n 
1 152 LEU n 
1 153 GLU n 
1 154 SER n 
1 155 PRO n 
1 156 PHE n 
1 157 SER n 
1 158 ARG n 
1 159 LYS n 
1 160 LEU n 
1 161 ASP n 
1 162 LEU n 
1 163 TRP n 
1 164 SER n 
1 165 PHE n 
1 166 LEU n 
1 167 ASP n 
1 168 ILE n 
1 169 PRO n 
1 170 ARG n 
1 171 SER n 
1 172 ARG n 
1 173 LEU n 
1 174 VAL n 
1 175 LYS n 
1 176 TYR n 
1 177 PRO n 
1 178 LEU n 
1 179 LEU n 
1 180 LEU n 
1 181 LYS n 
1 182 GLU n 
1 183 ILE n 
1 184 LEU n 
1 185 LYS n 
1 186 HIS n 
1 187 THR n 
1 188 PRO n 
1 189 LYS n 
1 190 GLU n 
1 191 HIS n 
1 192 PRO n 
1 193 ASP n 
1 194 VAL n 
1 195 GLN n 
1 196 LEU n 
1 197 LEU n 
1 198 GLU n 
1 199 ASP n 
1 200 ALA n 
1 201 ILE n 
1 202 LEU n 
1 203 ILE n 
1 204 ILE n 
1 205 GLN n 
1 206 GLY n 
1 207 VAL n 
1 208 LEU n 
1 209 SER n 
1 210 ASP n 
1 211 ILE n 
1 212 ASN n 
1 213 LEU n 
1 214 LYS n 
1 215 LYS n 
1 216 GLY n 
1 217 GLU n 
1 218 SER n 
1 219 GLU n 
1 220 CYS n 
1 221 GLN n 
1 222 TYR n 
1 223 TYR n 
1 224 ILE n 
1 225 ASP n 
1 226 LYS n 
1 227 LEU n 
1 228 GLU n 
1 229 TYR n 
1 230 LEU n 
1 231 ASP n 
# 
_entity_src_gen.entity_id                          1 
_entity_src_gen.pdbx_src_id                        1 
_entity_src_gen.pdbx_alt_source_flag               sample 
_entity_src_gen.pdbx_seq_type                      ? 
_entity_src_gen.pdbx_beg_seq_num                   ? 
_entity_src_gen.pdbx_end_seq_num                   ? 
_entity_src_gen.gene_src_common_name               Human 
_entity_src_gen.gene_src_genus                     ? 
_entity_src_gen.pdbx_gene_src_gene                 'NET1, ARHGEF8' 
_entity_src_gen.gene_src_species                   ? 
_entity_src_gen.gene_src_strain                    ? 
_entity_src_gen.gene_src_tissue                    ? 
_entity_src_gen.gene_src_tissue_fraction           ? 
_entity_src_gen.gene_src_details                   ? 
_entity_src_gen.pdbx_gene_src_fragment             ? 
_entity_src_gen.pdbx_gene_src_scientific_name      'Homo sapiens' 
_entity_src_gen.pdbx_gene_src_ncbi_taxonomy_id     9606 
_entity_src_gen.pdbx_gene_src_variant              ? 
_entity_src_gen.pdbx_gene_src_cell_line            ? 
_entity_src_gen.pdbx_gene_src_atcc                 ? 
_entity_src_gen.pdbx_gene_src_organ                ? 
_entity_src_gen.pdbx_gene_src_organelle            ? 
_entity_src_gen.pdbx_gene_src_cell                 ? 
_entity_src_gen.pdbx_gene_src_cellular_location    ? 
_entity_src_gen.host_org_common_name               ? 
_entity_src_gen.pdbx_host_org_scientific_name      'Escherichia coli' 
_entity_src_gen.pdbx_host_org_ncbi_taxonomy_id     562 
_entity_src_gen.host_org_genus                     ? 
_entity_src_gen.pdbx_host_org_gene                 ? 
_entity_src_gen.pdbx_host_org_organ                ? 
_entity_src_gen.host_org_species                   ? 
_entity_src_gen.pdbx_host_org_tissue               ? 
_entity_src_gen.pdbx_host_org_tissue_fraction      ? 
_entity_src_gen.pdbx_host_org_strain               'BL21(DE3)-V2R-pRARE2' 
_entity_src_gen.pdbx_host_org_variant              ? 
_entity_src_gen.pdbx_host_org_cell_line            ? 
_entity_src_gen.pdbx_host_org_atcc                 ? 
_entity_src_gen.pdbx_host_org_culture_collection   ? 
_entity_src_gen.pdbx_host_org_cell                 ? 
_entity_src_gen.pdbx_host_org_organelle            ? 
_entity_src_gen.pdbx_host_org_cellular_location    ? 
_entity_src_gen.pdbx_host_org_vector_type          plasmid 
_entity_src_gen.pdbx_host_org_vector               ? 
_entity_src_gen.host_org_details                   ? 
_entity_src_gen.expression_system_id               ? 
_entity_src_gen.plasmid_name                       pET28-mhl 
_entity_src_gen.plasmid_details                    ? 
_entity_src_gen.pdbx_description                   ? 
# 
_struct_ref.id                         1 
_struct_ref.db_name                    UNP 
_struct_ref.db_code                    ARHG8_HUMAN 
_struct_ref.pdbx_db_accession          Q7Z628 
_struct_ref.entity_id                  1 
_struct_ref.pdbx_seq_one_letter_code   
;DITMKESLTTREIRRQEAIYEMSRGEQDLIEDLKLARKAYHDPMLKLSIMSEEELTHIFGDLDSYIPLHEDLLTRIGEAT
KPDGTVEQIGHILVSWLPRLNAYRGYCSNQLAAKALLDQKKQDPRVQDFLQRCLESPFSRKLDLWSFLDIPRSRLVKYPL
LLKEILKHTPKEHPDVQLLEDAILIIQGVLSDINLKKGESECQYYIDKLEYLD
;
_struct_ref.pdbx_align_begin           161 
_struct_ref.pdbx_db_isoform            ? 
# 
_struct_ref_seq.align_id                      1 
_struct_ref_seq.ref_id                        1 
_struct_ref_seq.pdbx_PDB_id_code              3EO2 
_struct_ref_seq.pdbx_strand_id                A 
_struct_ref_seq.seq_align_beg                 19 
_struct_ref_seq.pdbx_seq_align_beg_ins_code   ? 
_struct_ref_seq.seq_align_end                 231 
_struct_ref_seq.pdbx_seq_align_end_ins_code   ? 
_struct_ref_seq.pdbx_db_accession             Q7Z628 
_struct_ref_seq.db_align_beg                  161 
_struct_ref_seq.pdbx_db_align_beg_ins_code    ? 
_struct_ref_seq.db_align_end                  373 
_struct_ref_seq.pdbx_db_align_end_ins_code    ? 
_struct_ref_seq.pdbx_auth_seq_align_beg       161 
_struct_ref_seq.pdbx_auth_seq_align_end       373 
# 
loop_
_struct_ref_seq_dif.align_id 
_struct_ref_seq_dif.pdbx_pdb_id_code 
_struct_ref_seq_dif.mon_id 
_struct_ref_seq_dif.pdbx_pdb_strand_id 
_struct_ref_seq_dif.seq_num 
_struct_ref_seq_dif.pdbx_pdb_ins_code 
_struct_ref_seq_dif.pdbx_seq_db_name 
_struct_ref_seq_dif.pdbx_seq_db_accession_code 
_struct_ref_seq_dif.db_mon_id 
_struct_ref_seq_dif.pdbx_seq_db_seq_num 
_struct_ref_seq_dif.details 
_struct_ref_seq_dif.pdbx_auth_seq_num 
_struct_ref_seq_dif.pdbx_ordinal 
1 3EO2 MET A 1  ? UNP Q7Z628 ? ? 'expression tag' 143 1  
1 3EO2 HIS A 2  ? UNP Q7Z628 ? ? 'expression tag' 144 2  
1 3EO2 HIS A 3  ? UNP Q7Z628 ? ? 'expression tag' 145 3  
1 3EO2 HIS A 4  ? UNP Q7Z628 ? ? 'expression tag' 146 4  
1 3EO2 HIS A 5  ? UNP Q7Z628 ? ? 'expression tag' 147 5  
1 3EO2 HIS A 6  ? UNP Q7Z628 ? ? 'expression tag' 148 6  
1 3EO2 HIS A 7  ? UNP Q7Z628 ? ? 'expression tag' 149 7  
1 3EO2 SER A 8  ? UNP Q7Z628 ? ? 'expression tag' 150 8  
1 3EO2 SER A 9  ? UNP Q7Z628 ? ? 'expression tag' 151 9  
1 3EO2 GLY A 10 ? UNP Q7Z628 ? ? 'expression tag' 152 10 
1 3EO2 ARG A 11 ? UNP Q7Z628 ? ? 'expression tag' 153 11 
1 3EO2 GLU A 12 ? UNP Q7Z628 ? ? 'expression tag' 154 12 
1 3EO2 ASN A 13 ? UNP Q7Z628 ? ? 'expression tag' 155 13 
1 3EO2 LEU A 14 ? UNP Q7Z628 ? ? 'expression tag' 156 14 
1 3EO2 TYR A 15 ? UNP Q7Z628 ? ? 'expression tag' 157 15 
1 3EO2 PHE A 16 ? UNP Q7Z628 ? ? 'expression tag' 158 16 
1 3EO2 GLN A 17 ? UNP Q7Z628 ? ? 'expression tag' 159 17 
1 3EO2 GLY A 18 ? UNP Q7Z628 ? ? 'expression tag' 160 18 
# 
loop_
_chem_comp.id 
_chem_comp.type 
_chem_comp.mon_nstd_flag 
_chem_comp.name 
_chem_comp.pdbx_synonyms 
_chem_comp.formula 
_chem_comp.formula_weight 
ALA 'L-peptide linking' y ALANINE               ? 'C3 H7 N O2'     89.093  
ARG 'L-peptide linking' y ARGININE              ? 'C6 H15 N4 O2 1' 175.209 
ASN 'L-peptide linking' y ASPARAGINE            ? 'C4 H8 N2 O3'    132.118 
ASP 'L-peptide linking' y 'ASPARTIC ACID'       ? 'C4 H7 N O4'     133.103 
CYS 'L-peptide linking' y CYSTEINE              ? 'C3 H7 N O2 S'   121.158 
GLN 'L-peptide linking' y GLUTAMINE             ? 'C5 H10 N2 O3'   146.144 
GLU 'L-peptide linking' y 'GLUTAMIC ACID'       ? 'C5 H9 N O4'     147.129 
GLY 'peptide linking'   y GLYCINE               ? 'C2 H5 N O2'     75.067  
HIS 'L-peptide linking' y HISTIDINE             ? 'C6 H10 N3 O2 1' 156.162 
ILE 'L-peptide linking' y ISOLEUCINE            ? 'C6 H13 N O2'    131.173 
LEU 'L-peptide linking' y LEUCINE               ? 'C6 H13 N O2'    131.173 
LYS 'L-peptide linking' y LYSINE                ? 'C6 H15 N2 O2 1' 147.195 
MET 'L-peptide linking' y METHIONINE            ? 'C5 H11 N O2 S'  149.211 
PHE 'L-peptide linking' y PHENYLALANINE         ? 'C9 H11 N O2'    165.189 
PRO 'L-peptide linking' y PROLINE               ? 'C5 H9 N O2'     115.130 
SER 'L-peptide linking' y SERINE                ? 'C3 H7 N O3'     105.093 
THR 'L-peptide linking' y THREONINE             ? 'C4 H9 N O3'     119.119 
TRP 'L-peptide linking' y TRYPTOPHAN            ? 'C11 H12 N2 O2'  204.225 
TYR 'L-peptide linking' y TYROSINE              ? 'C9 H11 N O3'    181.189 
UNX non-polymer         . 'UNKNOWN ATOM OR ION' ? ?                ?       
VAL 'L-peptide linking' y VALINE                ? 'C5 H11 N O2'    117.146 
# 
_exptl.crystals_number   1 
_exptl.entry_id          3EO2 
_exptl.method            'X-RAY DIFFRACTION' 
# 
_exptl_crystal.id                    1 
_exptl_crystal.density_percent_sol   59.88 
_exptl_crystal.density_Matthews      3.07 
_exptl_crystal.density_meas          ? 
_exptl_crystal.description           ? 
_exptl_crystal.F_000                 ? 
_exptl_crystal.preparation           ? 
# 
_exptl_crystal_grow.crystal_id      1 
_exptl_crystal_grow.method          'VAPOR DIFFUSION, HANGING DROP' 
_exptl_crystal_grow.pH              4.8 
_exptl_crystal_grow.temp            ? 
_exptl_crystal_grow.pdbx_details    
;1.0M sodium citrate, 0.1M sodium cacodylate, 5% ethylene glycol,
crystallized in the presence of 1:100 (w/w) subtilisin, pH 4.8, vapor diffusion, hanging drop
;
_exptl_crystal_grow.temp_details    ? 
_exptl_crystal_grow.pdbx_pH_range   ? 
# 
_diffrn.id                               1 
_diffrn.ambient_temp                     100 
_diffrn.ambient_temp_details             ? 
_diffrn.crystal_id                       1 
_diffrn.pdbx_serial_crystal_experiment   ? 
# 
_diffrn_detector.diffrn_id              1 
_diffrn_detector.detector               CCD 
_diffrn_detector.type                   'MARMOSAIC 300 mm CCD' 
_diffrn_detector.pdbx_collection_date   2008-08-11 
_diffrn_detector.details                ? 
# 
_diffrn_radiation.diffrn_id                        1 
_diffrn_radiation.pdbx_diffrn_protocol             'SINGLE WAVELENGTH' 
_diffrn_radiation.monochromator                    ? 
_diffrn_radiation.wavelength_id                    1 
_diffrn_radiation.pdbx_monochromatic_or_laue_m_l   M 
_diffrn_radiation.pdbx_scattering_type             x-ray 
# 
_diffrn_radiation_wavelength.id           1 
_diffrn_radiation_wavelength.wavelength   0.97945 
_diffrn_radiation_wavelength.wt           1.0 
# 
_diffrn_source.diffrn_id                   1 
_diffrn_source.source                      SYNCHROTRON 
_diffrn_source.type                        'APS BEAMLINE 23-ID-D' 
_diffrn_source.pdbx_wavelength_list        0.97945 
_diffrn_source.pdbx_wavelength             ? 
_diffrn_source.pdbx_synchrotron_site       APS 
_diffrn_source.pdbx_synchrotron_beamline   23-ID-D 
# 
_reflns.entry_id                     3EO2 
_reflns.d_resolution_high            2.600 
_reflns.d_resolution_low             50.000 
_reflns.number_obs                   9673 
_reflns.pdbx_Rmerge_I_obs            0.095 
_reflns.pdbx_netI_over_sigmaI        12.900 
_reflns.pdbx_chi_squared             1.989 
_reflns.pdbx_redundancy              8.800 
_reflns.percent_possible_obs         95.100 
_reflns.observed_criterion_sigma_F   ? 
_reflns.observed_criterion_sigma_I   ? 
_reflns.number_all                   ? 
_reflns.pdbx_Rsym_value              ? 
_reflns.B_iso_Wilson_estimate        ? 
_reflns.R_free_details               ? 
_reflns.limit_h_max                  ? 
_reflns.limit_h_min                  ? 
_reflns.limit_k_max                  ? 
_reflns.limit_k_min                  ? 
_reflns.limit_l_max                  ? 
_reflns.limit_l_min                  ? 
_reflns.observed_criterion_F_max     ? 
_reflns.observed_criterion_F_min     ? 
_reflns.pdbx_scaling_rejects         ? 
_reflns.pdbx_ordinal                 1 
_reflns.pdbx_diffrn_id               1 
# 
loop_
_reflns_shell.d_res_high 
_reflns_shell.d_res_low 
_reflns_shell.number_measured_obs 
_reflns_shell.number_measured_all 
_reflns_shell.number_unique_obs 
_reflns_shell.Rmerge_I_obs 
_reflns_shell.meanI_over_sigI_obs 
_reflns_shell.pdbx_Rsym_value 
_reflns_shell.pdbx_chi_squared 
_reflns_shell.pdbx_redundancy 
_reflns_shell.percent_possible_obs 
_reflns_shell.number_unique_all 
_reflns_shell.percent_possible_all 
_reflns_shell.pdbx_ordinal 
_reflns_shell.pdbx_diffrn_id 
2.60 2.69  ? ? ? 0.526 ? ? 0.940 2.30  ? 645  65.30  1  1 
2.69 2.80  ? ? ? 0.546 ? ? 0.730 4.00  ? 906  89.10  2  1 
2.80 2.93  ? ? ? 0.414 ? ? 0.859 6.20  ? 982  97.10  3  1 
2.93 3.08  ? ? ? 0.383 ? ? 0.908 8.60  ? 1013 99.90  4  1 
3.08 3.28  ? ? ? 0.286 ? ? 1.112 10.70 ? 1006 100.00 5  1 
3.28 3.53  ? ? ? 0.187 ? ? 1.524 11.20 ? 1017 100.00 6  1 
3.53 3.88  ? ? ? 0.129 ? ? 2.055 11.20 ? 1007 100.00 7  1 
3.88 4.45  ? ? ? 0.089 ? ? 2.803 10.80 ? 1020 100.00 8  1 
4.45 5.60  ? ? ? 0.071 ? ? 3.228 10.30 ? 1029 100.00 9  1 
5.60 50.00 ? ? ? 0.047 ? ? 3.236 9.60  ? 1048 98.40  10 1 
# 
_refine.entry_id                                 3EO2 
_refine.ls_d_res_high                            2.60 
_refine.ls_d_res_low                             30.000 
_refine.pdbx_ls_sigma_F                          0.00 
_refine.ls_percent_reflns_obs                    94.898 
_refine.ls_number_reflns_obs                     9653 
_refine.pdbx_ls_cross_valid_method               THROUGHOUT 
_refine.pdbx_R_Free_selection_details            RANDOM 
_refine.details                                  
;HYDROGENS HAVE BEEN ADDED IN THE RIDING POSITIONS.  
 U VALUES: RESIDUAL ONLY. ATOM RECORD CONTAINS RESIDUAL B FACTORS ONLY.
;
_refine.ls_R_factor_obs                          0.215 
_refine.ls_R_factor_R_work                       0.213 
_refine.ls_wR_factor_R_work                      0.192 
_refine.ls_R_factor_R_free                       0.250 
_refine.ls_wR_factor_R_free                      0.218 
_refine.ls_percent_reflns_R_free                 4.817 
_refine.ls_number_reflns_R_free                  465 
_refine.B_iso_mean                               33.152 
_refine.aniso_B[1][1]                            -1.752 
_refine.aniso_B[2][2]                            -1.752 
_refine.aniso_B[3][3]                            2.628 
_refine.aniso_B[1][2]                            -0.876 
_refine.aniso_B[1][3]                            0.000 
_refine.aniso_B[2][3]                            0.000 
_refine.correlation_coeff_Fo_to_Fc               0.952 
_refine.correlation_coeff_Fo_to_Fc_free          0.928 
_refine.pdbx_overall_ESU_R                       0.382 
_refine.pdbx_overall_ESU_R_Free                  0.270 
_refine.overall_SU_ML                            0.241 
_refine.overall_SU_B                             28.361 
_refine.solvent_model_details                    'MASK BULK SOLVENT' 
_refine.pdbx_solvent_vdw_probe_radii             1.200 
_refine.pdbx_solvent_ion_probe_radii             0.800 
_refine.pdbx_solvent_shrinkage_radii             0.800 
_refine.pdbx_method_to_determine_struct          'MOLECULAR REPLACEMENT' 
_refine.pdbx_stereochemistry_target_values       'MAXIMUM LIKELIHOOD' 
_refine.pdbx_ls_sigma_I                          ? 
_refine.ls_number_reflns_all                     ? 
_refine.ls_R_factor_all                          ? 
_refine.ls_redundancy_reflns_obs                 ? 
_refine.pdbx_data_cutoff_high_absF               ? 
_refine.pdbx_data_cutoff_low_absF                ? 
_refine.ls_number_parameters                     ? 
_refine.ls_number_restraints                     ? 
_refine.ls_R_factor_R_free_error                 ? 
_refine.ls_R_factor_R_free_error_details         ? 
_refine.pdbx_starting_model                      'pdb entry 2Z0Q' 
_refine.pdbx_stereochem_target_val_spec_case     ? 
_refine.solvent_model_param_bsol                 ? 
_refine.solvent_model_param_ksol                 ? 
_refine.occupancy_max                            ? 
_refine.occupancy_min                            ? 
_refine.pdbx_isotropic_thermal_model             ? 
_refine.B_iso_min                                ? 
_refine.B_iso_max                                ? 
_refine.overall_SU_R_Cruickshank_DPI             ? 
_refine.overall_SU_R_free                        ? 
_refine.pdbx_data_cutoff_high_rms_absF           ? 
_refine.overall_FOM_free_R_set                   ? 
_refine.overall_FOM_work_R_set                   ? 
_refine.pdbx_overall_phase_error                 ? 
_refine.pdbx_refine_id                           'X-RAY DIFFRACTION' 
_refine.pdbx_TLS_residual_ADP_flag               'LIKELY RESIDUAL' 
_refine.pdbx_diffrn_id                           1 
_refine.pdbx_overall_SU_R_free_Cruickshank_DPI   ? 
_refine.pdbx_overall_SU_R_Blow_DPI               ? 
_refine.pdbx_overall_SU_R_free_Blow_DPI          ? 
# 
_refine_hist.pdbx_refine_id                   'X-RAY DIFFRACTION' 
_refine_hist.cycle_id                         LAST 
_refine_hist.pdbx_number_atoms_protein        1468 
_refine_hist.pdbx_number_atoms_nucleic_acid   0 
_refine_hist.pdbx_number_atoms_ligand         1 
_refine_hist.number_atoms_solvent             0 
_refine_hist.number_atoms_total               1469 
_refine_hist.d_res_high                       2.60 
_refine_hist.d_res_low                        30.000 
# 
loop_
_refine_ls_restr.type 
_refine_ls_restr.number 
_refine_ls_restr.dev_ideal 
_refine_ls_restr.dev_ideal_target 
_refine_ls_restr.weight 
_refine_ls_restr.pdbx_refine_id 
_refine_ls_restr.pdbx_restraint_function 
r_bond_refined_d       1497 0.014  0.022  ? 'X-RAY DIFFRACTION' ? 
r_bond_other_d         1018 0.001  0.020  ? 'X-RAY DIFFRACTION' ? 
r_angle_refined_deg    2033 1.123  1.990  ? 'X-RAY DIFFRACTION' ? 
r_angle_other_deg      2492 0.863  3.000  ? 'X-RAY DIFFRACTION' ? 
r_dihedral_angle_1_deg 186  4.982  5.000  ? 'X-RAY DIFFRACTION' ? 
r_dihedral_angle_2_deg 64   33.023 23.750 ? 'X-RAY DIFFRACTION' ? 
r_dihedral_angle_3_deg 264  15.378 15.000 ? 'X-RAY DIFFRACTION' ? 
r_dihedral_angle_4_deg 11   23.591 15.000 ? 'X-RAY DIFFRACTION' ? 
r_chiral_restr         237  0.059  0.200  ? 'X-RAY DIFFRACTION' ? 
r_gen_planes_refined   1639 0.004  0.021  ? 'X-RAY DIFFRACTION' ? 
r_gen_planes_other     286  0.001  0.020  ? 'X-RAY DIFFRACTION' ? 
r_mcbond_it            937  0.885  2.000  ? 'X-RAY DIFFRACTION' ? 
r_mcbond_other         370  0.129  2.000  ? 'X-RAY DIFFRACTION' ? 
r_mcangle_it           1510 1.578  3.000  ? 'X-RAY DIFFRACTION' ? 
r_scbond_it            560  1.063  2.000  ? 'X-RAY DIFFRACTION' ? 
r_scangle_it           523  1.845  3.000  ? 'X-RAY DIFFRACTION' ? 
# 
loop_
_refine_ls_shell.pdbx_total_number_of_bins_used 
_refine_ls_shell.d_res_low 
_refine_ls_shell.d_res_high 
_refine_ls_shell.number_reflns_all 
_refine_ls_shell.percent_reflns_obs 
_refine_ls_shell.number_reflns_R_work 
_refine_ls_shell.R_factor_R_work 
_refine_ls_shell.number_reflns_R_free 
_refine_ls_shell.R_factor_R_free 
_refine_ls_shell.number_reflns_obs 
_refine_ls_shell.R_factor_R_free_error 
_refine_ls_shell.percent_reflns_R_free 
_refine_ls_shell.redundancy_reflns_obs 
_refine_ls_shell.R_factor_all 
_refine_ls_shell.pdbx_refine_id 
20 2.668  2.60   745 58.121  418 0.433 15 0.354 . . . . . 'X-RAY DIFFRACTION' 
20 2.741  2.668  718 83.844  581 0.398 21 0.566 . . . . . 'X-RAY DIFFRACTION' 
20 2.820  2.741  699 92.418  614 0.376 32 0.374 . . . . . 'X-RAY DIFFRACTION' 
20 2.906  2.820  681 96.623  626 0.284 32 0.334 . . . . . 'X-RAY DIFFRACTION' 
20 3.000  2.906  677 99.852  637 0.290 39 0.300 . . . . . 'X-RAY DIFFRACTION' 
20 3.104  3.000  645 100.000 619 0.288 26 0.443 . . . . . 'X-RAY DIFFRACTION' 
20 3.220  3.104  603 99.834  573 0.271 29 0.272 . . . . . 'X-RAY DIFFRACTION' 
20 3.350  3.220  597 100.000 562 0.262 35 0.395 . . . . . 'X-RAY DIFFRACTION' 
20 3.497  3.350  573 100.000 539 0.233 34 0.204 . . . . . 'X-RAY DIFFRACTION' 
20 3.665  3.497  561 100.000 533 0.226 28 0.282 . . . . . 'X-RAY DIFFRACTION' 
20 3.860  3.665  520 100.000 492 0.194 28 0.223 . . . . . 'X-RAY DIFFRACTION' 
20 4.090  3.860  496 100.000 478 0.180 18 0.238 . . . . . 'X-RAY DIFFRACTION' 
20 4.367  4.090  464 100.000 438 0.173 26 0.143 . . . . . 'X-RAY DIFFRACTION' 
20 4.708  4.367  439 100.000 419 0.157 20 0.237 . . . . . 'X-RAY DIFFRACTION' 
20 5.145  4.708  397 100.000 380 0.160 17 0.152 . . . . . 'X-RAY DIFFRACTION' 
20 5.731  5.145  381 100.000 362 0.207 19 0.354 . . . . . 'X-RAY DIFFRACTION' 
20 6.578  5.731  323 99.690  300 0.227 22 0.216 . . . . . 'X-RAY DIFFRACTION' 
20 7.961  6.578  285 100.000 273 0.185 12 0.243 . . . . . 'X-RAY DIFFRACTION' 
20 10.883 7.961  224 98.661  214 0.133 7  0.119 . . . . . 'X-RAY DIFFRACTION' 
20 30.000 10.883 144 93.750  130 0.199 5  0.272 . . . . . 'X-RAY DIFFRACTION' 
# 
_struct.entry_id                  3EO2 
_struct.title                     
'Crystal structure of the RhoGEF domain of human neuroepithelial cell-transforming gene 1 protein' 
_struct.pdbx_model_details        ? 
_struct.pdbx_CASP_flag            ? 
_struct.pdbx_model_type_details   ? 
# 
_struct_keywords.entry_id        3EO2 
_struct_keywords.text            
;RhoGEF, guanine nucleotide exchange factor, Structural genomics consortium, SGC, Guanine-nucleotide releasing factor, Nucleus, Proto-oncogene, SPLICING
;
_struct_keywords.pdbx_keywords   SPLICING 
# 
loop_
_struct_asym.id 
_struct_asym.pdbx_blank_PDB_chainid_flag 
_struct_asym.pdbx_modified 
_struct_asym.entity_id 
_struct_asym.details 
A N N 1 ? 
B N N 2 ? 
# 
_struct_biol.id        1 
_struct_biol.details   
;ACCORDING TO THE AUTHORS THE
BIOLOGICAL UNIT IS UNKNOWN
;
# 
loop_
_struct_conf.conf_type_id 
_struct_conf.id 
_struct_conf.pdbx_PDB_helix_id 
_struct_conf.beg_label_comp_id 
_struct_conf.beg_label_asym_id 
_struct_conf.beg_label_seq_id 
_struct_conf.pdbx_beg_PDB_ins_code 
_struct_conf.end_label_comp_id 
_struct_conf.end_label_asym_id 
_struct_conf.end_label_seq_id 
_struct_conf.pdbx_end_PDB_ins_code 
_struct_conf.beg_auth_comp_id 
_struct_conf.beg_auth_asym_id 
_struct_conf.beg_auth_seq_id 
_struct_conf.end_auth_comp_id 
_struct_conf.end_auth_asym_id 
_struct_conf.end_auth_seq_id 
_struct_conf.pdbx_PDB_helix_class 
_struct_conf.details 
_struct_conf.pdbx_PDB_helix_length 
HELX_P HELX_P1  1  THR A 27  ? TYR A 58  ? THR A 169 TYR A 200 1 ? 32 
HELX_P HELX_P2  2  TYR A 58  ? LEU A 65  ? TYR A 200 LEU A 207 1 ? 8  
HELX_P HELX_P3  3  SER A 69  ? GLY A 78  ? SER A 211 GLY A 220 1 ? 10 
HELX_P HELX_P4  4  ASP A 79  ? THR A 98  ? ASP A 221 THR A 240 1 ? 20 
HELX_P HELX_P5  5  ILE A 107 ? LEU A 115 ? ILE A 249 LEU A 257 1 ? 9  
HELX_P HELX_P6  6  PRO A 116 ? ALA A 120 ? PRO A 258 ALA A 262 5 ? 5  
HELX_P HELX_P7  7  TYR A 121 ? SER A 126 ? TYR A 263 SER A 268 1 ? 6  
HELX_P HELX_P8  8  ASN A 127 ? LYS A 139 ? ASN A 269 LYS A 281 1 ? 13 
HELX_P HELX_P9  9  ASP A 141 ? SER A 154 ? ASP A 283 SER A 296 1 ? 14 
HELX_P HELX_P10 10 ASP A 161 ? PHE A 165 ? ASP A 303 PHE A 307 5 ? 5  
HELX_P HELX_P11 11 LEU A 166 ? HIS A 186 ? LEU A 308 HIS A 328 1 ? 21 
HELX_P HELX_P12 12 PRO A 192 ? ASP A 210 ? PRO A 334 ASP A 352 1 ? 19 
# 
_struct_conf_type.id          HELX_P 
_struct_conf_type.criteria    ? 
_struct_conf_type.reference   ? 
# 
_struct_site.id                   AC1 
_struct_site.pdbx_evidence_code   Software 
_struct_site.pdbx_auth_asym_id    A 
_struct_site.pdbx_auth_comp_id    UNX 
_struct_site.pdbx_auth_seq_id     1 
_struct_site.pdbx_auth_ins_code   ? 
_struct_site.pdbx_num_residues    2 
_struct_site.details              'BINDING SITE FOR RESIDUE UNX A 1' 
# 
loop_
_struct_site_gen.id 
_struct_site_gen.site_id 
_struct_site_gen.pdbx_num_res 
_struct_site_gen.label_comp_id 
_struct_site_gen.label_asym_id 
_struct_site_gen.label_seq_id 
_struct_site_gen.pdbx_auth_ins_code 
_struct_site_gen.auth_comp_id 
_struct_site_gen.auth_asym_id 
_struct_site_gen.auth_seq_id 
_struct_site_gen.label_atom_id 
_struct_site_gen.label_alt_id 
_struct_site_gen.symmetry 
_struct_site_gen.details 
1 AC1 2 LEU A 160 ? LEU A 302 . ? 1_555 ? 
2 AC1 2 LEU A 162 ? LEU A 304 . ? 1_555 ? 
# 
_atom_sites.entry_id                    3EO2 
_atom_sites.fract_transf_matrix[1][1]   -0.00981165 
_atom_sites.fract_transf_matrix[1][2]   0.00612133 
_atom_sites.fract_transf_matrix[1][3]   -0.00347204 
_atom_sites.fract_transf_matrix[2][1]   -0.01096769 
_atom_sites.fract_transf_matrix[2][2]   -0.00375405 
_atom_sites.fract_transf_matrix[2][3]   0.00337973 
_atom_sites.fract_transf_matrix[3][1]   0.00096397 
_atom_sites.fract_transf_matrix[3][2]   0.00897196 
_atom_sites.fract_transf_matrix[3][3]   0.01309383 
_atom_sites.fract_transf_vector[1]      -0.349917 
_atom_sites.fract_transf_vector[2]      -0.023254 
_atom_sites.fract_transf_vector[3]      0.012147 
# 
loop_
_atom_type.symbol 
C 
N 
O 
S 
X 
# 
loop_
_atom_site.group_PDB 
_atom_site.id 
_atom_site.type_symbol 
_atom_site.label_atom_id 
_atom_site.label_alt_id 
_atom_site.label_comp_id 
_atom_site.label_asym_id 
_atom_site.label_entity_id 
_atom_site.label_seq_id 
_atom_site.pdbx_PDB_ins_code 
_atom_site.Cartn_x 
_atom_site.Cartn_y 
_atom_site.Cartn_z 
_atom_site.occupancy 
_atom_site.B_iso_or_equiv 
_atom_site.pdbx_formal_charge 
_atom_site.auth_seq_id 
_atom_site.auth_comp_id 
_atom_site.auth_asym_id 
_atom_site.auth_atom_id 
_atom_site.pdbx_PDB_model_num 
ATOM   1    N N   . LEU A 1 26  ? 30.430  1.362   10.643  1.00 45.58 ? 168 LEU A N   1 
ATOM   2    C CA  . LEU A 1 26  ? 29.311  2.035   9.892   1.00 45.76 ? 168 LEU A CA  1 
ATOM   3    C C   . LEU A 1 26  ? 29.168  3.498   10.338  1.00 45.28 ? 168 LEU A C   1 
ATOM   4    O O   . LEU A 1 26  ? 29.091  3.774   11.527  1.00 44.62 ? 168 LEU A O   1 
ATOM   5    C CB  . LEU A 1 26  ? 27.959  1.303   10.101  1.00 45.90 ? 168 LEU A CB  1 
ATOM   6    C CG  . LEU A 1 26  ? 27.513  0.128   9.192   1.00 46.09 ? 168 LEU A CG  1 
ATOM   7    C CD1 . LEU A 1 26  ? 26.018  -0.196  9.419   1.00 44.76 ? 168 LEU A CD1 1 
ATOM   8    C CD2 . LEU A 1 26  ? 27.764  0.394   7.700   1.00 46.11 ? 168 LEU A CD2 1 
ATOM   9    N N   . THR A 1 27  ? 29.110  4.420   9.373   1.00 45.02 ? 169 THR A N   1 
ATOM   10   C CA  . THR A 1 27  ? 29.018  5.868   9.658   1.00 44.18 ? 169 THR A CA  1 
ATOM   11   C C   . THR A 1 27  ? 27.638  6.241   10.208  1.00 44.07 ? 169 THR A C   1 
ATOM   12   O O   . THR A 1 27  ? 26.710  5.448   10.135  1.00 44.58 ? 169 THR A O   1 
ATOM   13   C CB  . THR A 1 27  ? 29.298  6.706   8.384   1.00 44.00 ? 169 THR A CB  1 
ATOM   14   O OG1 . THR A 1 27  ? 28.305  6.426   7.391   1.00 44.68 ? 169 THR A OG1 1 
ATOM   15   C CG2 . THR A 1 27  ? 30.651  6.375   7.818   1.00 43.61 ? 169 THR A CG2 1 
ATOM   16   N N   . THR A 1 28  ? 27.501  7.446   10.761  1.00 44.16 ? 170 THR A N   1 
ATOM   17   C CA  . THR A 1 28  ? 26.197  7.900   11.275  1.00 44.13 ? 170 THR A CA  1 
ATOM   18   C C   . THR A 1 28  ? 25.231  8.111   10.121  1.00 44.01 ? 170 THR A C   1 
ATOM   19   O O   . THR A 1 28  ? 24.030  7.856   10.255  1.00 44.53 ? 170 THR A O   1 
ATOM   20   C CB  . THR A 1 28  ? 26.280  9.232   12.084  1.00 44.39 ? 170 THR A CB  1 
ATOM   21   O OG1 . THR A 1 28  ? 27.514  9.302   12.804  1.00 45.08 ? 170 THR A OG1 1 
ATOM   22   C CG2 . THR A 1 28  ? 25.100  9.345   13.073  1.00 44.04 ? 170 THR A CG2 1 
ATOM   23   N N   . ARG A 1 29  ? 25.761  8.587   8.993   1.00 43.35 ? 171 ARG A N   1 
ATOM   24   C CA  . ARG A 1 29  ? 24.956  8.842   7.807   1.00 43.34 ? 171 ARG A CA  1 
ATOM   25   C C   . ARG A 1 29  ? 24.434  7.539   7.204   1.00 42.38 ? 171 ARG A C   1 
ATOM   26   O O   . ARG A 1 29  ? 23.241  7.399   6.946   1.00 41.63 ? 171 ARG A O   1 
ATOM   27   C CB  . ARG A 1 29  ? 25.775  9.597   6.762   1.00 44.63 ? 171 ARG A CB  1 
ATOM   28   C CG  . ARG A 1 29  ? 24.944  10.152  5.611   1.00 46.23 ? 171 ARG A CG  1 
ATOM   29   C CD  . ARG A 1 29  ? 25.820  10.697  4.480   1.00 47.39 ? 171 ARG A CD  1 
ATOM   30   N NE  . ARG A 1 29  ? 25.017  11.248  3.381   1.00 48.76 ? 171 ARG A NE  1 
ATOM   31   C CZ  . ARG A 1 29  ? 25.502  11.636  2.192   1.00 49.65 ? 171 ARG A CZ  1 
ATOM   32   N NH1 . ARG A 1 29  ? 26.805  11.553  1.919   1.00 50.07 ? 171 ARG A NH1 1 
ATOM   33   N NH2 . ARG A 1 29  ? 24.673  12.119  1.265   1.00 49.83 ? 171 ARG A NH2 1 
ATOM   34   N N   . GLU A 1 30  ? 25.335  6.588   6.985   1.00 41.51 ? 172 GLU A N   1 
ATOM   35   C CA  . GLU A 1 30  ? 24.967  5.309   6.391   1.00 40.57 ? 172 GLU A CA  1 
ATOM   36   C C   . GLU A 1 30  ? 23.945  4.549   7.252   1.00 39.15 ? 172 GLU A C   1 
ATOM   37   O O   . GLU A 1 30  ? 23.157  3.781   6.716   1.00 39.20 ? 172 GLU A O   1 
ATOM   38   C CB  . GLU A 1 30  ? 26.219  4.456   6.140   1.00 41.62 ? 172 GLU A CB  1 
ATOM   39   C CG  . GLU A 1 30  ? 25.957  3.069   5.497   1.00 42.95 ? 172 GLU A CG  1 
ATOM   40   C CD  . GLU A 1 30  ? 25.255  3.127   4.122   1.00 43.83 ? 172 GLU A CD  1 
ATOM   41   O OE1 . GLU A 1 30  ? 25.569  4.037   3.294   1.00 44.11 ? 172 GLU A OE1 1 
ATOM   42   O OE2 . GLU A 1 30  ? 24.403  2.236   3.869   1.00 43.78 ? 172 GLU A OE2 1 
ATOM   43   N N   . ILE A 1 31  ? 23.958  4.762   8.577   1.00 37.08 ? 173 ILE A N   1 
ATOM   44   C CA  . ILE A 1 31  ? 22.920  4.208   9.460   1.00 35.39 ? 173 ILE A CA  1 
ATOM   45   C C   . ILE A 1 31  ? 21.559  4.809   9.136   1.00 35.82 ? 173 ILE A C   1 
ATOM   46   O O   . ILE A 1 31  ? 20.545  4.121   9.223   1.00 35.94 ? 173 ILE A O   1 
ATOM   47   C CB  . ILE A 1 31  ? 23.212  4.450   10.973  1.00 34.23 ? 173 ILE A CB  1 
ATOM   48   C CG1 . ILE A 1 31  ? 24.348  3.555   11.464  1.00 33.48 ? 173 ILE A CG1 1 
ATOM   49   C CG2 . ILE A 1 31  ? 21.952  4.189   11.823  1.00 32.65 ? 173 ILE A CG2 1 
ATOM   50   C CD1 . ILE A 1 31  ? 24.699  3.772   12.909  1.00 32.54 ? 173 ILE A CD1 1 
ATOM   51   N N   . ARG A 1 32  ? 21.527  6.092   8.782   1.00 36.34 ? 174 ARG A N   1 
ATOM   52   C CA  . ARG A 1 32  ? 20.257  6.731   8.399   1.00 37.55 ? 174 ARG A CA  1 
ATOM   53   C C   . ARG A 1 32  ? 19.727  6.169   7.084   1.00 37.12 ? 174 ARG A C   1 
ATOM   54   O O   . ARG A 1 32  ? 18.507  6.004   6.919   1.00 36.15 ? 174 ARG A O   1 
ATOM   55   C CB  . ARG A 1 32  ? 20.409  8.236   8.260   1.00 38.61 ? 174 ARG A CB  1 
ATOM   56   C CG  . ARG A 1 32  ? 20.663  8.966   9.541   1.00 39.42 ? 174 ARG A CG  1 
ATOM   57   C CD  . ARG A 1 32  ? 21.062  10.383  9.214   1.00 40.75 ? 174 ARG A CD  1 
ATOM   58   N NE  . ARG A 1 32  ? 21.531  11.094  10.394  1.00 42.21 ? 174 ARG A NE  1 
ATOM   59   C CZ  . ARG A 1 32  ? 22.627  11.858  10.454  1.00 43.16 ? 174 ARG A CZ  1 
ATOM   60   N NH1 . ARG A 1 32  ? 23.429  12.024  9.390   1.00 43.09 ? 174 ARG A NH1 1 
ATOM   61   N NH2 . ARG A 1 32  ? 22.936  12.452  11.608  1.00 44.01 ? 174 ARG A NH2 1 
ATOM   62   N N   . ARG A 1 33  ? 20.644  5.897   6.149   1.00 36.61 ? 175 ARG A N   1 
ATOM   63   C CA  . ARG A 1 33  ? 20.285  5.310   4.869   1.00 36.71 ? 175 ARG A CA  1 
ATOM   64   C C   . ARG A 1 33  ? 19.588  3.993   5.076   1.00 37.43 ? 175 ARG A C   1 
ATOM   65   O O   . ARG A 1 33  ? 18.551  3.744   4.486   1.00 38.89 ? 175 ARG A O   1 
ATOM   66   C CB  . ARG A 1 33  ? 21.510  5.089   4.020   1.00 37.14 ? 175 ARG A CB  1 
ATOM   67   C CG  . ARG A 1 33  ? 21.191  4.625   2.634   1.00 38.08 ? 175 ARG A CG  1 
ATOM   68   C CD  . ARG A 1 33  ? 22.453  4.504   1.806   1.00 39.47 ? 175 ARG A CD  1 
ATOM   69   N NE  . ARG A 1 33  ? 22.679  3.146   1.311   1.00 40.51 ? 175 ARG A NE  1 
ATOM   70   C CZ  . ARG A 1 33  ? 22.121  2.633   0.209   1.00 41.68 ? 175 ARG A CZ  1 
ATOM   71   N NH1 . ARG A 1 33  ? 21.266  3.348   -0.558  1.00 41.51 ? 175 ARG A NH1 1 
ATOM   72   N NH2 . ARG A 1 33  ? 22.408  1.388   -0.131  1.00 42.31 ? 175 ARG A NH2 1 
ATOM   73   N N   . GLN A 1 34  ? 20.156  3.145   5.925   1.00 37.78 ? 176 GLN A N   1 
ATOM   74   C CA  . GLN A 1 34  ? 19.542  1.857   6.235   1.00 38.03 ? 176 GLN A CA  1 
ATOM   75   C C   . GLN A 1 34  ? 18.226  2.028   7.009   1.00 38.68 ? 176 GLN A C   1 
ATOM   76   O O   . GLN A 1 34  ? 17.233  1.381   6.680   1.00 39.33 ? 176 GLN A O   1 
ATOM   77   C CB  . GLN A 1 34  ? 20.516  0.964   7.012   1.00 37.87 ? 176 GLN A CB  1 
ATOM   78   C CG  . GLN A 1 34  ? 21.762  0.569   6.230   1.00 37.52 ? 176 GLN A CG  1 
ATOM   79   C CD  . GLN A 1 34  ? 21.435  -0.206  4.983   1.00 37.83 ? 176 GLN A CD  1 
ATOM   80   O OE1 . GLN A 1 34  ? 20.618  -1.131  5.012   1.00 39.20 ? 176 GLN A OE1 1 
ATOM   81   N NE2 . GLN A 1 34  ? 22.062  0.166   3.866   1.00 37.46 ? 176 GLN A NE2 1 
ATOM   82   N N   . GLU A 1 35  ? 18.215  2.902   8.017   1.00 39.45 ? 177 GLU A N   1 
ATOM   83   C CA  . GLU A 1 35  ? 16.968  3.228   8.748   1.00 40.68 ? 177 GLU A CA  1 
ATOM   84   C C   . GLU A 1 35  ? 15.860  3.689   7.782   1.00 38.33 ? 177 GLU A C   1 
ATOM   85   O O   . GLU A 1 35  ? 14.693  3.360   7.977   1.00 38.38 ? 177 GLU A O   1 
ATOM   86   C CB  . GLU A 1 35  ? 17.212  4.317   9.819   1.00 43.27 ? 177 GLU A CB  1 
ATOM   87   C CG  . GLU A 1 35  ? 17.761  3.811   11.178  1.00 45.60 ? 177 GLU A CG  1 
ATOM   88   C CD  . GLU A 1 35  ? 18.326  4.959   12.089  1.00 48.50 ? 177 GLU A CD  1 
ATOM   89   O OE1 . GLU A 1 35  ? 18.426  6.133   11.623  1.00 49.82 ? 177 GLU A OE1 1 
ATOM   90   O OE2 . GLU A 1 35  ? 18.674  4.680   13.276  1.00 50.35 ? 177 GLU A OE2 1 
ATOM   91   N N   . ALA A 1 36  ? 16.242  4.443   6.746   1.00 35.85 ? 178 ALA A N   1 
ATOM   92   C CA  . ALA A 1 36  ? 15.295  4.917   5.719   1.00 33.91 ? 178 ALA A CA  1 
ATOM   93   C C   . ALA A 1 36  ? 14.745  3.768   4.893   1.00 33.09 ? 178 ALA A C   1 
ATOM   94   O O   . ALA A 1 36  ? 13.563  3.735   4.603   1.00 32.85 ? 178 ALA A O   1 
ATOM   95   C CB  . ALA A 1 36  ? 15.958  5.934   4.811   1.00 32.44 ? 178 ALA A CB  1 
ATOM   96   N N   . ILE A 1 37  ? 15.614  2.831   4.513   1.00 32.73 ? 179 ILE A N   1 
ATOM   97   C CA  . ILE A 1 37  ? 15.193  1.625   3.796   1.00 32.46 ? 179 ILE A CA  1 
ATOM   98   C C   . ILE A 1 37  ? 14.270  0.776   4.659   1.00 33.79 ? 179 ILE A C   1 
ATOM   99   O O   . ILE A 1 37  ? 13.283  0.283   4.175   1.00 34.19 ? 179 ILE A O   1 
ATOM   100  C CB  . ILE A 1 37  ? 16.413  0.773   3.331   1.00 31.81 ? 179 ILE A CB  1 
ATOM   101  C CG1 . ILE A 1 37  ? 17.191  1.510   2.247   1.00 30.87 ? 179 ILE A CG1 1 
ATOM   102  C CG2 . ILE A 1 37  ? 15.976  -0.577  2.790   1.00 30.18 ? 179 ILE A CG2 1 
ATOM   103  C CD1 . ILE A 1 37  ? 18.481  0.822   1.833   1.00 31.38 ? 179 ILE A CD1 1 
ATOM   104  N N   . TYR A 1 38  ? 14.592  0.620   5.941   1.00 36.87 ? 180 TYR A N   1 
ATOM   105  C CA  . TYR A 1 38  ? 13.732  -0.156  6.877   1.00 39.55 ? 180 TYR A CA  1 
ATOM   106  C C   . TYR A 1 38  ? 12.375  0.470   7.097   1.00 40.34 ? 180 TYR A C   1 
ATOM   107  O O   . TYR A 1 38  ? 11.371  -0.223  7.143   1.00 40.44 ? 180 TYR A O   1 
ATOM   108  C CB  . TYR A 1 38  ? 14.409  -0.351  8.231   1.00 40.79 ? 180 TYR A CB  1 
ATOM   109  C CG  . TYR A 1 38  ? 15.189  -1.617  8.291   1.00 43.81 ? 180 TYR A CG  1 
ATOM   110  C CD1 . TYR A 1 38  ? 16.404  -1.762  7.567   1.00 45.60 ? 180 TYR A CD1 1 
ATOM   111  C CD2 . TYR A 1 38  ? 14.726  -2.703  9.045   1.00 45.83 ? 180 TYR A CD2 1 
ATOM   112  C CE1 . TYR A 1 38  ? 17.151  -2.976  7.605   1.00 46.57 ? 180 TYR A CE1 1 
ATOM   113  C CE2 . TYR A 1 38  ? 15.455  -3.931  9.105   1.00 47.08 ? 180 TYR A CE2 1 
ATOM   114  C CZ  . TYR A 1 38  ? 16.668  -4.067  8.386   1.00 47.73 ? 180 TYR A CZ  1 
ATOM   115  O OH  . TYR A 1 38  ? 17.361  -5.278  8.463   1.00 48.07 ? 180 TYR A OH  1 
ATOM   116  N N   . GLU A 1 39  ? 12.357  1.784   7.250   1.00 42.62 ? 181 GLU A N   1 
ATOM   117  C CA  . GLU A 1 39  ? 11.110  2.527   7.437   1.00 44.31 ? 181 GLU A CA  1 
ATOM   118  C C   . GLU A 1 39  ? 10.163  2.241   6.282   1.00 43.75 ? 181 GLU A C   1 
ATOM   119  O O   . GLU A 1 39  ? 8.969   2.048   6.471   1.00 43.66 ? 181 GLU A O   1 
ATOM   120  C CB  . GLU A 1 39  ? 11.403  4.035   7.544   1.00 46.01 ? 181 GLU A CB  1 
ATOM   121  C CG  . GLU A 1 39  ? 10.163  4.945   7.700   1.00 48.30 ? 181 GLU A CG  1 
ATOM   122  C CD  . GLU A 1 39  ? 9.265   4.555   8.886   1.00 50.04 ? 181 GLU A CD  1 
ATOM   123  O OE1 . GLU A 1 39  ? 8.023   4.437   8.677   1.00 50.99 ? 181 GLU A OE1 1 
ATOM   124  O OE2 . GLU A 1 39  ? 9.799   4.361   10.020  1.00 50.90 ? 181 GLU A OE2 1 
ATOM   125  N N   . MET A 1 40  ? 10.713  2.185   5.086   1.00 43.58 ? 182 MET A N   1 
ATOM   126  C CA  . MET A 1 40  ? 9.915   1.912   3.927   1.00 44.54 ? 182 MET A CA  1 
ATOM   127  C C   . MET A 1 40  ? 9.310   0.513   3.924   1.00 43.17 ? 182 MET A C   1 
ATOM   128  O O   . MET A 1 40  ? 8.145   0.365   3.614   1.00 41.80 ? 182 MET A O   1 
ATOM   129  C CB  . MET A 1 40  ? 10.741  2.085   2.683   1.00 46.45 ? 182 MET A CB  1 
ATOM   130  C CG  . MET A 1 40  ? 10.045  1.587   1.452   1.00 48.49 ? 182 MET A CG  1 
ATOM   131  S SD  . MET A 1 40  ? 11.110  1.784   0.055   1.00 51.07 ? 182 MET A SD  1 
ATOM   132  C CE  . MET A 1 40  ? 12.316  0.473   0.367   1.00 51.02 ? 182 MET A CE  1 
ATOM   133  N N   . SER A 1 41  ? 10.105  -0.508  4.222   1.00 42.40 ? 183 SER A N   1 
ATOM   134  C CA  . SER A 1 41  ? 9.594   -1.874  4.163   1.00 43.68 ? 183 SER A CA  1 
ATOM   135  C C   . SER A 1 41  ? 8.602   -2.157  5.285   1.00 43.22 ? 183 SER A C   1 
ATOM   136  O O   . SER A 1 41  ? 7.648   -2.915  5.089   1.00 42.26 ? 183 SER A O   1 
ATOM   137  C CB  . SER A 1 41  ? 10.722  -2.900  4.165   1.00 44.35 ? 183 SER A CB  1 
ATOM   138  O OG  . SER A 1 41  ? 11.716  -2.519  5.067   1.00 45.55 ? 183 SER A OG  1 
ATOM   139  N N   . ARG A 1 42  ? 8.802   -1.541  6.449   1.00 43.74 ? 184 ARG A N   1 
ATOM   140  C CA  . ARG A 1 42  ? 7.807   -1.646  7.535   1.00 44.87 ? 184 ARG A CA  1 
ATOM   141  C C   . ARG A 1 42  ? 6.466   -1.057  7.104   1.00 43.59 ? 184 ARG A C   1 
ATOM   142  O O   . ARG A 1 42  ? 5.406   -1.561  7.483   1.00 43.13 ? 184 ARG A O   1 
ATOM   143  C CB  . ARG A 1 42  ? 8.282   -0.964  8.816   1.00 46.96 ? 184 ARG A CB  1 
ATOM   144  C CG  . ARG A 1 42  ? 9.033   -1.892  9.772   1.00 50.09 ? 184 ARG A CG  1 
ATOM   145  C CD  . ARG A 1 42  ? 9.148   -1.264  11.180  1.00 52.80 ? 184 ARG A CD  1 
ATOM   146  N NE  . ARG A 1 42  ? 9.506   0.172   11.123  1.00 55.07 ? 184 ARG A NE  1 
ATOM   147  C CZ  . ARG A 1 42  ? 10.749  0.677   11.199  1.00 56.12 ? 184 ARG A CZ  1 
ATOM   148  N NH1 . ARG A 1 42  ? 11.823  -0.121  11.350  1.00 56.25 ? 184 ARG A NH1 1 
ATOM   149  N NH2 . ARG A 1 42  ? 10.922  2.001   11.121  1.00 56.21 ? 184 ARG A NH2 1 
ATOM   150  N N   . GLY A 1 43  ? 6.518   0.003   6.307   1.00 41.52 ? 185 GLY A N   1 
ATOM   151  C CA  . GLY A 1 43  ? 5.319   0.571   5.729   1.00 40.65 ? 185 GLY A CA  1 
ATOM   152  C C   . GLY A 1 43  ? 4.595   -0.404  4.829   1.00 40.54 ? 185 GLY A C   1 
ATOM   153  O O   . GLY A 1 43  ? 3.380   -0.447  4.827   1.00 40.56 ? 185 GLY A O   1 
ATOM   154  N N   . GLU A 1 44  ? 5.346   -1.185  4.063   1.00 41.75 ? 186 GLU A N   1 
ATOM   155  C CA  . GLU A 1 44  ? 4.767   -2.190  3.180   1.00 42.94 ? 186 GLU A CA  1 
ATOM   156  C C   . GLU A 1 44  ? 4.166   -3.318  3.981   1.00 43.08 ? 186 GLU A C   1 
ATOM   157  O O   . GLU A 1 44  ? 3.097   -3.800  3.636   1.00 43.69 ? 186 GLU A O   1 
ATOM   158  C CB  . GLU A 1 44  ? 5.817   -2.777  2.225   1.00 44.32 ? 186 GLU A CB  1 
ATOM   159  C CG  . GLU A 1 44  ? 6.380   -1.800  1.235   1.00 45.68 ? 186 GLU A CG  1 
ATOM   160  C CD  . GLU A 1 44  ? 5.351   -1.317  0.213   1.00 46.76 ? 186 GLU A CD  1 
ATOM   161  O OE1 . GLU A 1 44  ? 4.609   -2.161  -0.343  1.00 46.65 ? 186 GLU A OE1 1 
ATOM   162  O OE2 . GLU A 1 44  ? 5.306   -0.088  -0.044  1.00 47.35 ? 186 GLU A OE2 1 
ATOM   163  N N   . GLN A 1 45  ? 4.851   -3.768  5.034   1.00 42.55 ? 187 GLN A N   1 
ATOM   164  C CA  . GLN A 1 45  ? 4.287   -4.819  5.872   1.00 43.01 ? 187 GLN A CA  1 
ATOM   165  C C   . GLN A 1 45  ? 2.940   -4.367  6.394   1.00 41.22 ? 187 GLN A C   1 
ATOM   166  O O   . GLN A 1 45  ? 1.988   -5.124  6.380   1.00 39.71 ? 187 GLN A O   1 
ATOM   167  C CB  . GLN A 1 45  ? 5.185   -5.156  7.044   1.00 45.30 ? 187 GLN A CB  1 
ATOM   168  C CG  . GLN A 1 45  ? 6.478   -5.825  6.666   1.00 48.11 ? 187 GLN A CG  1 
ATOM   169  C CD  . GLN A 1 45  ? 7.457   -5.899  7.838   1.00 49.82 ? 187 GLN A CD  1 
ATOM   170  O OE1 . GLN A 1 45  ? 8.602   -5.399  7.762   1.00 50.51 ? 187 GLN A OE1 1 
ATOM   171  N NE2 . GLN A 1 45  ? 7.005   -6.506  8.941   1.00 50.73 ? 187 GLN A NE2 1 
ATOM   172  N N   . ASP A 1 46  ? 2.867   -3.115  6.828   1.00 41.05 ? 188 ASP A N   1 
ATOM   173  C CA  . ASP A 1 46  ? 1.626   -2.556  7.374   1.00 41.71 ? 188 ASP A CA  1 
ATOM   174  C C   . ASP A 1 46  ? 0.510   -2.433  6.361   1.00 39.66 ? 188 ASP A C   1 
ATOM   175  O O   . ASP A 1 46  ? -0.631  -2.757  6.665   1.00 41.57 ? 188 ASP A O   1 
ATOM   176  C CB  . ASP A 1 46  ? 1.882   -1.202  8.011   1.00 43.92 ? 188 ASP A CB  1 
ATOM   177  C CG  . ASP A 1 46  ? 2.775   -1.296  9.248   1.00 47.17 ? 188 ASP A CG  1 
ATOM   178  O OD1 . ASP A 1 46  ? 3.126   -0.211  9.809   1.00 48.86 ? 188 ASP A OD1 1 
ATOM   179  O OD2 . ASP A 1 46  ? 3.135   -2.454  9.659   1.00 49.08 ? 188 ASP A OD2 1 
ATOM   180  N N   . LEU A 1 47  ? 0.824   -1.981  5.163   1.00 37.08 ? 189 LEU A N   1 
ATOM   181  C CA  . LEU A 1 47  ? -0.185  -1.903  4.127   1.00 35.96 ? 189 LEU A CA  1 
ATOM   182  C C   . LEU A 1 47  ? -0.704  -3.294  3.846   1.00 35.88 ? 189 LEU A C   1 
ATOM   183  O O   . LEU A 1 47  ? -1.910  -3.495  3.765   1.00 37.38 ? 189 LEU A O   1 
ATOM   184  C CB  . LEU A 1 47  ? 0.373   -1.282  2.844   1.00 35.38 ? 189 LEU A CB  1 
ATOM   185  C CG  . LEU A 1 47  ? -0.615  -1.183  1.677   1.00 35.35 ? 189 LEU A CG  1 
ATOM   186  C CD1 . LEU A 1 47  ? -1.890  -0.424  2.066   1.00 34.15 ? 189 LEU A CD1 1 
ATOM   187  C CD2 . LEU A 1 47  ? 0.065   -0.548  0.484   1.00 35.41 ? 189 LEU A CD2 1 
ATOM   188  N N   . ILE A 1 48  ? 0.204   -4.256  3.708   1.00 34.56 ? 190 ILE A N   1 
ATOM   189  C CA  . ILE A 1 48  ? -0.189  -5.624  3.399   1.00 34.02 ? 190 ILE A CA  1 
ATOM   190  C C   . ILE A 1 48  ? -1.097  -6.189  4.501   1.00 34.42 ? 190 ILE A C   1 
ATOM   191  O O   . ILE A 1 48  ? -2.111  -6.823  4.203   1.00 34.57 ? 190 ILE A O   1 
ATOM   192  C CB  . ILE A 1 48  ? 1.029   -6.549  3.210   1.00 33.34 ? 190 ILE A CB  1 
ATOM   193  C CG1 . ILE A 1 48  ? 1.781   -6.183  1.928   1.00 33.45 ? 190 ILE A CG1 1 
ATOM   194  C CG2 . ILE A 1 48  ? 0.594   -7.992  3.142   1.00 31.97 ? 190 ILE A CG2 1 
ATOM   195  C CD1 . ILE A 1 48  ? 3.196   -6.779  1.861   1.00 32.86 ? 190 ILE A CD1 1 
ATOM   196  N N   . GLU A 1 49  ? -0.750  -5.949  5.766   1.00 34.63 ? 191 GLU A N   1 
ATOM   197  C CA  . GLU A 1 49  ? -1.576  -6.453  6.875   1.00 34.59 ? 191 GLU A CA  1 
ATOM   198  C C   . GLU A 1 49  ? -3.029  -5.927  6.702   1.00 35.30 ? 191 GLU A C   1 
ATOM   199  O O   . GLU A 1 49  ? -3.991  -6.716  6.805   1.00 36.63 ? 191 GLU A O   1 
ATOM   200  C CB  . GLU A 1 49  ? -0.981  -6.096  8.251   1.00 32.97 ? 191 GLU A CB  1 
ATOM   201  N N   . ASP A 1 50  ? -3.167  -4.629  6.366   1.00 34.35 ? 192 ASP A N   1 
ATOM   202  C CA  . ASP A 1 50  ? -4.500  -3.966  6.174   1.00 33.25 ? 192 ASP A CA  1 
ATOM   203  C C   . ASP A 1 50  ? -5.243  -4.391  4.897   1.00 32.92 ? 192 ASP A C   1 
ATOM   204  O O   . ASP A 1 50  ? -6.466  -4.484  4.888   1.00 32.87 ? 192 ASP A O   1 
ATOM   205  C CB  . ASP A 1 50  ? -4.352  -2.435  6.195   1.00 31.83 ? 192 ASP A CB  1 
ATOM   206  N N   . LEU A 1 51  ? -4.512  -4.645  3.820   1.00 33.33 ? 193 LEU A N   1 
ATOM   207  C CA  . LEU A 1 51  ? -5.133  -5.154  2.601   1.00 32.80 ? 193 LEU A CA  1 
ATOM   208  C C   . LEU A 1 51  ? -5.626  -6.584  2.799   1.00 32.81 ? 193 LEU A C   1 
ATOM   209  O O   . LEU A 1 51  ? -6.687  -6.951  2.299   1.00 33.70 ? 193 LEU A O   1 
ATOM   210  C CB  . LEU A 1 51  ? -4.165  -5.111  1.421   1.00 32.82 ? 193 LEU A CB  1 
ATOM   211  C CG  . LEU A 1 51  ? -3.657  -3.757  0.922   1.00 32.98 ? 193 LEU A CG  1 
ATOM   212  C CD1 . LEU A 1 51  ? -2.749  -4.013  -0.267  1.00 32.32 ? 193 LEU A CD1 1 
ATOM   213  C CD2 . LEU A 1 51  ? -4.780  -2.795  0.547   1.00 31.79 ? 193 LEU A CD2 1 
ATOM   214  N N   . LYS A 1 52  ? -4.857  -7.398  3.515   1.00 32.42 ? 194 LYS A N   1 
ATOM   215  C CA  . LYS A 1 52  ? -5.298  -8.766  3.816   1.00 32.81 ? 194 LYS A CA  1 
ATOM   216  C C   . LYS A 1 52  ? -6.491  -8.760  4.756   1.00 31.59 ? 194 LYS A C   1 
ATOM   217  O O   . LYS A 1 52  ? -7.443  -9.463  4.542   1.00 30.42 ? 194 LYS A O   1 
ATOM   218  C CB  . LYS A 1 52  ? -4.175  -9.572  4.424   1.00 34.01 ? 194 LYS A CB  1 
ATOM   219  C CG  . LYS A 1 52  ? -3.105  -9.972  3.423   1.00 35.12 ? 194 LYS A CG  1 
ATOM   220  C CD  . LYS A 1 52  ? -2.212  -11.032 4.007   1.00 36.22 ? 194 LYS A CD  1 
ATOM   221  C CE  . LYS A 1 52  ? -1.157  -11.470 3.023   1.00 38.27 ? 194 LYS A CE  1 
ATOM   222  N NZ  . LYS A 1 52  ? -0.115  -12.334 3.685   1.00 39.75 ? 194 LYS A NZ  1 
ATOM   223  N N   . LEU A 1 53  ? -6.428  -7.947  5.795   1.00 31.61 ? 195 LEU A N   1 
ATOM   224  C CA  . LEU A 1 53  ? -7.540  -7.814  6.724   1.00 31.33 ? 195 LEU A CA  1 
ATOM   225  C C   . LEU A 1 53  ? -8.818  -7.382  6.001   1.00 32.69 ? 195 LEU A C   1 
ATOM   226  O O   . LEU A 1 53  ? -9.902  -7.923  6.265   1.00 33.25 ? 195 LEU A O   1 
ATOM   227  C CB  . LEU A 1 53  ? -7.197  -6.819  7.839   1.00 30.03 ? 195 LEU A CB  1 
ATOM   228  C CG  . LEU A 1 53  ? -8.326  -6.556  8.833   1.00 29.24 ? 195 LEU A CG  1 
ATOM   229  C CD1 . LEU A 1 53  ? -8.722  -7.862  9.459   1.00 27.77 ? 195 LEU A CD1 1 
ATOM   230  C CD2 . LEU A 1 53  ? -7.926  -5.510  9.885   1.00 27.94 ? 195 LEU A CD2 1 
ATOM   231  N N   . ALA A 1 54  ? -8.693  -6.416  5.089   1.00 33.53 ? 196 ALA A N   1 
ATOM   232  C CA  . ALA A 1 54  ? -9.848  -5.953  4.301   1.00 33.84 ? 196 ALA A CA  1 
ATOM   233  C C   . ALA A 1 54  ? -10.415 -7.084  3.446   1.00 34.29 ? 196 ALA A C   1 
ATOM   234  O O   . ALA A 1 54  ? -11.617 -7.193  3.272   1.00 35.42 ? 196 ALA A O   1 
ATOM   235  C CB  . ALA A 1 54  ? -9.466  -4.779  3.435   1.00 33.29 ? 196 ALA A CB  1 
ATOM   236  N N   . ARG A 1 55  ? -9.545  -7.936  2.928   1.00 35.25 ? 197 ARG A N   1 
ATOM   237  C CA  . ARG A 1 55  ? -9.986  -9.071  2.124   1.00 36.32 ? 197 ARG A CA  1 
ATOM   238  C C   . ARG A 1 55  ? -10.650 -10.176 2.967   1.00 36.35 ? 197 ARG A C   1 
ATOM   239  O O   . ARG A 1 55  ? -11.613 -10.790 2.533   1.00 35.90 ? 197 ARG A O   1 
ATOM   240  C CB  . ARG A 1 55  ? -8.808  -9.651  1.360   1.00 37.34 ? 197 ARG A CB  1 
ATOM   241  C CG  . ARG A 1 55  ? -9.210  -10.676 0.300   1.00 38.89 ? 197 ARG A CG  1 
ATOM   242  C CD  . ARG A 1 55  ? -8.277  -11.862 0.301   1.00 40.31 ? 197 ARG A CD  1 
ATOM   243  N NE  . ARG A 1 55  ? -7.299  -11.822 -0.780  1.00 41.30 ? 197 ARG A NE  1 
ATOM   244  C CZ  . ARG A 1 55  ? -6.018  -12.180 -0.664  1.00 43.04 ? 197 ARG A CZ  1 
ATOM   245  N NH1 . ARG A 1 55  ? -5.504  -12.574 0.506   1.00 43.42 ? 197 ARG A NH1 1 
ATOM   246  N NH2 . ARG A 1 55  ? -5.231  -12.124 -1.729  1.00 44.41 ? 197 ARG A NH2 1 
ATOM   247  N N   . LYS A 1 56  ? -10.135 -10.405 4.174   1.00 37.25 ? 198 LYS A N   1 
ATOM   248  C CA  . LYS A 1 56  ? -10.587 -11.518 5.014   1.00 37.52 ? 198 LYS A CA  1 
ATOM   249  C C   . LYS A 1 56  ? -11.772 -11.182 5.906   1.00 37.32 ? 198 LYS A C   1 
ATOM   250  O O   . LYS A 1 56  ? -12.722 -11.960 6.002   1.00 36.11 ? 198 LYS A O   1 
ATOM   251  C CB  . LYS A 1 56  ? -9.457  -12.000 5.903   1.00 38.80 ? 198 LYS A CB  1 
ATOM   252  C CG  . LYS A 1 56  ? -9.721  -13.383 6.458   1.00 40.90 ? 198 LYS A CG  1 
ATOM   253  C CD  . LYS A 1 56  ? -8.804  -13.738 7.589   1.00 42.66 ? 198 LYS A CD  1 
ATOM   254  C CE  . LYS A 1 56  ? -9.054  -15.168 8.047   1.00 44.21 ? 198 LYS A CE  1 
ATOM   255  N NZ  . LYS A 1 56  ? -8.196  -15.488 9.223   1.00 46.68 ? 198 LYS A NZ  1 
ATOM   256  N N   . ALA A 1 57  ? -11.697 -10.040 6.581   1.00 37.18 ? 199 ALA A N   1 
ATOM   257  C CA  . ALA A 1 57  ? -12.695 -9.684  7.571   1.00 36.89 ? 199 ALA A CA  1 
ATOM   258  C C   . ALA A 1 57  ? -13.898 -8.934  6.970   1.00 37.09 ? 199 ALA A C   1 
ATOM   259  O O   . ALA A 1 57  ? -14.973 -8.910  7.574   1.00 37.55 ? 199 ALA A O   1 
ATOM   260  C CB  . ALA A 1 57  ? -12.051 -8.866  8.688   1.00 36.04 ? 199 ALA A CB  1 
ATOM   261  N N   . TYR A 1 58  ? -13.728 -8.339  5.788   1.00 37.18 ? 200 TYR A N   1 
ATOM   262  C CA  . TYR A 1 58  ? -14.745 -7.439  5.231   1.00 36.74 ? 200 TYR A CA  1 
ATOM   263  C C   . TYR A 1 58  ? -15.279 -7.905  3.886   1.00 36.40 ? 200 TYR A C   1 
ATOM   264  O O   . TYR A 1 58  ? -16.449 -8.294  3.779   1.00 36.74 ? 200 TYR A O   1 
ATOM   265  C CB  . TYR A 1 58  ? -14.178 -6.022  5.116   1.00 37.02 ? 200 TYR A CB  1 
ATOM   266  C CG  . TYR A 1 58  ? -13.897 -5.386  6.465   1.00 38.49 ? 200 TYR A CG  1 
ATOM   267  C CD1 . TYR A 1 58  ? -12.699 -5.630  7.142   1.00 39.24 ? 200 TYR A CD1 1 
ATOM   268  C CD2 . TYR A 1 58  ? -14.833 -4.545  7.074   1.00 38.81 ? 200 TYR A CD2 1 
ATOM   269  C CE1 . TYR A 1 58  ? -12.439 -5.050  8.398   1.00 39.34 ? 200 TYR A CE1 1 
ATOM   270  C CE2 . TYR A 1 58  ? -14.585 -3.960  8.323   1.00 39.32 ? 200 TYR A CE2 1 
ATOM   271  C CZ  . TYR A 1 58  ? -13.387 -4.216  8.980   1.00 40.06 ? 200 TYR A CZ  1 
ATOM   272  O OH  . TYR A 1 58  ? -13.143 -3.640  10.224  1.00 41.81 ? 200 TYR A OH  1 
ATOM   273  N N   . HIS A 1 59  ? -14.419 -7.868  2.873   1.00 35.84 ? 201 HIS A N   1 
ATOM   274  C CA  . HIS A 1 59  ? -14.811 -8.125  1.490   1.00 35.73 ? 201 HIS A CA  1 
ATOM   275  C C   . HIS A 1 59  ? -15.396 -9.507  1.319   1.00 36.38 ? 201 HIS A C   1 
ATOM   276  O O   . HIS A 1 59  ? -16.521 -9.654  0.853   1.00 37.06 ? 201 HIS A O   1 
ATOM   277  C CB  . HIS A 1 59  ? -13.592 -7.973  0.588   1.00 36.00 ? 201 HIS A CB  1 
ATOM   278  C CG  . HIS A 1 59  ? -13.874 -8.140  -0.876  1.00 36.08 ? 201 HIS A CG  1 
ATOM   279  N ND1 . HIS A 1 59  ? -14.268 -9.338  -1.429  1.00 36.23 ? 201 HIS A ND1 1 
ATOM   280  C CD2 . HIS A 1 59  ? -13.763 -7.269  -1.908  1.00 36.25 ? 201 HIS A CD2 1 
ATOM   281  C CE1 . HIS A 1 59  ? -14.417 -9.191  -2.734  1.00 36.65 ? 201 HIS A CE1 1 
ATOM   282  N NE2 . HIS A 1 59  ? -14.114 -7.944  -3.050  1.00 36.83 ? 201 HIS A NE2 1 
ATOM   283  N N   . ASP A 1 60  ? -14.631 -10.527 1.682   1.00 37.35 ? 202 ASP A N   1 
ATOM   284  C CA  . ASP A 1 60  ? -15.052 -11.908 1.415   1.00 38.48 ? 202 ASP A CA  1 
ATOM   285  C C   . ASP A 1 60  ? -16.344 -12.299 2.153   1.00 37.78 ? 202 ASP A C   1 
ATOM   286  O O   . ASP A 1 60  ? -17.246 -12.888 1.542   1.00 38.20 ? 202 ASP A O   1 
ATOM   287  C CB  . ASP A 1 60  ? -13.921 -12.909 1.713   1.00 39.47 ? 202 ASP A CB  1 
ATOM   288  C CG  . ASP A 1 60  ? -12.829 -12.924 0.625   1.00 41.29 ? 202 ASP A CG  1 
ATOM   289  O OD1 . ASP A 1 60  ? -11.827 -13.673 0.807   1.00 41.88 ? 202 ASP A OD1 1 
ATOM   290  O OD2 . ASP A 1 60  ? -12.958 -12.190 -0.399  1.00 41.74 ? 202 ASP A OD2 1 
ATOM   291  N N   . PRO A 1 61  ? -16.438 -11.981 3.457   1.00 36.80 ? 203 PRO A N   1 
ATOM   292  C CA  . PRO A 1 61  ? -17.649 -12.301 4.213   1.00 37.07 ? 203 PRO A CA  1 
ATOM   293  C C   . PRO A 1 61  ? -18.899 -11.580 3.703   1.00 37.38 ? 203 PRO A C   1 
ATOM   294  O O   . PRO A 1 61  ? -19.958 -12.186 3.597   1.00 37.43 ? 203 PRO A O   1 
ATOM   295  C CB  . PRO A 1 61  ? -17.314 -11.822 5.636   1.00 36.87 ? 203 PRO A CB  1 
ATOM   296  C CG  . PRO A 1 61  ? -15.860 -11.786 5.694   1.00 36.92 ? 203 PRO A CG  1 
ATOM   297  C CD  . PRO A 1 61  ? -15.388 -11.434 4.331   1.00 37.08 ? 203 PRO A CD  1 
ATOM   298  N N   . MET A 1 62  ? -18.783 -10.297 3.399   1.00 37.45 ? 204 MET A N   1 
ATOM   299  C CA  . MET A 1 62  ? -19.921 -9.562  2.886   1.00 38.50 ? 204 MET A CA  1 
ATOM   300  C C   . MET A 1 62  ? -20.365 -10.093 1.543   1.00 38.09 ? 204 MET A C   1 
ATOM   301  O O   . MET A 1 62  ? -21.557 -10.180 1.276   1.00 38.77 ? 204 MET A O   1 
ATOM   302  C CB  . MET A 1 62  ? -19.599 -8.100  2.780   1.00 39.63 ? 204 MET A CB  1 
ATOM   303  C CG  . MET A 1 62  ? -19.604 -7.446  4.093   1.00 40.66 ? 204 MET A CG  1 
ATOM   304  S SD  . MET A 1 62  ? -19.091 -5.778  3.888   1.00 42.64 ? 204 MET A SD  1 
ATOM   305  C CE  . MET A 1 62  ? -19.897 -4.999  5.280   1.00 42.13 ? 204 MET A CE  1 
ATOM   306  N N   . LEU A 1 63  ? -19.407 -10.453 0.702   1.00 37.97 ? 205 LEU A N   1 
ATOM   307  C CA  . LEU A 1 63  ? -19.717 -11.111 -0.557  1.00 37.62 ? 205 LEU A CA  1 
ATOM   308  C C   . LEU A 1 63  ? -20.400 -12.464 -0.320  1.00 37.46 ? 205 LEU A C   1 
ATOM   309  O O   . LEU A 1 63  ? -21.367 -12.788 -0.982  1.00 37.07 ? 205 LEU A O   1 
ATOM   310  C CB  . LEU A 1 63  ? -18.455 -11.293 -1.364  1.00 37.46 ? 205 LEU A CB  1 
ATOM   311  C CG  . LEU A 1 63  ? -18.686 -11.858 -2.754  1.00 37.54 ? 205 LEU A CG  1 
ATOM   312  C CD1 . LEU A 1 63  ? -17.592 -11.363 -3.673  1.00 37.75 ? 205 LEU A CD1 1 
ATOM   313  C CD2 . LEU A 1 63  ? -18.723 -13.385 -2.708  1.00 37.78 ? 205 LEU A CD2 1 
ATOM   314  N N   . LYS A 1 64  ? -19.889 -13.232 0.639   1.00 38.23 ? 206 LYS A N   1 
ATOM   315  C CA  . LYS A 1 64  ? -20.454 -14.543 0.991   1.00 38.27 ? 206 LYS A CA  1 
ATOM   316  C C   . LYS A 1 64  ? -21.871 -14.435 1.554   1.00 38.30 ? 206 LYS A C   1 
ATOM   317  O O   . LYS A 1 64  ? -22.747 -15.181 1.148   1.00 39.82 ? 206 LYS A O   1 
ATOM   318  C CB  . LYS A 1 64  ? -19.544 -15.261 2.003   1.00 38.70 ? 206 LYS A CB  1 
ATOM   319  C CG  . LYS A 1 64  ? -19.962 -16.701 2.358   1.00 39.02 ? 206 LYS A CG  1 
ATOM   320  C CD  . LYS A 1 64  ? -19.117 -17.278 3.506   1.00 38.72 ? 206 LYS A CD  1 
ATOM   321  N N   . LEU A 1 65  ? -22.098 -13.509 2.486   1.00 38.47 ? 207 LEU A N   1 
ATOM   322  C CA  . LEU A 1 65  ? -23.435 -13.340 3.118   1.00 38.00 ? 207 LEU A CA  1 
ATOM   323  C C   . LEU A 1 65  ? -24.422 -12.533 2.248   1.00 38.75 ? 207 LEU A C   1 
ATOM   324  O O   . LEU A 1 65  ? -25.593 -12.373 2.617   1.00 38.93 ? 207 LEU A O   1 
ATOM   325  C CB  . LEU A 1 65  ? -23.309 -12.670 4.498   1.00 37.33 ? 207 LEU A CB  1 
ATOM   326  C CG  . LEU A 1 65  ? -22.307 -13.288 5.485   1.00 37.14 ? 207 LEU A CG  1 
ATOM   327  C CD1 . LEU A 1 65  ? -22.134 -12.402 6.706   1.00 36.54 ? 207 LEU A CD1 1 
ATOM   328  C CD2 . LEU A 1 65  ? -22.723 -14.687 5.890   1.00 37.07 ? 207 LEU A CD2 1 
ATOM   329  N N   . SER A 1 66  ? -23.942 -12.019 1.108   1.00 39.51 ? 208 SER A N   1 
ATOM   330  C CA  . SER A 1 66  ? -24.760 -11.224 0.166   1.00 39.48 ? 208 SER A CA  1 
ATOM   331  C C   . SER A 1 66  ? -25.245 -9.898  0.763   1.00 38.86 ? 208 SER A C   1 
ATOM   332  O O   . SER A 1 66  ? -26.304 -9.401  0.420   1.00 38.45 ? 208 SER A O   1 
ATOM   333  C CB  . SER A 1 66  ? -25.923 -12.056 -0.369  1.00 39.82 ? 208 SER A CB  1 
ATOM   334  O OG  . SER A 1 66  ? -25.445 -13.321 -0.821  1.00 40.32 ? 208 SER A OG  1 
ATOM   335  N N   . ILE A 1 67  ? -24.435 -9.342  1.656   1.00 39.21 ? 209 ILE A N   1 
ATOM   336  C CA  . ILE A 1 67  ? -24.642 -8.003  2.192   1.00 39.51 ? 209 ILE A CA  1 
ATOM   337  C C   . ILE A 1 67  ? -24.296 -6.967  1.120   1.00 40.21 ? 209 ILE A C   1 
ATOM   338  O O   . ILE A 1 67  ? -24.859 -5.883  1.094   1.00 41.50 ? 209 ILE A O   1 
ATOM   339  C CB  . ILE A 1 67  ? -23.761 -7.766  3.449   1.00 38.87 ? 209 ILE A CB  1 
ATOM   340  C CG1 . ILE A 1 67  ? -24.204 -8.688  4.583   1.00 38.52 ? 209 ILE A CG1 1 
ATOM   341  C CG2 . ILE A 1 67  ? -23.838 -6.323  3.914   1.00 38.13 ? 209 ILE A CG2 1 
ATOM   342  C CD1 . ILE A 1 67  ? -23.191 -8.813  5.687   1.00 38.46 ? 209 ILE A CD1 1 
ATOM   343  N N   . MET A 1 68  ? -23.371 -7.315  0.237   1.00 40.85 ? 210 MET A N   1 
ATOM   344  C CA  . MET A 1 68  ? -23.001 -6.451  -0.867  1.00 41.61 ? 210 MET A CA  1 
ATOM   345  C C   . MET A 1 68  ? -22.633 -7.263  -2.105  1.00 41.36 ? 210 MET A C   1 
ATOM   346  O O   . MET A 1 68  ? -22.022 -8.325  -1.999  1.00 40.34 ? 210 MET A O   1 
ATOM   347  C CB  . MET A 1 68  ? -21.828 -5.565  -0.465  1.00 42.82 ? 210 MET A CB  1 
ATOM   348  C CG  . MET A 1 68  ? -22.221 -4.364  0.366   1.00 43.85 ? 210 MET A CG  1 
ATOM   349  S SD  . MET A 1 68  ? -20.866 -3.173  0.529   1.00 45.52 ? 210 MET A SD  1 
ATOM   350  C CE  . MET A 1 68  ? -20.008 -3.819  1.941   1.00 44.25 ? 210 MET A CE  1 
ATOM   351  N N   . SER A 1 69  ? -23.015 -6.747  -3.272  1.00 41.72 ? 211 SER A N   1 
ATOM   352  C CA  . SER A 1 69  ? -22.674 -7.362  -4.546  1.00 42.17 ? 211 SER A CA  1 
ATOM   353  C C   . SER A 1 69  ? -21.207 -7.088  -4.839  1.00 42.77 ? 211 SER A C   1 
ATOM   354  O O   . SER A 1 69  ? -20.611 -6.181  -4.253  1.00 42.92 ? 211 SER A O   1 
ATOM   355  C CB  . SER A 1 69  ? -23.558 -6.810  -5.677  1.00 42.21 ? 211 SER A CB  1 
ATOM   356  O OG  . SER A 1 69  ? -23.140 -5.515  -6.082  1.00 42.09 ? 211 SER A OG  1 
ATOM   357  N N   . GLU A 1 70  ? -20.630 -7.879  -5.741  1.00 43.66 ? 212 GLU A N   1 
ATOM   358  C CA  . GLU A 1 70  ? -19.216 -7.745  -6.108  1.00 44.38 ? 212 GLU A CA  1 
ATOM   359  C C   . GLU A 1 70  ? -18.934 -6.362  -6.735  1.00 43.27 ? 212 GLU A C   1 
ATOM   360  O O   . GLU A 1 70  ? -17.983 -5.682  -6.331  1.00 43.34 ? 212 GLU A O   1 
ATOM   361  C CB  . GLU A 1 70  ? -18.803 -8.890  -7.045  1.00 46.31 ? 212 GLU A CB  1 
ATOM   362  C CG  . GLU A 1 70  ? -17.361 -8.835  -7.578  1.00 49.11 ? 212 GLU A CG  1 
ATOM   363  C CD  . GLU A 1 70  ? -16.290 -9.075  -6.490  1.00 52.16 ? 212 GLU A CD  1 
ATOM   364  O OE1 . GLU A 1 70  ? -15.947 -8.120  -5.721  1.00 53.31 ? 212 GLU A OE1 1 
ATOM   365  O OE2 . GLU A 1 70  ? -15.772 -10.223 -6.428  1.00 54.39 ? 212 GLU A OE2 1 
ATOM   366  N N   . GLU A 1 71  ? -19.776 -5.951  -7.698  1.00 41.85 ? 213 GLU A N   1 
ATOM   367  C CA  . GLU A 1 71  ? -19.683 -4.618  -8.320  1.00 40.30 ? 213 GLU A CA  1 
ATOM   368  C C   . GLU A 1 71  ? -19.444 -3.561  -7.245  1.00 39.60 ? 213 GLU A C   1 
ATOM   369  O O   . GLU A 1 71  ? -18.514 -2.762  -7.344  1.00 38.72 ? 213 GLU A O   1 
ATOM   370  C CB  . GLU A 1 71  ? -20.962 -4.297  -9.107  1.00 38.98 ? 213 GLU A CB  1 
ATOM   371  N N   . GLU A 1 72  ? -20.279 -3.596  -6.203  1.00 38.88 ? 214 GLU A N   1 
ATOM   372  C CA  . GLU A 1 72  ? -20.174 -2.681  -5.060  1.00 38.34 ? 214 GLU A CA  1 
ATOM   373  C C   . GLU A 1 72  ? -18.864 -2.835  -4.313  1.00 37.69 ? 214 GLU A C   1 
ATOM   374  O O   . GLU A 1 72  ? -18.193 -1.841  -3.991  1.00 37.01 ? 214 GLU A O   1 
ATOM   375  C CB  . GLU A 1 72  ? -21.329 -2.931  -4.077  1.00 38.83 ? 214 GLU A CB  1 
ATOM   376  C CG  . GLU A 1 72  ? -22.710 -2.534  -4.609  1.00 39.31 ? 214 GLU A CG  1 
ATOM   377  C CD  . GLU A 1 72  ? -23.880 -3.031  -3.747  1.00 39.68 ? 214 GLU A CD  1 
ATOM   378  O OE1 . GLU A 1 72  ? -23.768 -4.112  -3.128  1.00 40.23 ? 214 GLU A OE1 1 
ATOM   379  O OE2 . GLU A 1 72  ? -24.926 -2.342  -3.713  1.00 39.92 ? 214 GLU A OE2 1 
ATOM   380  N N   . LEU A 1 73  ? -18.510 -4.086  -4.022  1.00 37.27 ? 215 LEU A N   1 
ATOM   381  C CA  . LEU A 1 73  ? -17.355 -4.378  -3.186  1.00 37.01 ? 215 LEU A CA  1 
ATOM   382  C C   . LEU A 1 73  ? -16.061 -4.008  -3.886  1.00 38.74 ? 215 LEU A C   1 
ATOM   383  O O   . LEU A 1 73  ? -15.104 -3.611  -3.228  1.00 40.52 ? 215 LEU A O   1 
ATOM   384  C CB  . LEU A 1 73  ? -17.348 -5.850  -2.737  1.00 36.10 ? 215 LEU A CB  1 
ATOM   385  C CG  . LEU A 1 73  ? -18.349 -6.202  -1.617  1.00 35.57 ? 215 LEU A CG  1 
ATOM   386  C CD1 . LEU A 1 73  ? -18.537 -7.709  -1.451  1.00 34.69 ? 215 LEU A CD1 1 
ATOM   387  C CD2 . LEU A 1 73  ? -17.917 -5.581  -0.304  1.00 34.77 ? 215 LEU A CD2 1 
ATOM   388  N N   . THR A 1 74  ? -16.020 -4.119  -5.215  1.00 39.54 ? 216 THR A N   1 
ATOM   389  C CA  . THR A 1 74  ? -14.832 -3.678  -5.964  1.00 40.60 ? 216 THR A CA  1 
ATOM   390  C C   . THR A 1 74  ? -14.772 -2.143  -6.097  1.00 40.44 ? 216 THR A C   1 
ATOM   391  O O   . THR A 1 74  ? -13.693 -1.583  -6.287  1.00 40.84 ? 216 THR A O   1 
ATOM   392  C CB  . THR A 1 74  ? -14.725 -4.345  -7.356  1.00 41.32 ? 216 THR A CB  1 
ATOM   393  O OG1 . THR A 1 74  ? -16.001 -4.324  -7.999  1.00 42.75 ? 216 THR A OG1 1 
ATOM   394  C CG2 . THR A 1 74  ? -14.246 -5.795  -7.229  1.00 42.43 ? 216 THR A CG2 1 
ATOM   395  N N   . HIS A 1 75  ? -15.916 -1.466  -5.997  1.00 39.84 ? 217 HIS A N   1 
ATOM   396  C CA  . HIS A 1 75  ? -15.917 -0.004  -5.929  1.00 39.47 ? 217 HIS A CA  1 
ATOM   397  C C   . HIS A 1 75  ? -15.270 0.444   -4.624  1.00 39.09 ? 217 HIS A C   1 
ATOM   398  O O   . HIS A 1 75  ? -14.460 1.367   -4.615  1.00 40.01 ? 217 HIS A O   1 
ATOM   399  C CB  . HIS A 1 75  ? -17.337 0.578   -6.022  1.00 39.76 ? 217 HIS A CB  1 
ATOM   400  C CG  . HIS A 1 75  ? -17.932 0.542   -7.400  1.00 39.85 ? 217 HIS A CG  1 
ATOM   401  N ND1 . HIS A 1 75  ? -17.201 0.812   -8.539  1.00 40.06 ? 217 HIS A ND1 1 
ATOM   402  C CD2 . HIS A 1 75  ? -19.199 0.299   -7.818  1.00 39.53 ? 217 HIS A CD2 1 
ATOM   403  C CE1 . HIS A 1 75  ? -17.988 0.721   -9.598  1.00 39.94 ? 217 HIS A CE1 1 
ATOM   404  N NE2 . HIS A 1 75  ? -19.204 0.411   -9.188  1.00 39.60 ? 217 HIS A NE2 1 
ATOM   405  N N   . ILE A 1 76  ? -15.630 -0.218  -3.529  1.00 38.04 ? 218 ILE A N   1 
ATOM   406  C CA  . ILE A 1 76  ? -15.134 0.150   -2.201  1.00 37.44 ? 218 ILE A CA  1 
ATOM   407  C C   . ILE A 1 76  ? -13.683 -0.251  -1.996  1.00 38.28 ? 218 ILE A C   1 
ATOM   408  O O   . ILE A 1 76  ? -12.888 0.545   -1.500  1.00 38.42 ? 218 ILE A O   1 
ATOM   409  C CB  . ILE A 1 76  ? -15.970 -0.514  -1.093  1.00 36.82 ? 218 ILE A CB  1 
ATOM   410  C CG1 . ILE A 1 76  ? -17.397 0.030   -1.124  1.00 36.55 ? 218 ILE A CG1 1 
ATOM   411  C CG2 . ILE A 1 76  ? -15.330 -0.294  0.283   1.00 35.93 ? 218 ILE A CG2 1 
ATOM   412  C CD1 . ILE A 1 76  ? -18.373 -0.761  -0.291  1.00 36.45 ? 218 ILE A CD1 1 
ATOM   413  N N   . PHE A 1 77  ? -13.347 -1.489  -2.381  1.00 38.70 ? 219 PHE A N   1 
ATOM   414  C CA  . PHE A 1 77  ? -12.035 -2.096  -2.073  1.00 38.83 ? 219 PHE A CA  1 
ATOM   415  C C   . PHE A 1 77  ? -11.064 -2.219  -3.248  1.00 39.42 ? 219 PHE A C   1 
ATOM   416  O O   . PHE A 1 77  ? -9.873  -2.329  -3.045  1.00 40.04 ? 219 PHE A O   1 
ATOM   417  C CB  . PHE A 1 77  ? -12.231 -3.497  -1.507  1.00 38.32 ? 219 PHE A CB  1 
ATOM   418  C CG  . PHE A 1 77  ? -12.925 -3.527  -0.192  1.00 37.32 ? 219 PHE A CG  1 
ATOM   419  C CD1 . PHE A 1 77  ? -14.227 -4.016  -0.086  1.00 36.75 ? 219 PHE A CD1 1 
ATOM   420  C CD2 . PHE A 1 77  ? -12.275 -3.084  0.953   1.00 36.86 ? 219 PHE A CD2 1 
ATOM   421  C CE1 . PHE A 1 77  ? -14.872 -4.058  1.137   1.00 36.52 ? 219 PHE A CE1 1 
ATOM   422  C CE2 . PHE A 1 77  ? -12.912 -3.120  2.186   1.00 36.80 ? 219 PHE A CE2 1 
ATOM   423  C CZ  . PHE A 1 77  ? -14.218 -3.607  2.280   1.00 36.50 ? 219 PHE A CZ  1 
ATOM   424  N N   . GLY A 1 78  ? -11.562 -2.244  -4.468  1.00 40.78 ? 220 GLY A N   1 
ATOM   425  C CA  . GLY A 1 78  ? -10.684 -2.431  -5.625  1.00 41.84 ? 220 GLY A CA  1 
ATOM   426  C C   . GLY A 1 78  ? -10.228 -3.871  -5.777  1.00 42.35 ? 220 GLY A C   1 
ATOM   427  O O   . GLY A 1 78  ? -10.823 -4.777  -5.199  1.00 43.20 ? 220 GLY A O   1 
ATOM   428  N N   . ASP A 1 79  ? -9.175  -4.082  -6.565  1.00 42.39 ? 221 ASP A N   1 
ATOM   429  C CA  . ASP A 1 79  ? -8.682  -5.424  -6.830  1.00 42.38 ? 221 ASP A CA  1 
ATOM   430  C C   . ASP A 1 79  ? -7.670  -5.816  -5.780  1.00 41.71 ? 221 ASP A C   1 
ATOM   431  O O   . ASP A 1 79  ? -6.471  -5.898  -6.049  1.00 41.24 ? 221 ASP A O   1 
ATOM   432  C CB  . ASP A 1 79  ? -8.062  -5.514  -8.221  1.00 43.72 ? 221 ASP A CB  1 
ATOM   433  C CG  . ASP A 1 79  ? -7.844  -6.958  -8.677  1.00 45.24 ? 221 ASP A CG  1 
ATOM   434  O OD1 . ASP A 1 79  ? -7.282  -7.139  -9.778  1.00 46.15 ? 221 ASP A OD1 1 
ATOM   435  O OD2 . ASP A 1 79  ? -8.243  -7.909  -7.946  1.00 46.36 ? 221 ASP A OD2 1 
ATOM   436  N N   . LEU A 1 80  ? -8.167  -6.061  -4.575  1.00 40.88 ? 222 LEU A N   1 
ATOM   437  C CA  . LEU A 1 80  ? -7.339  -6.518  -3.473  1.00 39.85 ? 222 LEU A CA  1 
ATOM   438  C C   . LEU A 1 80  ? -6.473  -7.689  -3.907  1.00 40.49 ? 222 LEU A C   1 
ATOM   439  O O   . LEU A 1 80  ? -5.294  -7.730  -3.594  1.00 40.93 ? 222 LEU A O   1 
ATOM   440  C CB  . LEU A 1 80  ? -8.214  -6.915  -2.277  1.00 38.68 ? 222 LEU A CB  1 
ATOM   441  C CG  . LEU A 1 80  ? -8.838  -5.762  -1.477  1.00 38.09 ? 222 LEU A CG  1 
ATOM   442  C CD1 . LEU A 1 80  ? -9.899  -6.290  -0.550  1.00 37.73 ? 222 LEU A CD1 1 
ATOM   443  C CD2 . LEU A 1 80  ? -7.782  -4.976  -0.681  1.00 37.28 ? 222 LEU A CD2 1 
ATOM   444  N N   . ASP A 1 81  ? -7.058  -8.620  -4.656  1.00 42.12 ? 223 ASP A N   1 
ATOM   445  C CA  . ASP A 1 81  ? -6.343  -9.821  -5.114  1.00 44.43 ? 223 ASP A CA  1 
ATOM   446  C C   . ASP A 1 81  ? -5.103  -9.536  -5.948  1.00 45.25 ? 223 ASP A C   1 
ATOM   447  O O   . ASP A 1 81  ? -4.238  -10.395 -6.066  1.00 47.16 ? 223 ASP A O   1 
ATOM   448  C CB  . ASP A 1 81  ? -7.269  -10.726 -5.929  1.00 45.67 ? 223 ASP A CB  1 
ATOM   449  C CG  . ASP A 1 81  ? -8.234  -11.522 -5.061  1.00 46.90 ? 223 ASP A CG  1 
ATOM   450  O OD1 . ASP A 1 81  ? -8.020  -11.622 -3.827  1.00 47.06 ? 223 ASP A OD1 1 
ATOM   451  O OD2 . ASP A 1 81  ? -9.207  -12.069 -5.631  1.00 49.16 ? 223 ASP A OD2 1 
ATOM   452  N N   . SER A 1 82  ? -5.031  -8.348  -6.541  1.00 45.05 ? 224 SER A N   1 
ATOM   453  C CA  . SER A 1 82  ? -3.856  -7.931  -7.294  1.00 44.15 ? 224 SER A CA  1 
ATOM   454  C C   . SER A 1 82  ? -2.900  -7.096  -6.459  1.00 43.35 ? 224 SER A C   1 
ATOM   455  O O   . SER A 1 82  ? -1.688  -7.267  -6.561  1.00 45.40 ? 224 SER A O   1 
ATOM   456  C CB  . SER A 1 82  ? -4.280  -7.150  -8.523  1.00 44.93 ? 224 SER A CB  1 
ATOM   457  O OG  . SER A 1 82  ? -5.016  -7.985  -9.395  1.00 46.30 ? 224 SER A OG  1 
ATOM   458  N N   . TYR A 1 83  ? -3.423  -6.205  -5.620  1.00 41.39 ? 225 TYR A N   1 
ATOM   459  C CA  . TYR A 1 83  ? -2.552  -5.323  -4.847  1.00 39.50 ? 225 TYR A CA  1 
ATOM   460  C C   . TYR A 1 83  ? -1.733  -6.100  -3.817  1.00 39.46 ? 225 TYR A C   1 
ATOM   461  O O   . TYR A 1 83  ? -0.543  -5.841  -3.652  1.00 40.54 ? 225 TYR A O   1 
ATOM   462  C CB  . TYR A 1 83  ? -3.331  -4.195  -4.160  1.00 38.95 ? 225 TYR A CB  1 
ATOM   463  C CG  . TYR A 1 83  ? -4.355  -3.504  -5.029  1.00 38.99 ? 225 TYR A CG  1 
ATOM   464  C CD1 . TYR A 1 83  ? -4.143  -3.316  -6.394  1.00 38.89 ? 225 TYR A CD1 1 
ATOM   465  C CD2 . TYR A 1 83  ? -5.544  -3.033  -4.482  1.00 39.28 ? 225 TYR A CD2 1 
ATOM   466  C CE1 . TYR A 1 83  ? -5.093  -2.692  -7.178  1.00 39.02 ? 225 TYR A CE1 1 
ATOM   467  C CE2 . TYR A 1 83  ? -6.493  -2.405  -5.262  1.00 39.33 ? 225 TYR A CE2 1 
ATOM   468  C CZ  . TYR A 1 83  ? -6.264  -2.239  -6.598  1.00 39.32 ? 225 TYR A CZ  1 
ATOM   469  O OH  . TYR A 1 83  ? -7.208  -1.623  -7.351  1.00 40.40 ? 225 TYR A OH  1 
ATOM   470  N N   . ILE A 1 84  ? -2.354  -7.057  -3.129  1.00 38.49 ? 226 ILE A N   1 
ATOM   471  C CA  . ILE A 1 84  ? -1.646  -7.794  -2.078  1.00 37.47 ? 226 ILE A CA  1 
ATOM   472  C C   . ILE A 1 84  ? -0.350  -8.467  -2.623  1.00 37.46 ? 226 ILE A C   1 
ATOM   473  O O   . ILE A 1 84  ? 0.728   -8.189  -2.135  1.00 37.97 ? 226 ILE A O   1 
ATOM   474  C CB  . ILE A 1 84  ? -2.569  -8.801  -1.340  1.00 37.18 ? 226 ILE A CB  1 
ATOM   475  C CG1 . ILE A 1 84  ? -3.678  -8.063  -0.568  1.00 37.37 ? 226 ILE A CG1 1 
ATOM   476  C CG2 . ILE A 1 84  ? -1.782  -9.609  -0.362  1.00 37.46 ? 226 ILE A CG2 1 
ATOM   477  C CD1 . ILE A 1 84  ? -4.882  -8.957  -0.162  1.00 36.48 ? 226 ILE A CD1 1 
ATOM   478  N N   . PRO A 1 85  ? -0.445  -9.308  -3.665  1.00 37.48 ? 227 PRO A N   1 
ATOM   479  C CA  . PRO A 1 85  ? 0.833   -9.880  -4.155  1.00 37.32 ? 227 PRO A CA  1 
ATOM   480  C C   . PRO A 1 85  ? 1.787   -8.850  -4.785  1.00 36.65 ? 227 PRO A C   1 
ATOM   481  O O   . PRO A 1 85  ? 2.985   -9.098  -4.852  1.00 36.88 ? 227 PRO A O   1 
ATOM   482  C CB  . PRO A 1 85  ? 0.390   -10.925 -5.184  1.00 37.41 ? 227 PRO A CB  1 
ATOM   483  C CG  . PRO A 1 85  ? -1.013  -10.532 -5.575  1.00 37.12 ? 227 PRO A CG  1 
ATOM   484  C CD  . PRO A 1 85  ? -1.611  -9.790  -4.425  1.00 37.28 ? 227 PRO A CD  1 
ATOM   485  N N   . LEU A 1 86  ? 1.257   -7.710  -5.228  1.00 36.97 ? 228 LEU A N   1 
ATOM   486  C CA  . LEU A 1 86  ? 2.091   -6.600  -5.756  1.00 37.15 ? 228 LEU A CA  1 
ATOM   487  C C   . LEU A 1 86  ? 3.021   -6.031  -4.681  1.00 36.90 ? 228 LEU A C   1 
ATOM   488  O O   . LEU A 1 86  ? 4.222   -5.914  -4.887  1.00 37.63 ? 228 LEU A O   1 
ATOM   489  C CB  . LEU A 1 86  ? 1.208   -5.475  -6.330  1.00 37.30 ? 228 LEU A CB  1 
ATOM   490  C CG  . LEU A 1 86  ? 1.895   -4.229  -6.894  1.00 37.91 ? 228 LEU A CG  1 
ATOM   491  C CD1 . LEU A 1 86  ? 2.713   -4.603  -8.110  1.00 38.95 ? 228 LEU A CD1 1 
ATOM   492  C CD2 . LEU A 1 86  ? 0.891   -3.162  -7.246  1.00 37.50 ? 228 LEU A CD2 1 
ATOM   493  N N   . HIS A 1 87  ? 2.461   -5.684  -3.533  1.00 36.62 ? 229 HIS A N   1 
ATOM   494  C CA  . HIS A 1 87  ? 3.259   -5.161  -2.433  1.00 36.58 ? 229 HIS A CA  1 
ATOM   495  C C   . HIS A 1 87  ? 4.092   -6.222  -1.729  1.00 37.92 ? 229 HIS A C   1 
ATOM   496  O O   . HIS A 1 87  ? 5.192   -5.930  -1.286  1.00 39.38 ? 229 HIS A O   1 
ATOM   497  C CB  . HIS A 1 87  ? 2.367   -4.451  -1.450  1.00 35.81 ? 229 HIS A CB  1 
ATOM   498  C CG  . HIS A 1 87  ? 1.779   -3.202  -2.003  1.00 35.08 ? 229 HIS A CG  1 
ATOM   499  N ND1 . HIS A 1 87  ? 2.425   -1.987  -1.931  1.00 34.56 ? 229 HIS A ND1 1 
ATOM   500  C CD2 . HIS A 1 87  ? 0.628   -2.982  -2.677  1.00 34.92 ? 229 HIS A CD2 1 
ATOM   501  C CE1 . HIS A 1 87  ? 1.680   -1.065  -2.515  1.00 35.50 ? 229 HIS A CE1 1 
ATOM   502  N NE2 . HIS A 1 87  ? 0.585   -1.643  -2.979  1.00 35.35 ? 229 HIS A NE2 1 
ATOM   503  N N   . GLU A 1 88  ? 3.581   -7.448  -1.626  1.00 39.33 ? 230 GLU A N   1 
ATOM   504  C CA  . GLU A 1 88  ? 4.394   -8.586  -1.134  1.00 39.50 ? 230 GLU A CA  1 
ATOM   505  C C   . GLU A 1 88  ? 5.625   -8.781  -2.003  1.00 38.34 ? 230 GLU A C   1 
ATOM   506  O O   . GLU A 1 88  ? 6.708   -9.060  -1.502  1.00 38.76 ? 230 GLU A O   1 
ATOM   507  C CB  . GLU A 1 88  ? 3.593   -9.885  -1.129  1.00 41.17 ? 230 GLU A CB  1 
ATOM   508  C CG  . GLU A 1 88  ? 2.644   -10.051 0.047   1.00 44.01 ? 230 GLU A CG  1 
ATOM   509  C CD  . GLU A 1 88  ? 1.769   -11.351 -0.042  1.00 47.36 ? 230 GLU A CD  1 
ATOM   510  O OE1 . GLU A 1 88  ? 1.425   -11.798 -1.189  1.00 49.11 ? 230 GLU A OE1 1 
ATOM   511  O OE2 . GLU A 1 88  ? 1.415   -11.916 1.042   1.00 48.98 ? 230 GLU A OE2 1 
ATOM   512  N N   . ASP A 1 89  ? 5.453   -8.642  -3.310  1.00 37.80 ? 231 ASP A N   1 
ATOM   513  C CA  . ASP A 1 89  ? 6.558   -8.782  -4.242  1.00 37.24 ? 231 ASP A CA  1 
ATOM   514  C C   . ASP A 1 89  ? 7.713   -7.796  -3.940  1.00 36.11 ? 231 ASP A C   1 
ATOM   515  O O   . ASP A 1 89  ? 8.890   -8.178  -4.010  1.00 36.32 ? 231 ASP A O   1 
ATOM   516  C CB  . ASP A 1 89  ? 6.069   -8.594  -5.662  1.00 38.04 ? 231 ASP A CB  1 
ATOM   517  C CG  . ASP A 1 89  ? 7.190   -8.632  -6.659  1.00 40.29 ? 231 ASP A CG  1 
ATOM   518  O OD1 . ASP A 1 89  ? 7.579   -7.546  -7.156  1.00 41.50 ? 231 ASP A OD1 1 
ATOM   519  O OD2 . ASP A 1 89  ? 7.714   -9.748  -6.928  1.00 41.61 ? 231 ASP A OD2 1 
ATOM   520  N N   . LEU A 1 90  ? 7.386   -6.545  -3.601  1.00 33.53 ? 232 LEU A N   1 
ATOM   521  C CA  . LEU A 1 90  ? 8.422   -5.586  -3.199  1.00 32.36 ? 232 LEU A CA  1 
ATOM   522  C C   . LEU A 1 90  ? 9.145   -6.090  -1.961  1.00 33.06 ? 232 LEU A C   1 
ATOM   523  O O   . LEU A 1 90  ? 10.370  -6.182  -1.935  1.00 33.41 ? 232 LEU A O   1 
ATOM   524  C CB  . LEU A 1 90  ? 7.834   -4.203  -2.908  1.00 31.22 ? 232 LEU A CB  1 
ATOM   525  C CG  . LEU A 1 90  ? 8.848   -3.162  -2.399  1.00 30.84 ? 232 LEU A CG  1 
ATOM   526  C CD1 . LEU A 1 90  ? 10.027  -3.015  -3.379  1.00 29.59 ? 232 LEU A CD1 1 
ATOM   527  C CD2 . LEU A 1 90  ? 8.182   -1.806  -2.128  1.00 29.70 ? 232 LEU A CD2 1 
ATOM   528  N N   . LEU A 1 91  ? 8.375   -6.435  -0.939  1.00 33.47 ? 233 LEU A N   1 
ATOM   529  C CA  . LEU A 1 91  ? 8.946   -6.913  0.305   1.00 33.55 ? 233 LEU A CA  1 
ATOM   530  C C   . LEU A 1 91  ? 9.791   -8.168  0.089   1.00 33.44 ? 233 LEU A C   1 
ATOM   531  O O   . LEU A 1 91  ? 10.855  -8.281  0.653   1.00 34.85 ? 233 LEU A O   1 
ATOM   532  C CB  . LEU A 1 91  ? 7.857   -7.159  1.340   1.00 34.44 ? 233 LEU A CB  1 
ATOM   533  C CG  . LEU A 1 91  ? 8.144   -6.644  2.759   1.00 35.61 ? 233 LEU A CG  1 
ATOM   534  C CD1 . LEU A 1 91  ? 8.574   -5.166  2.784   1.00 35.55 ? 233 LEU A CD1 1 
ATOM   535  C CD2 . LEU A 1 91  ? 6.888   -6.857  3.634   1.00 36.25 ? 233 LEU A CD2 1 
ATOM   536  N N   . THR A 1 92  ? 9.348   -9.101  -0.741  1.00 33.25 ? 234 THR A N   1 
ATOM   537  C CA  . THR A 1 92  ? 10.189  -10.257 -1.040  1.00 33.48 ? 234 THR A CA  1 
ATOM   538  C C   . THR A 1 92  ? 11.545  -9.813  -1.575  1.00 34.36 ? 234 THR A C   1 
ATOM   539  O O   . THR A 1 92  ? 12.563  -10.235 -1.078  1.00 35.56 ? 234 THR A O   1 
ATOM   540  C CB  . THR A 1 92  ? 9.547   -11.199 -2.056  1.00 33.26 ? 234 THR A CB  1 
ATOM   541  O OG1 . THR A 1 92  ? 8.306   -11.667 -1.540  1.00 35.50 ? 234 THR A OG1 1 
ATOM   542  C CG2 . THR A 1 92  ? 10.426  -12.382 -2.324  1.00 31.55 ? 234 THR A CG2 1 
ATOM   543  N N   . ARG A 1 93  ? 11.544  -8.941  -2.575  1.00 35.06 ? 235 ARG A N   1 
ATOM   544  C CA  . ARG A 1 93  ? 12.774  -8.586  -3.272  1.00 34.89 ? 235 ARG A CA  1 
ATOM   545  C C   . ARG A 1 93  ? 13.773  -7.841  -2.400  1.00 35.52 ? 235 ARG A C   1 
ATOM   546  O O   . ARG A 1 93  ? 14.971  -8.004  -2.571  1.00 35.65 ? 235 ARG A O   1 
ATOM   547  C CB  . ARG A 1 93  ? 12.452  -7.770  -4.509  1.00 35.05 ? 235 ARG A CB  1 
ATOM   548  C CG  . ARG A 1 93  ? 11.920  -8.634  -5.625  1.00 35.68 ? 235 ARG A CG  1 
ATOM   549  C CD  . ARG A 1 93  ? 11.147  -7.847  -6.669  1.00 36.21 ? 235 ARG A CD  1 
ATOM   550  N NE  . ARG A 1 93  ? 10.432  -8.756  -7.561  1.00 36.41 ? 235 ARG A NE  1 
ATOM   551  C CZ  . ARG A 1 93  ? 10.942  -9.319  -8.660  1.00 37.19 ? 235 ARG A CZ  1 
ATOM   552  N NH1 . ARG A 1 93  ? 12.193  -9.078  -9.056  1.00 37.68 ? 235 ARG A NH1 1 
ATOM   553  N NH2 . ARG A 1 93  ? 10.186  -10.133 -9.378  1.00 37.75 ? 235 ARG A NH2 1 
ATOM   554  N N   . ILE A 1 94  ? 13.274  -7.027  -1.473  1.00 36.20 ? 236 ILE A N   1 
ATOM   555  C CA  . ILE A 1 94  ? 14.122  -6.288  -0.525  1.00 36.17 ? 236 ILE A CA  1 
ATOM   556  C C   . ILE A 1 94  ? 14.745  -7.249  0.471   1.00 36.84 ? 236 ILE A C   1 
ATOM   557  O O   . ILE A 1 94  ? 15.947  -7.173  0.765   1.00 37.90 ? 236 ILE A O   1 
ATOM   558  C CB  . ILE A 1 94  ? 13.312  -5.221  0.250   1.00 36.58 ? 236 ILE A CB  1 
ATOM   559  C CG1 . ILE A 1 94  ? 12.838  -4.113  -0.710  1.00 37.89 ? 236 ILE A CG1 1 
ATOM   560  C CG2 . ILE A 1 94  ? 14.138  -4.628  1.359   1.00 34.88 ? 236 ILE A CG2 1 
ATOM   561  C CD1 . ILE A 1 94  ? 11.845  -3.092  -0.076  1.00 38.75 ? 236 ILE A CD1 1 
ATOM   562  N N   . GLY A 1 95  ? 13.927  -8.153  0.993   1.00 36.17 ? 237 GLY A N   1 
ATOM   563  C CA  . GLY A 1 95  ? 14.402  -9.190  1.866   1.00 36.71 ? 237 GLY A CA  1 
ATOM   564  C C   . GLY A 1 95  ? 15.511  -9.988  1.233   1.00 37.74 ? 237 GLY A C   1 
ATOM   565  O O   . GLY A 1 95  ? 16.495  -10.282 1.884   1.00 38.58 ? 237 GLY A O   1 
ATOM   566  N N   . GLU A 1 96  ? 15.374  -10.309 -0.054  1.00 39.29 ? 238 GLU A N   1 
ATOM   567  C CA  . GLU A 1 96  ? 16.408  -11.102 -0.770  1.00 40.62 ? 238 GLU A CA  1 
ATOM   568  C C   . GLU A 1 96  ? 17.704  -10.316 -0.965  1.00 38.19 ? 238 GLU A C   1 
ATOM   569  O O   . GLU A 1 96  ? 18.761  -10.913 -1.099  1.00 37.16 ? 238 GLU A O   1 
ATOM   570  C CB  . GLU A 1 96  ? 15.896  -11.627 -2.128  1.00 43.60 ? 238 GLU A CB  1 
ATOM   571  C CG  . GLU A 1 96  ? 14.427  -12.071 -2.076  1.00 48.19 ? 238 GLU A CG  1 
ATOM   572  C CD  . GLU A 1 96  ? 14.105  -13.348 -2.850  1.00 51.13 ? 238 GLU A CD  1 
ATOM   573  O OE1 . GLU A 1 96  ? 14.456  -13.407 -4.057  1.00 53.23 ? 238 GLU A OE1 1 
ATOM   574  O OE2 . GLU A 1 96  ? 13.455  -14.272 -2.247  1.00 52.27 ? 238 GLU A OE2 1 
ATOM   575  N N   . ALA A 1 97  ? 17.601  -8.984  -0.982  1.00 36.55 ? 239 ALA A N   1 
ATOM   576  C CA  . ALA A 1 97  ? 18.764  -8.084  -1.099  1.00 36.01 ? 239 ALA A CA  1 
ATOM   577  C C   . ALA A 1 97  ? 19.355  -7.688  0.265   1.00 36.00 ? 239 ALA A C   1 
ATOM   578  O O   . ALA A 1 97  ? 20.371  -6.983  0.319   1.00 36.64 ? 239 ALA A O   1 
ATOM   579  C CB  . ALA A 1 97  ? 18.380  -6.827  -1.878  1.00 34.10 ? 239 ALA A CB  1 
ATOM   580  N N   . THR A 1 98  ? 18.706  -8.112  1.352   1.00 35.45 ? 240 THR A N   1 
ATOM   581  C CA  . THR A 1 98  ? 19.189  -7.848  2.707   1.00 35.15 ? 240 THR A CA  1 
ATOM   582  C C   . THR A 1 98  ? 20.228  -8.894  3.083   1.00 35.41 ? 240 THR A C   1 
ATOM   583  O O   . THR A 1 98  ? 19.940  -10.094 3.064   1.00 35.37 ? 240 THR A O   1 
ATOM   584  C CB  . THR A 1 98  ? 18.039  -7.920  3.754   1.00 34.96 ? 240 THR A CB  1 
ATOM   585  O OG1 . THR A 1 98  ? 17.004  -6.975  3.424   1.00 34.15 ? 240 THR A OG1 1 
ATOM   586  C CG2 . THR A 1 98  ? 18.574  -7.663  5.167   1.00 33.29 ? 240 THR A CG2 1 
ATOM   587  N N   . LYS A 1 99  ? 21.420  -8.438  3.449   1.00 35.17 ? 241 LYS A N   1 
ATOM   588  C CA  . LYS A 1 99  ? 22.501  -9.332  3.857   1.00 35.03 ? 241 LYS A CA  1 
ATOM   589  C C   . LYS A 1 99  ? 22.232  -9.948  5.246   1.00 34.48 ? 241 LYS A C   1 
ATOM   590  O O   . LYS A 1 99  ? 21.264  -9.583  5.913   1.00 34.78 ? 241 LYS A O   1 
ATOM   591  C CB  . LYS A 1 99  ? 23.826  -8.557  3.825   1.00 35.53 ? 241 LYS A CB  1 
ATOM   592  C CG  . LYS A 1 99  ? 24.280  -8.240  2.400   1.00 36.39 ? 241 LYS A CG  1 
ATOM   593  C CD  . LYS A 1 99  ? 24.700  -6.785  2.220   1.00 37.86 ? 241 LYS A CD  1 
ATOM   594  C CE  . LYS A 1 99  ? 26.058  -6.465  2.870   1.00 38.51 ? 241 LYS A CE  1 
ATOM   595  N NZ  . LYS A 1 99  ? 26.382  -5.009  2.712   1.00 38.29 ? 241 LYS A NZ  1 
ATOM   596  N N   . PRO A 1 100 ? 23.073  -10.908 5.673   1.00 34.53 ? 242 PRO A N   1 
ATOM   597  C CA  . PRO A 1 100 ? 22.978  -11.486 7.024   1.00 34.03 ? 242 PRO A CA  1 
ATOM   598  C C   . PRO A 1 100 ? 23.068  -10.454 8.153   1.00 33.63 ? 242 PRO A C   1 
ATOM   599  O O   . PRO A 1 100 ? 22.435  -10.621 9.196   1.00 33.43 ? 242 PRO A O   1 
ATOM   600  C CB  . PRO A 1 100 ? 24.208  -12.412 7.085   1.00 34.08 ? 242 PRO A CB  1 
ATOM   601  C CG  . PRO A 1 100 ? 24.473  -12.769 5.684   1.00 33.65 ? 242 PRO A CG  1 
ATOM   602  C CD  . PRO A 1 100 ? 24.133  -11.567 4.880   1.00 34.11 ? 242 PRO A CD  1 
ATOM   603  N N   . ASP A 1 101 ? 23.864  -9.407  7.940   1.00 33.79 ? 243 ASP A N   1 
ATOM   604  C CA  . ASP A 1 101 ? 24.050  -8.360  8.939   1.00 33.92 ? 243 ASP A CA  1 
ATOM   605  C C   . ASP A 1 101 ? 22.881  -7.374  8.987   1.00 33.86 ? 243 ASP A C   1 
ATOM   606  O O   . ASP A 1 101 ? 22.905  -6.437  9.791   1.00 34.95 ? 243 ASP A O   1 
ATOM   607  C CB  . ASP A 1 101 ? 25.370  -7.604  8.702   1.00 33.91 ? 243 ASP A CB  1 
ATOM   608  C CG  . ASP A 1 101 ? 25.338  -6.723  7.463   1.00 34.86 ? 243 ASP A CG  1 
ATOM   609  O OD1 . ASP A 1 101 ? 24.248  -6.580  6.854   1.00 36.07 ? 243 ASP A OD1 1 
ATOM   610  O OD2 . ASP A 1 101 ? 26.407  -6.167  7.096   1.00 34.80 ? 243 ASP A OD2 1 
ATOM   611  N N   . GLY A 1 102 ? 21.889  -7.559  8.111   1.00 32.87 ? 244 GLY A N   1 
ATOM   612  C CA  . GLY A 1 102 ? 20.669  -6.746  8.130   1.00 32.34 ? 244 GLY A CA  1 
ATOM   613  C C   . GLY A 1 102 ? 20.676  -5.538  7.201   1.00 31.75 ? 244 GLY A C   1 
ATOM   614  O O   . GLY A 1 102 ? 19.654  -4.868  7.034   1.00 31.93 ? 244 GLY A O   1 
ATOM   615  N N   . THR A 1 103 ? 21.809  -5.242  6.586   1.00 30.38 ? 245 THR A N   1 
ATOM   616  C CA  . THR A 1 103 ? 21.885  -4.060  5.753   1.00 29.81 ? 245 THR A CA  1 
ATOM   617  C C   . THR A 1 103 ? 21.596  -4.442  4.324   1.00 31.13 ? 245 THR A C   1 
ATOM   618  O O   . THR A 1 103 ? 21.645  -5.621  3.956   1.00 31.21 ? 245 THR A O   1 
ATOM   619  C CB  . THR A 1 103 ? 23.249  -3.389  5.841   1.00 28.70 ? 245 THR A CB  1 
ATOM   620  O OG1 . THR A 1 103 ? 24.235  -4.254  5.270   1.00 28.38 ? 245 THR A OG1 1 
ATOM   621  C CG2 . THR A 1 103 ? 23.609  -3.054  7.322   1.00 27.14 ? 245 THR A CG2 1 
ATOM   622  N N   . VAL A 1 104 ? 21.273  -3.432  3.529   1.00 32.72 ? 246 VAL A N   1 
ATOM   623  C CA  . VAL A 1 104 ? 21.001  -3.587  2.119   1.00 33.60 ? 246 VAL A CA  1 
ATOM   624  C C   . VAL A 1 104 ? 21.871  -2.607  1.392   1.00 35.28 ? 246 VAL A C   1 
ATOM   625  O O   . VAL A 1 104 ? 21.830  -1.423  1.662   1.00 34.81 ? 246 VAL A O   1 
ATOM   626  C CB  . VAL A 1 104 ? 19.557  -3.262  1.783   1.00 33.87 ? 246 VAL A CB  1 
ATOM   627  C CG1 . VAL A 1 104 ? 19.369  -3.253  0.272   1.00 33.92 ? 246 VAL A CG1 1 
ATOM   628  C CG2 . VAL A 1 104 ? 18.628  -4.253  2.445   1.00 33.17 ? 246 VAL A CG2 1 
ATOM   629  N N   . GLU A 1 105 ? 22.633  -3.117  0.442   1.00 38.57 ? 247 GLU A N   1 
ATOM   630  C CA  . GLU A 1 105 ? 23.685  -2.377  -0.203  1.00 40.16 ? 247 GLU A CA  1 
ATOM   631  C C   . GLU A 1 105 ? 23.187  -1.493  -1.317  1.00 39.84 ? 247 GLU A C   1 
ATOM   632  O O   . GLU A 1 105 ? 23.622  -0.367  -1.454  1.00 40.24 ? 247 GLU A O   1 
ATOM   633  C CB  . GLU A 1 105 ? 24.690  -3.355  -0.768  1.00 43.44 ? 247 GLU A CB  1 
ATOM   634  C CG  . GLU A 1 105 ? 26.033  -2.718  -1.119  1.00 46.86 ? 247 GLU A CG  1 
ATOM   635  C CD  . GLU A 1 105 ? 27.146  -3.756  -1.346  1.00 49.92 ? 247 GLU A CD  1 
ATOM   636  O OE1 . GLU A 1 105 ? 27.030  -4.939  -0.849  1.00 51.37 ? 247 GLU A OE1 1 
ATOM   637  O OE2 . GLU A 1 105 ? 28.142  -3.375  -2.021  1.00 51.91 ? 247 GLU A OE2 1 
ATOM   638  N N   . GLN A 1 106 ? 22.304  -2.024  -2.142  1.00 40.59 ? 248 GLN A N   1 
ATOM   639  C CA  . GLN A 1 106 ? 21.700  -1.265  -3.230  1.00 40.31 ? 248 GLN A CA  1 
ATOM   640  C C   . GLN A 1 106 ? 20.226  -1.589  -3.266  1.00 39.10 ? 248 GLN A C   1 
ATOM   641  O O   . GLN A 1 106 ? 19.836  -2.734  -3.011  1.00 38.88 ? 248 GLN A O   1 
ATOM   642  C CB  . GLN A 1 106 ? 22.331  -1.646  -4.554  1.00 42.05 ? 248 GLN A CB  1 
ATOM   643  C CG  . GLN A 1 106 ? 21.856  -0.789  -5.696  1.00 44.33 ? 248 GLN A CG  1 
ATOM   644  C CD  . GLN A 1 106 ? 22.528  -1.107  -7.007  1.00 45.88 ? 248 GLN A CD  1 
ATOM   645  O OE1 . GLN A 1 106 ? 23.140  -2.170  -7.176  1.00 46.88 ? 248 GLN A OE1 1 
ATOM   646  N NE2 . GLN A 1 106 ? 22.420  -0.178  -7.958  1.00 47.18 ? 248 GLN A NE2 1 
ATOM   647  N N   . ILE A 1 107 ? 19.406  -0.590  -3.572  1.00 37.32 ? 249 ILE A N   1 
ATOM   648  C CA  . ILE A 1 107 ? 17.958  -0.773  -3.602  1.00 36.42 ? 249 ILE A CA  1 
ATOM   649  C C   . ILE A 1 107 ? 17.272  -0.169  -4.825  1.00 36.13 ? 249 ILE A C   1 
ATOM   650  O O   . ILE A 1 107 ? 16.201  -0.627  -5.209  1.00 36.98 ? 249 ILE A O   1 
ATOM   651  C CB  . ILE A 1 107 ? 17.305  -0.214  -2.305  1.00 36.45 ? 249 ILE A CB  1 
ATOM   652  C CG1 . ILE A 1 107 ? 15.856  -0.711  -2.179  1.00 36.32 ? 249 ILE A CG1 1 
ATOM   653  C CG2 . ILE A 1 107 ? 17.387  1.303   -2.272  1.00 35.80 ? 249 ILE A CG2 1 
ATOM   654  C CD1 . ILE A 1 107 ? 15.314  -0.606  -0.810  1.00 36.35 ? 249 ILE A CD1 1 
ATOM   655  N N   . GLY A 1 108 ? 17.880  0.854   -5.427  1.00 36.20 ? 250 GLY A N   1 
ATOM   656  C CA  . GLY A 1 108 ? 17.352  1.500   -6.636  1.00 35.80 ? 250 GLY A CA  1 
ATOM   657  C C   . GLY A 1 108 ? 16.916  0.559   -7.753  1.00 36.40 ? 250 GLY A C   1 
ATOM   658  O O   . GLY A 1 108 ? 15.869  0.776   -8.374  1.00 37.29 ? 250 GLY A O   1 
ATOM   659  N N   . HIS A 1 109 ? 17.703  -0.492  -8.007  1.00 36.46 ? 251 HIS A N   1 
ATOM   660  C CA  . HIS A 1 109 ? 17.428  -1.411  -9.127  1.00 36.09 ? 251 HIS A CA  1 
ATOM   661  C C   . HIS A 1 109 ? 16.123  -2.169  -8.953  1.00 36.40 ? 251 HIS A C   1 
ATOM   662  O O   . HIS A 1 109 ? 15.484  -2.540  -9.947  1.00 36.79 ? 251 HIS A O   1 
ATOM   663  C CB  . HIS A 1 109 ? 18.587  -2.393  -9.340  1.00 36.51 ? 251 HIS A CB  1 
ATOM   664  C CG  . HIS A 1 109 ? 18.739  -3.397  -8.246  1.00 36.88 ? 251 HIS A CG  1 
ATOM   665  N ND1 . HIS A 1 109 ? 19.015  -3.041  -6.945  1.00 37.49 ? 251 HIS A ND1 1 
ATOM   666  C CD2 . HIS A 1 109 ? 18.656  -4.747  -8.258  1.00 36.76 ? 251 HIS A CD2 1 
ATOM   667  C CE1 . HIS A 1 109 ? 19.084  -4.131  -6.200  1.00 37.31 ? 251 HIS A CE1 1 
ATOM   668  N NE2 . HIS A 1 109 ? 18.873  -5.178  -6.973  1.00 36.61 ? 251 HIS A NE2 1 
ATOM   669  N N   . ILE A 1 110 ? 15.737  -2.402  -7.692  1.00 36.18 ? 252 ILE A N   1 
ATOM   670  C CA  . ILE A 1 110 ? 14.446  -3.026  -7.353  1.00 35.42 ? 252 ILE A CA  1 
ATOM   671  C C   . ILE A 1 110 ? 13.327  -2.022  -7.531  1.00 35.37 ? 252 ILE A C   1 
ATOM   672  O O   . ILE A 1 110 ? 12.325  -2.290  -8.188  1.00 35.88 ? 252 ILE A O   1 
ATOM   673  C CB  . ILE A 1 110 ? 14.419  -3.502  -5.889  1.00 35.35 ? 252 ILE A CB  1 
ATOM   674  C CG1 . ILE A 1 110 ? 15.255  -4.777  -5.735  1.00 35.97 ? 252 ILE A CG1 1 
ATOM   675  C CG2 . ILE A 1 110 ? 12.979  -3.728  -5.416  1.00 34.89 ? 252 ILE A CG2 1 
ATOM   676  C CD1 . ILE A 1 110 ? 15.770  -5.030  -4.294  1.00 35.62 ? 252 ILE A CD1 1 
ATOM   677  N N   . LEU A 1 111 ? 13.498  -0.860  -6.929  1.00 35.06 ? 253 LEU A N   1 
ATOM   678  C CA  . LEU A 1 111 ? 12.466  0.144   -6.964  1.00 34.93 ? 253 LEU A CA  1 
ATOM   679  C C   . LEU A 1 111 ? 12.159  0.591   -8.380  1.00 35.32 ? 253 LEU A C   1 
ATOM   680  O O   . LEU A 1 111 ? 10.988  0.663   -8.748  1.00 36.83 ? 253 LEU A O   1 
ATOM   681  C CB  . LEU A 1 111 ? 12.845  1.335   -6.098  1.00 34.57 ? 253 LEU A CB  1 
ATOM   682  C CG  . LEU A 1 111 ? 12.691  1.033   -4.618  1.00 34.21 ? 253 LEU A CG  1 
ATOM   683  C CD1 . LEU A 1 111 ? 13.319  2.129   -3.791  1.00 34.18 ? 253 LEU A CD1 1 
ATOM   684  C CD2 . LEU A 1 111 ? 11.230  0.863   -4.279  1.00 33.36 ? 253 LEU A CD2 1 
ATOM   685  N N   . VAL A 1 112 ? 13.183  0.881   -9.184  1.00 33.97 ? 254 VAL A N   1 
ATOM   686  C CA  . VAL A 1 112 ? 12.924  1.314   -10.552 1.00 33.60 ? 254 VAL A CA  1 
ATOM   687  C C   . VAL A 1 112 ? 12.094  0.273   -11.290 1.00 33.51 ? 254 VAL A C   1 
ATOM   688  O O   . VAL A 1 112 ? 11.167  0.624   -11.999 1.00 34.59 ? 254 VAL A O   1 
ATOM   689  C CB  . VAL A 1 112 ? 14.219  1.610   -11.378 1.00 33.63 ? 254 VAL A CB  1 
ATOM   690  C CG1 . VAL A 1 112 ? 13.848  2.045   -12.786 1.00 32.99 ? 254 VAL A CG1 1 
ATOM   691  C CG2 . VAL A 1 112 ? 15.060  2.682   -10.718 1.00 33.49 ? 254 VAL A CG2 1 
ATOM   692  N N   . SER A 1 113 ? 12.413  -1.006  -11.126 1.00 33.85 ? 255 SER A N   1 
ATOM   693  C CA  . SER A 1 113 ? 11.709  -2.034  -11.895 1.00 34.82 ? 255 SER A CA  1 
ATOM   694  C C   . SER A 1 113 ? 10.403  -2.488  -11.255 1.00 34.81 ? 255 SER A C   1 
ATOM   695  O O   . SER A 1 113 ? 9.651   -3.204  -11.883 1.00 36.71 ? 255 SER A O   1 
ATOM   696  C CB  . SER A 1 113 ? 12.618  -3.225  -12.196 1.00 35.41 ? 255 SER A CB  1 
ATOM   697  O OG  . SER A 1 113 ? 13.256  -3.689  -11.039 1.00 37.50 ? 255 SER A OG  1 
ATOM   698  N N   . TRP A 1 114 ? 10.127  -2.052  -10.023 1.00 34.91 ? 256 TRP A N   1 
ATOM   699  C CA  . TRP A 1 114 ? 8.858   -2.358  -9.323  1.00 33.29 ? 256 TRP A CA  1 
ATOM   700  C C   . TRP A 1 114 ? 7.803   -1.244  -9.450  1.00 33.46 ? 256 TRP A C   1 
ATOM   701  O O   . TRP A 1 114 ? 6.638   -1.520  -9.718  1.00 34.04 ? 256 TRP A O   1 
ATOM   702  C CB  . TRP A 1 114 ? 9.134   -2.612  -7.848  1.00 32.67 ? 256 TRP A CB  1 
ATOM   703  C CG  . TRP A 1 114 ? 7.909   -2.879  -7.052  1.00 32.48 ? 256 TRP A CG  1 
ATOM   704  C CD1 . TRP A 1 114 ? 7.230   -4.063  -6.955  1.00 32.41 ? 256 TRP A CD1 1 
ATOM   705  C CD2 . TRP A 1 114 ? 7.211   -1.951  -6.227  1.00 32.40 ? 256 TRP A CD2 1 
ATOM   706  N NE1 . TRP A 1 114 ? 6.144   -3.919  -6.126  1.00 31.69 ? 256 TRP A NE1 1 
ATOM   707  C CE2 . TRP A 1 114 ? 6.111   -2.629  -5.669  1.00 31.78 ? 256 TRP A CE2 1 
ATOM   708  C CE3 . TRP A 1 114 ? 7.412   -0.605  -5.898  1.00 33.64 ? 256 TRP A CE3 1 
ATOM   709  C CZ2 . TRP A 1 114 ? 5.219   -2.011  -4.807  1.00 32.37 ? 256 TRP A CZ2 1 
ATOM   710  C CZ3 . TRP A 1 114 ? 6.516   0.010   -5.031  1.00 33.76 ? 256 TRP A CZ3 1 
ATOM   711  C CH2 . TRP A 1 114 ? 5.435   -0.695  -4.499  1.00 32.75 ? 256 TRP A CH2 1 
ATOM   712  N N   . LEU A 1 115 ? 8.218   0.012   -9.261  1.00 32.57 ? 257 LEU A N   1 
ATOM   713  C CA  . LEU A 1 115 ? 7.280   1.147   -9.239  1.00 32.09 ? 257 LEU A CA  1 
ATOM   714  C C   . LEU A 1 115 ? 6.306   1.211   -10.420 1.00 33.36 ? 257 LEU A C   1 
ATOM   715  O O   . LEU A 1 115 ? 5.151   1.539   -10.229 1.00 35.44 ? 257 LEU A O   1 
ATOM   716  C CB  . LEU A 1 115 ? 8.028   2.468   -9.116  1.00 31.13 ? 257 LEU A CB  1 
ATOM   717  C CG  . LEU A 1 115 ? 8.601   2.699   -7.723  1.00 31.75 ? 257 LEU A CG  1 
ATOM   718  C CD1 . LEU A 1 115 ? 9.697   3.756   -7.748  1.00 31.84 ? 257 LEU A CD1 1 
ATOM   719  C CD2 . LEU A 1 115 ? 7.502   3.078   -6.741  1.00 31.54 ? 257 LEU A CD2 1 
ATOM   720  N N   . PRO A 1 116 ? 6.761   0.903   -11.642 1.00 33.61 ? 258 PRO A N   1 
ATOM   721  C CA  . PRO A 1 116 ? 5.799   0.932   -12.740 1.00 33.61 ? 258 PRO A CA  1 
ATOM   722  C C   . PRO A 1 116 ? 4.585   0.017   -12.537 1.00 34.33 ? 258 PRO A C   1 
ATOM   723  O O   . PRO A 1 116 ? 3.561   0.216   -13.168 1.00 34.08 ? 258 PRO A O   1 
ATOM   724  C CB  . PRO A 1 116 ? 6.630   0.469   -13.935 1.00 33.44 ? 258 PRO A CB  1 
ATOM   725  C CG  . PRO A 1 116 ? 8.010   0.909   -13.607 1.00 33.63 ? 258 PRO A CG  1 
ATOM   726  C CD  . PRO A 1 116 ? 8.142   0.763   -12.127 1.00 33.60 ? 258 PRO A CD  1 
ATOM   727  N N   . ARG A 1 117 ? 4.704   -0.970  -11.661 1.00 35.83 ? 259 ARG A N   1 
ATOM   728  C CA  . ARG A 1 117 ? 3.584   -1.863  -11.363 1.00 37.41 ? 259 ARG A CA  1 
ATOM   729  C C   . ARG A 1 117 ? 2.463   -1.192  -10.541 1.00 36.66 ? 259 ARG A C   1 
ATOM   730  O O   . ARG A 1 117 ? 1.328   -1.668  -10.528 1.00 36.48 ? 259 ARG A O   1 
ATOM   731  C CB  . ARG A 1 117 ? 4.077   -3.096  -10.622 1.00 39.41 ? 259 ARG A CB  1 
ATOM   732  C CG  . ARG A 1 117 ? 5.176   -3.869  -11.347 1.00 40.89 ? 259 ARG A CG  1 
ATOM   733  C CD  . ARG A 1 117 ? 5.420   -5.192  -10.691 1.00 42.16 ? 259 ARG A CD  1 
ATOM   734  N NE  . ARG A 1 117 ? 4.227   -6.028  -10.747 1.00 43.81 ? 259 ARG A NE  1 
ATOM   735  C CZ  . ARG A 1 117 ? 3.953   -7.027  -9.910  1.00 45.26 ? 259 ARG A CZ  1 
ATOM   736  N NH1 . ARG A 1 117 ? 4.792   -7.354  -8.917  1.00 46.00 ? 259 ARG A NH1 1 
ATOM   737  N NH2 . ARG A 1 117 ? 2.827   -7.707  -10.066 1.00 45.25 ? 259 ARG A NH2 1 
ATOM   738  N N   . LEU A 1 118 ? 2.782   -0.092  -9.860  1.00 35.72 ? 260 LEU A N   1 
ATOM   739  C CA  . LEU A 1 118 ? 1.755   0.706   -9.187  1.00 34.92 ? 260 LEU A CA  1 
ATOM   740  C C   . LEU A 1 118 ? 0.719   1.243   -10.178 1.00 34.14 ? 260 LEU A C   1 
ATOM   741  O O   . LEU A 1 118 ? -0.345  1.699   -9.795  1.00 32.33 ? 260 LEU A O   1 
ATOM   742  C CB  . LEU A 1 118 ? 2.386   1.842   -8.384  1.00 34.52 ? 260 LEU A CB  1 
ATOM   743  C CG  . LEU A 1 118 ? 3.057   1.361   -7.103  1.00 34.23 ? 260 LEU A CG  1 
ATOM   744  C CD1 . LEU A 1 118 ? 3.787   2.495   -6.419  1.00 34.31 ? 260 LEU A CD1 1 
ATOM   745  C CD2 . LEU A 1 118 ? 2.019   0.760   -6.177  1.00 33.89 ? 260 LEU A CD2 1 
ATOM   746  N N   . ASN A 1 119 ? 1.029   1.154   -11.459 1.00 34.83 ? 261 ASN A N   1 
ATOM   747  C CA  . ASN A 1 119 ? 0.040   1.382   -12.509 1.00 35.30 ? 261 ASN A CA  1 
ATOM   748  C C   . ASN A 1 119 ? -1.186  0.398   -12.449 1.00 35.36 ? 261 ASN A C   1 
ATOM   749  O O   . ASN A 1 119 ? -2.195  0.599   -13.143 1.00 35.18 ? 261 ASN A O   1 
ATOM   750  C CB  . ASN A 1 119 ? 0.743   1.315   -13.863 1.00 34.72 ? 261 ASN A CB  1 
ATOM   751  C CG  . ASN A 1 119 ? -0.162  1.615   -14.992 1.00 35.09 ? 261 ASN A CG  1 
ATOM   752  O OD1 . ASN A 1 119 ? -0.656  0.705   -15.652 1.00 36.12 ? 261 ASN A OD1 1 
ATOM   753  N ND2 . ASN A 1 119 ? -0.407  2.893   -15.232 1.00 34.58 ? 261 ASN A ND2 1 
ATOM   754  N N   . ALA A 1 120 ? -1.095  -0.645  -11.622 1.00 35.76 ? 262 ALA A N   1 
ATOM   755  C CA  . ALA A 1 120 ? -2.235  -1.559  -11.385 1.00 36.53 ? 262 ALA A CA  1 
ATOM   756  C C   . ALA A 1 120 ? -3.395  -0.904  -10.596 1.00 36.87 ? 262 ALA A C   1 
ATOM   757  O O   . ALA A 1 120 ? -4.489  -1.467  -10.516 1.00 36.45 ? 262 ALA A O   1 
ATOM   758  C CB  . ALA A 1 120 ? -1.760  -2.841  -10.678 1.00 35.83 ? 262 ALA A CB  1 
ATOM   759  N N   . TYR A 1 121 ? -3.141  0.273   -10.016 1.00 37.61 ? 263 TYR A N   1 
ATOM   760  C CA  . TYR A 1 121 ? -4.179  1.063   -9.342  1.00 37.87 ? 263 TYR A CA  1 
ATOM   761  C C   . TYR A 1 121 ? -4.986  1.977   -10.285 1.00 38.66 ? 263 TYR A C   1 
ATOM   762  O O   . TYR A 1 121 ? -5.937  2.612   -9.842  1.00 39.87 ? 263 TYR A O   1 
ATOM   763  C CB  . TYR A 1 121 ? -3.553  1.928   -8.239  1.00 37.33 ? 263 TYR A CB  1 
ATOM   764  C CG  . TYR A 1 121 ? -3.133  1.162   -7.004  1.00 37.57 ? 263 TYR A CG  1 
ATOM   765  C CD1 . TYR A 1 121 ? -1.841  0.671   -6.868  1.00 37.45 ? 263 TYR A CD1 1 
ATOM   766  C CD2 . TYR A 1 121 ? -4.030  0.932   -5.962  1.00 37.73 ? 263 TYR A CD2 1 
ATOM   767  C CE1 . TYR A 1 121 ? -1.458  -0.027  -5.745  1.00 37.18 ? 263 TYR A CE1 1 
ATOM   768  C CE2 . TYR A 1 121 ? -3.647  0.230   -4.832  1.00 37.35 ? 263 TYR A CE2 1 
ATOM   769  C CZ  . TYR A 1 121 ? -2.367  -0.242  -4.732  1.00 37.35 ? 263 TYR A CZ  1 
ATOM   770  O OH  . TYR A 1 121 ? -1.982  -0.932  -3.613  1.00 38.33 ? 263 TYR A OH  1 
ATOM   771  N N   . ARG A 1 122 ? -4.620  2.047   -11.567 1.00 39.39 ? 264 ARG A N   1 
ATOM   772  C CA  . ARG A 1 122 ? -5.237  3.027   -12.485 1.00 40.50 ? 264 ARG A CA  1 
ATOM   773  C C   . ARG A 1 122 ? -6.753  3.029   -12.337 1.00 41.62 ? 264 ARG A C   1 
ATOM   774  O O   . ARG A 1 122 ? -7.353  4.079   -12.087 1.00 42.21 ? 264 ARG A O   1 
ATOM   775  C CB  . ARG A 1 122 ? -4.838  2.773   -13.958 1.00 39.27 ? 264 ARG A CB  1 
ATOM   776  N N   . GLY A 1 123 ? -7.356  1.843   -12.455 1.00 42.77 ? 265 GLY A N   1 
ATOM   777  C CA  . GLY A 1 123 ? -8.814  1.691   -12.486 1.00 43.63 ? 265 GLY A CA  1 
ATOM   778  C C   . GLY A 1 123 ? -9.499  2.067   -11.187 1.00 45.05 ? 265 GLY A C   1 
ATOM   779  O O   . GLY A 1 123 ? -10.389 2.926   -11.170 1.00 45.49 ? 265 GLY A O   1 
ATOM   780  N N   . TYR A 1 124 ? -9.079  1.420   -10.102 1.00 46.28 ? 266 TYR A N   1 
ATOM   781  C CA  . TYR A 1 124 ? -9.628  1.658   -8.771  1.00 47.19 ? 266 TYR A CA  1 
ATOM   782  C C   . TYR A 1 124 ? -9.698  3.137   -8.443  1.00 48.64 ? 266 TYR A C   1 
ATOM   783  O O   . TYR A 1 124 ? -10.781 3.672   -8.159  1.00 49.39 ? 266 TYR A O   1 
ATOM   784  C CB  . TYR A 1 124 ? -8.749  0.957   -7.742  1.00 47.54 ? 266 TYR A CB  1 
ATOM   785  C CG  . TYR A 1 124 ? -9.159  1.110   -6.276  1.00 47.87 ? 266 TYR A CG  1 
ATOM   786  C CD1 . TYR A 1 124 ? -10.500 1.002   -5.879  1.00 47.70 ? 266 TYR A CD1 1 
ATOM   787  C CD2 . TYR A 1 124 ? -8.189  1.299   -5.277  1.00 47.85 ? 266 TYR A CD2 1 
ATOM   788  C CE1 . TYR A 1 124 ? -10.864 1.110   -4.536  1.00 47.93 ? 266 TYR A CE1 1 
ATOM   789  C CE2 . TYR A 1 124 ? -8.543  1.409   -3.930  1.00 47.67 ? 266 TYR A CE2 1 
ATOM   790  C CZ  . TYR A 1 124 ? -9.878  1.313   -3.565  1.00 48.15 ? 266 TYR A CZ  1 
ATOM   791  O OH  . TYR A 1 124 ? -10.232 1.425   -2.236  1.00 48.77 ? 266 TYR A OH  1 
ATOM   792  N N   . CYS A 1 125 ? -8.542  3.797   -8.506  1.00 49.51 ? 267 CYS A N   1 
ATOM   793  C CA  . CYS A 1 125 ? -8.416  5.190   -8.060  1.00 49.83 ? 267 CYS A CA  1 
ATOM   794  C C   . CYS A 1 125 ? -8.933  6.233   -9.063  1.00 50.43 ? 267 CYS A C   1 
ATOM   795  O O   . CYS A 1 125 ? -9.035  7.411   -8.720  1.00 50.00 ? 267 CYS A O   1 
ATOM   796  C CB  . CYS A 1 125 ? -6.960  5.492   -7.638  1.00 49.33 ? 267 CYS A CB  1 
ATOM   797  S SG  . CYS A 1 125 ? -6.649  5.156   -5.871  1.00 48.53 ? 267 CYS A SG  1 
ATOM   798  N N   . SER A 1 126 ? -9.285  5.800   -10.274 1.00 52.13 ? 268 SER A N   1 
ATOM   799  C CA  . SER A 1 126 ? -9.840  6.717   -11.291 1.00 54.05 ? 268 SER A CA  1 
ATOM   800  C C   . SER A 1 126 ? -11.282 7.189   -10.978 1.00 55.15 ? 268 SER A C   1 
ATOM   801  O O   . SER A 1 126 ? -11.773 8.141   -11.594 1.00 55.47 ? 268 SER A O   1 
ATOM   802  C CB  . SER A 1 126 ? -9.783  6.094   -12.701 1.00 54.13 ? 268 SER A CB  1 
ATOM   803  O OG  . SER A 1 126 ? -10.658 4.984   -12.824 1.00 54.01 ? 268 SER A OG  1 
ATOM   804  N N   . ASN A 1 127 ? -11.959 6.524   -10.044 1.00 56.01 ? 269 ASN A N   1 
ATOM   805  C CA  . ASN A 1 127 ? -13.263 6.998   -9.576  1.00 56.84 ? 269 ASN A CA  1 
ATOM   806  C C   . ASN A 1 127 ? -13.365 6.912   -8.049  1.00 56.87 ? 269 ASN A C   1 
ATOM   807  O O   . ASN A 1 127 ? -14.193 6.173   -7.493  1.00 56.10 ? 269 ASN A O   1 
ATOM   808  C CB  . ASN A 1 127 ? -14.398 6.229   -10.252 1.00 57.24 ? 269 ASN A CB  1 
ATOM   809  C CG  . ASN A 1 127 ? -14.423 4.772   -9.854  1.00 57.64 ? 269 ASN A CG  1 
ATOM   810  O OD1 . ASN A 1 127 ? -13.376 4.118   -9.786  1.00 57.63 ? 269 ASN A OD1 1 
ATOM   811  N ND2 . ASN A 1 127 ? -15.615 4.256   -9.563  1.00 57.77 ? 269 ASN A ND2 1 
ATOM   812  N N   . GLN A 1 128 ? -12.498 7.673   -7.380  1.00 57.21 ? 270 GLN A N   1 
ATOM   813  C CA  . GLN A 1 128 ? -12.659 7.958   -5.956  1.00 57.04 ? 270 GLN A CA  1 
ATOM   814  C C   . GLN A 1 128 ? -14.001 8.715   -5.738  1.00 57.58 ? 270 GLN A C   1 
ATOM   815  O O   . GLN A 1 128 ? -14.649 8.552   -4.695  1.00 58.38 ? 270 GLN A O   1 
ATOM   816  C CB  . GLN A 1 128 ? -11.465 8.771   -5.417  1.00 56.29 ? 270 GLN A CB  1 
ATOM   817  C CG  . GLN A 1 128 ? -10.120 8.054   -5.500  1.00 55.09 ? 270 GLN A CG  1 
ATOM   818  N N   . LEU A 1 129 ? -14.414 9.518   -6.736  1.00 57.39 ? 271 LEU A N   1 
ATOM   819  C CA  . LEU A 1 129 ? -15.703 10.240  -6.699  1.00 57.38 ? 271 LEU A CA  1 
ATOM   820  C C   . LEU A 1 129 ? -16.899 9.275   -6.664  1.00 57.43 ? 271 LEU A C   1 
ATOM   821  O O   . LEU A 1 129 ? -17.727 9.335   -5.743  1.00 57.84 ? 271 LEU A O   1 
ATOM   822  C CB  . LEU A 1 129 ? -15.830 11.193  -7.901  1.00 56.78 ? 271 LEU A CB  1 
ATOM   823  N N   . ALA A 1 130 ? -16.980 8.389   -7.662  1.00 57.06 ? 272 ALA A N   1 
ATOM   824  C CA  . ALA A 1 130 ? -18.063 7.392   -7.739  1.00 56.54 ? 272 ALA A CA  1 
ATOM   825  C C   . ALA A 1 130 ? -18.073 6.465   -6.517  1.00 56.61 ? 272 ALA A C   1 
ATOM   826  O O   . ALA A 1 130 ? -19.137 5.992   -6.102  1.00 56.06 ? 272 ALA A O   1 
ATOM   827  C CB  . ALA A 1 130 ? -17.939 6.575   -9.015  1.00 56.14 ? 272 ALA A CB  1 
ATOM   828  N N   . ALA A 1 131 ? -16.882 6.214   -5.954  1.00 56.65 ? 273 ALA A N   1 
ATOM   829  C CA  . ALA A 1 131 ? -16.724 5.382   -4.745  1.00 56.59 ? 273 ALA A CA  1 
ATOM   830  C C   . ALA A 1 131 ? -17.449 5.981   -3.525  1.00 56.58 ? 273 ALA A C   1 
ATOM   831  O O   . ALA A 1 131 ? -18.223 5.292   -2.845  1.00 56.94 ? 273 ALA A O   1 
ATOM   832  C CB  . ALA A 1 131 ? -15.226 5.171   -4.432  1.00 56.38 ? 273 ALA A CB  1 
ATOM   833  N N   . LYS A 1 132 ? -17.222 7.271   -3.276  1.00 56.01 ? 274 LYS A N   1 
ATOM   834  C CA  . LYS A 1 132 ? -17.856 7.969   -2.153  1.00 54.79 ? 274 LYS A CA  1 
ATOM   835  C C   . LYS A 1 132 ? -19.286 8.439   -2.469  1.00 53.46 ? 274 LYS A C   1 
ATOM   836  O O   . LYS A 1 132 ? -19.667 9.542   -2.102  1.00 53.62 ? 274 LYS A O   1 
ATOM   837  C CB  . LYS A 1 132 ? -16.993 9.162   -1.728  1.00 54.97 ? 274 LYS A CB  1 
ATOM   838  N N   . ALA A 1 133 ? -20.055 7.608   -3.172  1.00 51.98 ? 275 ALA A N   1 
ATOM   839  C CA  . ALA A 1 133 ? -21.508 7.815   -3.351  1.00 51.13 ? 275 ALA A CA  1 
ATOM   840  C C   . ALA A 1 133 ? -22.256 6.551   -2.918  1.00 50.48 ? 275 ALA A C   1 
ATOM   841  O O   . ALA A 1 133 ? -23.362 6.622   -2.373  1.00 49.30 ? 275 ALA A O   1 
ATOM   842  C CB  . ALA A 1 133 ? -21.827 8.158   -4.795  1.00 50.59 ? 275 ALA A CB  1 
ATOM   843  N N   . LEU A 1 134 ? -21.644 5.396   -3.196  1.00 50.33 ? 276 LEU A N   1 
ATOM   844  C CA  . LEU A 1 134 ? -22.058 4.110   -2.633  1.00 49.82 ? 276 LEU A CA  1 
ATOM   845  C C   . LEU A 1 134 ? -21.720 4.081   -1.151  1.00 49.82 ? 276 LEU A C   1 
ATOM   846  O O   . LEU A 1 134 ? -22.574 3.805   -0.309  1.00 49.28 ? 276 LEU A O   1 
ATOM   847  C CB  . LEU A 1 134 ? -21.331 2.955   -3.345  1.00 48.96 ? 276 LEU A CB  1 
ATOM   848  C CG  . LEU A 1 134 ? -21.539 1.534   -2.802  1.00 48.56 ? 276 LEU A CG  1 
ATOM   849  C CD1 . LEU A 1 134 ? -23.010 1.136   -2.842  1.00 48.20 ? 276 LEU A CD1 1 
ATOM   850  C CD2 . LEU A 1 134 ? -20.683 0.534   -3.571  1.00 48.14 ? 276 LEU A CD2 1 
ATOM   851  N N   . LEU A 1 135 ? -20.461 4.366   -0.841  1.00 49.80 ? 277 LEU A N   1 
ATOM   852  C CA  . LEU A 1 135 ? -19.996 4.396   0.539   1.00 49.81 ? 277 LEU A CA  1 
ATOM   853  C C   . LEU A 1 135 ? -21.054 5.051   1.442   1.00 50.26 ? 277 LEU A C   1 
ATOM   854  O O   . LEU A 1 135 ? -21.524 4.447   2.410   1.00 51.11 ? 277 LEU A O   1 
ATOM   855  C CB  . LEU A 1 135 ? -18.663 5.150   0.624   1.00 49.32 ? 277 LEU A CB  1 
ATOM   856  C CG  . LEU A 1 135 ? -17.549 4.473   1.414   1.00 49.16 ? 277 LEU A CG  1 
ATOM   857  C CD1 . LEU A 1 135 ? -17.488 2.982   1.128   1.00 48.90 ? 277 LEU A CD1 1 
ATOM   858  C CD2 . LEU A 1 135 ? -16.209 5.140   1.105   1.00 48.85 ? 277 LEU A CD2 1 
ATOM   859  N N   . ASP A 1 136 ? -21.462 6.262   1.086   1.00 50.00 ? 278 ASP A N   1 
ATOM   860  C CA  . ASP A 1 136 ? -22.392 7.037   1.914   1.00 50.20 ? 278 ASP A CA  1 
ATOM   861  C C   . ASP A 1 136 ? -23.817 6.490   1.879   1.00 48.87 ? 278 ASP A C   1 
ATOM   862  O O   . ASP A 1 136 ? -24.619 6.763   2.768   1.00 48.67 ? 278 ASP A O   1 
ATOM   863  C CB  . ASP A 1 136 ? -22.368 8.512   1.504   1.00 51.49 ? 278 ASP A CB  1 
ATOM   864  C CG  . ASP A 1 136 ? -20.958 9.127   1.595   1.00 52.35 ? 278 ASP A CG  1 
ATOM   865  O OD1 . ASP A 1 136 ? -20.862 10.376  1.556   1.00 52.81 ? 278 ASP A OD1 1 
ATOM   866  O OD2 . ASP A 1 136 ? -19.953 8.359   1.697   1.00 52.64 ? 278 ASP A OD2 1 
ATOM   867  N N   . GLN A 1 137 ? -24.124 5.729   0.842   1.00 47.58 ? 279 GLN A N   1 
ATOM   868  C CA  . GLN A 1 137 ? -25.383 5.014   0.755   1.00 46.54 ? 279 GLN A CA  1 
ATOM   869  C C   . GLN A 1 137 ? -25.388 3.873   1.753   1.00 44.99 ? 279 GLN A C   1 
ATOM   870  O O   . GLN A 1 137 ? -26.335 3.704   2.506   1.00 43.89 ? 279 GLN A O   1 
ATOM   871  C CB  . GLN A 1 137 ? -25.573 4.466   -0.666  1.00 47.25 ? 279 GLN A CB  1 
ATOM   872  C CG  . GLN A 1 137 ? -26.949 3.890   -0.967  1.00 47.77 ? 279 GLN A CG  1 
ATOM   873  C CD  . GLN A 1 137 ? -27.039 3.330   -2.382  1.00 48.22 ? 279 GLN A CD  1 
ATOM   874  O OE1 . GLN A 1 137 ? -26.237 2.469   -2.779  1.00 47.97 ? 279 GLN A OE1 1 
ATOM   875  N NE2 . GLN A 1 137 ? -28.017 3.820   -3.156  1.00 48.58 ? 279 GLN A NE2 1 
ATOM   876  N N   . LYS A 1 138 ? -24.304 3.101   1.762   1.00 44.48 ? 280 LYS A N   1 
ATOM   877  C CA  . LYS A 1 138 ? -24.246 1.851   2.537   1.00 43.80 ? 280 LYS A CA  1 
ATOM   878  C C   . LYS A 1 138 ? -24.246 2.054   4.031   1.00 42.96 ? 280 LYS A C   1 
ATOM   879  O O   . LYS A 1 138 ? -24.589 1.138   4.775   1.00 43.26 ? 280 LYS A O   1 
ATOM   880  C CB  . LYS A 1 138 ? -23.013 1.009   2.154   1.00 43.51 ? 280 LYS A CB  1 
ATOM   881  C CG  . LYS A 1 138 ? -23.132 0.305   0.803   1.00 43.76 ? 280 LYS A CG  1 
ATOM   882  C CD  . LYS A 1 138 ? -24.194 -0.807  0.810   1.00 43.62 ? 280 LYS A CD  1 
ATOM   883  C CE  . LYS A 1 138 ? -24.822 -0.988  -0.569  1.00 43.86 ? 280 LYS A CE  1 
ATOM   884  N NZ  . LYS A 1 138 ? -26.251 -1.432  -0.489  1.00 44.10 ? 280 LYS A NZ  1 
ATOM   885  N N   . LYS A 1 139 ? -23.866 3.240   4.486   1.00 41.52 ? 281 LYS A N   1 
ATOM   886  C CA  . LYS A 1 139 ? -23.817 3.470   5.917   1.00 40.00 ? 281 LYS A CA  1 
ATOM   887  C C   . LYS A 1 139 ? -25.199 3.672   6.547   1.00 39.50 ? 281 LYS A C   1 
ATOM   888  O O   . LYS A 1 139 ? -25.287 3.837   7.755   1.00 40.07 ? 281 LYS A O   1 
ATOM   889  C CB  . LYS A 1 139 ? -22.818 4.588   6.284   1.00 39.09 ? 281 LYS A CB  1 
ATOM   890  C CG  . LYS A 1 139 ? -23.097 5.971   5.739   1.00 38.28 ? 281 LYS A CG  1 
ATOM   891  C CD  . LYS A 1 139 ? -21.795 6.641   5.255   1.00 37.49 ? 281 LYS A CD  1 
ATOM   892  C CE  . LYS A 1 139 ? -20.708 6.748   6.313   1.00 36.42 ? 281 LYS A CE  1 
ATOM   893  N NZ  . LYS A 1 139 ? -19.558 7.496   5.781   1.00 34.68 ? 281 LYS A NZ  1 
ATOM   894  N N   . GLN A 1 140 ? -26.272 3.607   5.748   1.00 38.37 ? 282 GLN A N   1 
ATOM   895  C CA  . GLN A 1 140 ? -27.641 3.535   6.297   1.00 37.67 ? 282 GLN A CA  1 
ATOM   896  C C   . GLN A 1 140 ? -28.224 2.099   6.305   1.00 38.39 ? 282 GLN A C   1 
ATOM   897  O O   . GLN A 1 140 ? -29.279 1.856   6.905   1.00 38.48 ? 282 GLN A O   1 
ATOM   898  C CB  . GLN A 1 140 ? -28.576 4.474   5.533   1.00 36.58 ? 282 GLN A CB  1 
ATOM   899  C CG  . GLN A 1 140 ? -28.097 5.911   5.473   1.00 36.16 ? 282 GLN A CG  1 
ATOM   900  C CD  . GLN A 1 140 ? -27.779 6.479   6.839   1.00 35.90 ? 282 GLN A CD  1 
ATOM   901  O OE1 . GLN A 1 140 ? -28.528 6.281   7.796   1.00 35.54 ? 282 GLN A OE1 1 
ATOM   902  N NE2 . GLN A 1 140 ? -26.661 7.188   6.939   1.00 35.74 ? 282 GLN A NE2 1 
ATOM   903  N N   . ASP A 1 141 ? -27.530 1.159   5.661   1.00 39.07 ? 283 ASP A N   1 
ATOM   904  C CA  . ASP A 1 141 ? -28.013 -0.223  5.522   1.00 39.64 ? 283 ASP A CA  1 
ATOM   905  C C   . ASP A 1 141 ? -27.917 -1.011  6.847   1.00 39.67 ? 283 ASP A C   1 
ATOM   906  O O   . ASP A 1 141 ? -26.820 -1.227  7.350   1.00 39.81 ? 283 ASP A O   1 
ATOM   907  C CB  . ASP A 1 141 ? -27.201 -0.941  4.428   1.00 40.38 ? 283 ASP A CB  1 
ATOM   908  C CG  . ASP A 1 141 ? -27.670 -2.379  4.170   1.00 41.23 ? 283 ASP A CG  1 
ATOM   909  O OD1 . ASP A 1 141 ? -27.256 -2.961  3.147   1.00 42.07 ? 283 ASP A OD1 1 
ATOM   910  O OD2 . ASP A 1 141 ? -28.439 -2.937  4.980   1.00 41.85 ? 283 ASP A OD2 1 
ATOM   911  N N   . PRO A 1 142 ? -29.065 -1.475  7.391   1.00 39.84 ? 284 PRO A N   1 
ATOM   912  C CA  . PRO A 1 142 ? -29.053 -2.225  8.655   1.00 40.07 ? 284 PRO A CA  1 
ATOM   913  C C   . PRO A 1 142 ? -28.185 -3.475  8.613   1.00 41.16 ? 284 PRO A C   1 
ATOM   914  O O   . PRO A 1 142 ? -27.540 -3.819  9.604   1.00 41.82 ? 284 PRO A O   1 
ATOM   915  C CB  . PRO A 1 142 ? -30.508 -2.642  8.818   1.00 39.71 ? 284 PRO A CB  1 
ATOM   916  C CG  . PRO A 1 142 ? -31.054 -2.650  7.443   1.00 39.62 ? 284 PRO A CG  1 
ATOM   917  C CD  . PRO A 1 142 ? -30.409 -1.488  6.785   1.00 39.76 ? 284 PRO A CD  1 
ATOM   918  N N   . ARG A 1 143 ? -28.176 -4.148  7.475   1.00 41.56 ? 285 ARG A N   1 
ATOM   919  C CA  . ARG A 1 143 ? -27.400 -5.361  7.322   1.00 42.31 ? 285 ARG A CA  1 
ATOM   920  C C   . ARG A 1 143 ? -25.891 -5.148  7.451   1.00 40.87 ? 285 ARG A C   1 
ATOM   921  O O   . ARG A 1 143 ? -25.200 -6.042  7.942   1.00 40.94 ? 285 ARG A O   1 
ATOM   922  C CB  . ARG A 1 143 ? -27.682 -5.997  5.977   1.00 44.72 ? 285 ARG A CB  1 
ATOM   923  C CG  . ARG A 1 143 ? -28.945 -6.847  5.919   1.00 46.71 ? 285 ARG A CG  1 
ATOM   924  C CD  . ARG A 1 143 ? -28.780 -7.856  4.786   1.00 48.66 ? 285 ARG A CD  1 
ATOM   925  N NE  . ARG A 1 143 ? -29.531 -9.091  4.994   1.00 50.27 ? 285 ARG A NE  1 
ATOM   926  C CZ  . ARG A 1 143 ? -29.139 -10.300 4.573   1.00 50.83 ? 285 ARG A CZ  1 
ATOM   927  N NH1 . ARG A 1 143 ? -27.967 -10.470 3.931   1.00 50.26 ? 285 ARG A NH1 1 
ATOM   928  N NH2 . ARG A 1 143 ? -29.924 -11.357 4.810   1.00 51.13 ? 285 ARG A NH2 1 
ATOM   929  N N   . VAL A 1 144 ? -25.373 -3.999  6.990   1.00 38.73 ? 286 VAL A N   1 
ATOM   930  C CA  . VAL A 1 144 ? -23.950 -3.695  7.193   1.00 37.35 ? 286 VAL A CA  1 
ATOM   931  C C   . VAL A 1 144 ? -23.723 -3.292  8.651   1.00 36.96 ? 286 VAL A C   1 
ATOM   932  O O   . VAL A 1 144 ? -22.767 -3.758  9.278   1.00 37.29 ? 286 VAL A O   1 
ATOM   933  C CB  . VAL A 1 144 ? -23.375 -2.600  6.233   1.00 36.82 ? 286 VAL A CB  1 
ATOM   934  C CG1 . VAL A 1 144 ? -23.673 -2.930  4.801   1.00 36.61 ? 286 VAL A CG1 1 
ATOM   935  C CG2 . VAL A 1 144 ? -23.902 -1.230  6.583   1.00 38.14 ? 286 VAL A CG2 1 
ATOM   936  N N   . GLN A 1 145 ? -24.607 -2.450  9.200   1.00 35.82 ? 287 GLN A N   1 
ATOM   937  C CA  . GLN A 1 145 ? -24.504 -2.055  10.600  1.00 34.91 ? 287 GLN A CA  1 
ATOM   938  C C   . GLN A 1 145 ? -24.421 -3.301  11.504  1.00 35.81 ? 287 GLN A C   1 
ATOM   939  O O   . GLN A 1 145 ? -23.540 -3.391  12.352  1.00 36.34 ? 287 GLN A O   1 
ATOM   940  C CB  . GLN A 1 145 ? -25.672 -1.162  11.003  1.00 34.35 ? 287 GLN A CB  1 
ATOM   941  C CG  . GLN A 1 145 ? -25.632 -0.743  12.456  1.00 34.30 ? 287 GLN A CG  1 
ATOM   942  C CD  . GLN A 1 145 ? -26.674 0.295   12.826  1.00 34.08 ? 287 GLN A CD  1 
ATOM   943  O OE1 . GLN A 1 145 ? -27.608 0.562   12.069  1.00 35.54 ? 287 GLN A OE1 1 
ATOM   944  N NE2 . GLN A 1 145 ? -26.520 0.881   14.007  1.00 33.49 ? 287 GLN A NE2 1 
ATOM   945  N N   . ASP A 1 146 ? -25.317 -4.270  11.294  1.00 36.58 ? 288 ASP A N   1 
ATOM   946  C CA  . ASP A 1 146 ? -25.338 -5.509  12.107  1.00 37.31 ? 288 ASP A CA  1 
ATOM   947  C C   . ASP A 1 146 ? -24.076 -6.330  11.960  1.00 36.76 ? 288 ASP A C   1 
ATOM   948  O O   . ASP A 1 146 ? -23.586 -6.903  12.924  1.00 36.85 ? 288 ASP A O   1 
ATOM   949  C CB  . ASP A 1 146 ? -26.526 -6.393  11.722  1.00 38.70 ? 288 ASP A CB  1 
ATOM   950  C CG  . ASP A 1 146 ? -27.855 -5.761  12.066  1.00 41.34 ? 288 ASP A CG  1 
ATOM   951  O OD1 . ASP A 1 146 ? -27.878 -4.854  12.936  1.00 42.77 ? 288 ASP A OD1 1 
ATOM   952  O OD2 . ASP A 1 146 ? -28.888 -6.164  11.467  1.00 43.31 ? 288 ASP A OD2 1 
ATOM   953  N N   . PHE A 1 147 ? -23.587 -6.415  10.733  1.00 35.94 ? 289 PHE A N   1 
ATOM   954  C CA  . PHE A 1 147 ? -22.403 -7.176  10.416  1.00 35.56 ? 289 PHE A CA  1 
ATOM   955  C C   . PHE A 1 147 ? -21.196 -6.631  11.177  1.00 34.69 ? 289 PHE A C   1 
ATOM   956  O O   . PHE A 1 147 ? -20.443 -7.396  11.789  1.00 34.67 ? 289 PHE A O   1 
ATOM   957  C CB  . PHE A 1 147 ? -22.150 -7.110  8.913   1.00 36.24 ? 289 PHE A CB  1 
ATOM   958  C CG  . PHE A 1 147 ? -20.835 -7.684  8.496   1.00 37.31 ? 289 PHE A CG  1 
ATOM   959  C CD1 . PHE A 1 147 ? -20.647 -9.057  8.464   1.00 37.32 ? 289 PHE A CD1 1 
ATOM   960  C CD2 . PHE A 1 147 ? -19.778 -6.852  8.123   1.00 37.75 ? 289 PHE A CD2 1 
ATOM   961  C CE1 . PHE A 1 147 ? -19.426 -9.594  8.073   1.00 37.85 ? 289 PHE A CE1 1 
ATOM   962  C CE2 . PHE A 1 147 ? -18.555 -7.382  7.731   1.00 37.38 ? 289 PHE A CE2 1 
ATOM   963  C CZ  . PHE A 1 147 ? -18.377 -8.752  7.706   1.00 37.68 ? 289 PHE A CZ  1 
ATOM   964  N N   . LEU A 1 148 ? -21.030 -5.306  11.137  1.00 33.39 ? 290 LEU A N   1 
ATOM   965  C CA  . LEU A 1 148 ? -19.942 -4.631  11.849  1.00 31.82 ? 290 LEU A CA  1 
ATOM   966  C C   . LEU A 1 148 ? -20.105 -4.731  13.358  1.00 30.64 ? 290 LEU A C   1 
ATOM   967  O O   . LEU A 1 148 ? -19.164 -5.054  14.070  1.00 31.18 ? 290 LEU A O   1 
ATOM   968  C CB  . LEU A 1 148 ? -19.855 -3.148  11.458  1.00 31.41 ? 290 LEU A CB  1 
ATOM   969  C CG  . LEU A 1 148 ? -19.469 -2.780  10.018  1.00 31.19 ? 290 LEU A CG  1 
ATOM   970  C CD1 . LEU A 1 148 ? -19.075 -1.309  9.999   1.00 31.30 ? 290 LEU A CD1 1 
ATOM   971  C CD2 . LEU A 1 148 ? -18.350 -3.649  9.432   1.00 28.92 ? 290 LEU A CD2 1 
ATOM   972  N N   . GLN A 1 149 ? -21.293 -4.449  13.854  1.00 29.11 ? 291 GLN A N   1 
ATOM   973  C CA  . GLN A 1 149 ? -21.506 -4.512  15.279  1.00 28.47 ? 291 GLN A CA  1 
ATOM   974  C C   . GLN A 1 149 ? -21.097 -5.892  15.833  1.00 29.68 ? 291 GLN A C   1 
ATOM   975  O O   . GLN A 1 149 ? -20.473 -5.957  16.880  1.00 29.83 ? 291 GLN A O   1 
ATOM   976  C CB  . GLN A 1 149 ? -22.940 -4.185  15.614  1.00 27.25 ? 291 GLN A CB  1 
ATOM   977  C CG  . GLN A 1 149 ? -23.151 -3.939  17.041  1.00 26.38 ? 291 GLN A CG  1 
ATOM   978  C CD  . GLN A 1 149 ? -24.577 -3.744  17.347  1.00 25.80 ? 291 GLN A CD  1 
ATOM   979  O OE1 . GLN A 1 149 ? -25.200 -2.800  16.874  1.00 26.89 ? 291 GLN A OE1 1 
ATOM   980  N NE2 . GLN A 1 149 ? -25.124 -4.626  18.140  1.00 24.97 ? 291 GLN A NE2 1 
ATOM   981  N N   . ARG A 1 150 ? -21.438 -6.974  15.116  1.00 31.86 ? 292 ARG A N   1 
ATOM   982  C CA  . ARG A 1 150 ? -20.953 -8.349  15.431  1.00 33.32 ? 292 ARG A CA  1 
ATOM   983  C C   . ARG A 1 150 ? -19.414 -8.414  15.431  1.00 34.55 ? 292 ARG A C   1 
ATOM   984  O O   . ARG A 1 150 ? -18.820 -8.597  16.481  1.00 34.68 ? 292 ARG A O   1 
ATOM   985  C CB  . ARG A 1 150 ? -21.471 -9.390  14.408  1.00 34.51 ? 292 ARG A CB  1 
ATOM   986  C CG  . ARG A 1 150 ? -22.914 -9.907  14.570  1.00 35.28 ? 292 ARG A CG  1 
ATOM   987  C CD  . ARG A 1 150 ? -23.249 -10.984 13.457  1.00 34.71 ? 292 ARG A CD  1 
ATOM   988  N N   . CYS A 1 151 ? -18.793 -8.292  14.241  1.00 35.96 ? 293 CYS A N   1 
ATOM   989  C CA  . CYS A 1 151 ? -17.308 -8.238  14.083  1.00 36.64 ? 293 CYS A CA  1 
ATOM   990  C C   . CYS A 1 151 ? -16.739 -7.511  15.330  1.00 35.98 ? 293 CYS A C   1 
ATOM   991  O O   . CYS A 1 151 ? -16.054 -8.127  16.147  1.00 36.85 ? 293 CYS A O   1 
ATOM   992  C CB  . CYS A 1 151 ? -16.935 -7.551  12.709  1.00 37.03 ? 293 CYS A CB  1 
ATOM   993  S SG  . CYS A 1 151 ? -15.091 -7.409  12.051  1.00 39.20 ? 293 CYS A SG  1 
ATOM   994  N N   . LEU A 1 152 ? -17.120 -6.244  15.513  1.00 34.94 ? 294 LEU A N   1 
ATOM   995  C CA  . LEU A 1 152 ? -16.565 -5.365  16.576  1.00 34.73 ? 294 LEU A CA  1 
ATOM   996  C C   . LEU A 1 152 ? -16.786 -5.818  18.038  1.00 35.38 ? 294 LEU A C   1 
ATOM   997  O O   . LEU A 1 152 ? -15.986 -5.491  18.920  1.00 35.70 ? 294 LEU A O   1 
ATOM   998  C CB  . LEU A 1 152 ? -17.144 -3.952  16.435  1.00 34.45 ? 294 LEU A CB  1 
ATOM   999  C CG  . LEU A 1 152 ? -16.798 -3.132  15.193  1.00 34.25 ? 294 LEU A CG  1 
ATOM   1000 C CD1 . LEU A 1 152 ? -17.608 -1.828  15.152  1.00 33.03 ? 294 LEU A CD1 1 
ATOM   1001 C CD2 . LEU A 1 152 ? -15.314 -2.847  15.162  1.00 34.35 ? 294 LEU A CD2 1 
ATOM   1002 N N   . GLU A 1 153 ? -17.878 -6.530  18.299  1.00 35.82 ? 295 GLU A N   1 
ATOM   1003 C CA  . GLU A 1 153 ? -18.161 -7.030  19.647  1.00 35.54 ? 295 GLU A CA  1 
ATOM   1004 C C   . GLU A 1 153 ? -17.087 -8.010  20.153  1.00 35.35 ? 295 GLU A C   1 
ATOM   1005 O O   . GLU A 1 153 ? -16.841 -8.089  21.355  1.00 35.81 ? 295 GLU A O   1 
ATOM   1006 C CB  . GLU A 1 153 ? -19.534 -7.702  19.691  1.00 36.21 ? 295 GLU A CB  1 
ATOM   1007 C CG  . GLU A 1 153 ? -20.036 -7.970  21.110  1.00 37.22 ? 295 GLU A CG  1 
ATOM   1008 C CD  . GLU A 1 153 ? -21.547 -8.191  21.187  1.00 38.51 ? 295 GLU A CD  1 
ATOM   1009 O OE1 . GLU A 1 153 ? -22.137 -7.895  22.253  1.00 39.74 ? 295 GLU A OE1 1 
ATOM   1010 O OE2 . GLU A 1 153 ? -22.151 -8.658  20.193  1.00 39.64 ? 295 GLU A OE2 1 
ATOM   1011 N N   . SER A 1 154 ? -16.456 -8.744  19.228  1.00 35.07 ? 296 SER A N   1 
ATOM   1012 C CA  . SER A 1 154 ? -15.413 -9.724  19.562  1.00 35.04 ? 296 SER A CA  1 
ATOM   1013 C C   . SER A 1 154 ? -14.104 -9.067  19.990  1.00 35.31 ? 296 SER A C   1 
ATOM   1014 O O   . SER A 1 154 ? -13.582 -8.209  19.277  1.00 35.20 ? 296 SER A O   1 
ATOM   1015 C CB  . SER A 1 154 ? -15.109 -10.623 18.367  1.00 34.73 ? 296 SER A CB  1 
ATOM   1016 O OG  . SER A 1 154 ? -13.920 -11.371 18.603  1.00 34.44 ? 296 SER A OG  1 
ATOM   1017 N N   . PRO A 1 155 ? -13.542 -9.505  21.134  1.00 35.78 ? 297 PRO A N   1 
ATOM   1018 C CA  . PRO A 1 155 ? -12.256 -8.945  21.586  1.00 35.50 ? 297 PRO A CA  1 
ATOM   1019 C C   . PRO A 1 155 ? -11.036 -9.415  20.788  1.00 34.94 ? 297 PRO A C   1 
ATOM   1020 O O   . PRO A 1 155 ? -9.932  -8.969  21.075  1.00 36.14 ? 297 PRO A O   1 
ATOM   1021 C CB  . PRO A 1 155 ? -12.162 -9.395  23.055  1.00 35.51 ? 297 PRO A CB  1 
ATOM   1022 C CG  . PRO A 1 155 ? -13.056 -10.563 23.172  1.00 35.78 ? 297 PRO A CG  1 
ATOM   1023 C CD  . PRO A 1 155 ? -14.102 -10.473 22.101  1.00 35.79 ? 297 PRO A CD  1 
ATOM   1024 N N   . PHE A 1 156 ? -11.237 -10.280 19.794  1.00 34.52 ? 298 PHE A N   1 
ATOM   1025 C CA  . PHE A 1 156 ? -10.146 -10.820 18.971  1.00 34.83 ? 298 PHE A CA  1 
ATOM   1026 C C   . PHE A 1 156 ? -10.203 -10.318 17.541  1.00 36.23 ? 298 PHE A C   1 
ATOM   1027 O O   . PHE A 1 156 ? -9.443  -10.776 16.682  1.00 36.37 ? 298 PHE A O   1 
ATOM   1028 C CB  . PHE A 1 156 ? -10.229 -12.345 18.964  1.00 34.62 ? 298 PHE A CB  1 
ATOM   1029 C CG  . PHE A 1 156 ? -10.101 -12.940 20.313  1.00 33.85 ? 298 PHE A CG  1 
ATOM   1030 C CD1 . PHE A 1 156 ? -11.222 -13.177 21.088  1.00 34.04 ? 298 PHE A CD1 1 
ATOM   1031 C CD2 . PHE A 1 156 ? -8.849  -13.223 20.835  1.00 33.29 ? 298 PHE A CD2 1 
ATOM   1032 C CE1 . PHE A 1 156 ? -11.098 -13.707 22.360  1.00 34.00 ? 298 PHE A CE1 1 
ATOM   1033 C CE2 . PHE A 1 156 ? -8.713  -13.747 22.083  1.00 33.40 ? 298 PHE A CE2 1 
ATOM   1034 C CZ  . PHE A 1 156 ? -9.839  -13.994 22.858  1.00 33.91 ? 298 PHE A CZ  1 
ATOM   1035 N N   . SER A 1 157 ? -11.116 -9.386  17.288  1.00 38.14 ? 299 SER A N   1 
ATOM   1036 C CA  . SER A 1 157 ? -11.330 -8.836  15.959  1.00 38.76 ? 299 SER A CA  1 
ATOM   1037 C C   . SER A 1 157 ? -10.364 -7.700  15.762  1.00 39.90 ? 299 SER A C   1 
ATOM   1038 O O   . SER A 1 157 ? -9.859  -7.141  16.735  1.00 40.99 ? 299 SER A O   1 
ATOM   1039 C CB  . SER A 1 157 ? -12.753 -8.314  15.837  1.00 38.13 ? 299 SER A CB  1 
ATOM   1040 O OG  . SER A 1 157 ? -12.971 -7.290  16.788  1.00 37.99 ? 299 SER A OG  1 
ATOM   1041 N N   . ARG A 1 158 ? -10.118 -7.351  14.504  1.00 41.87 ? 300 ARG A N   1 
ATOM   1042 C CA  . ARG A 1 158 ? -9.172  -6.295  14.158  1.00 43.53 ? 300 ARG A CA  1 
ATOM   1043 C C   . ARG A 1 158 ? -9.839  -5.295  13.241  1.00 43.01 ? 300 ARG A C   1 
ATOM   1044 O O   . ARG A 1 158 ? -10.405 -5.651  12.222  1.00 42.22 ? 300 ARG A O   1 
ATOM   1045 C CB  . ARG A 1 158 ? -7.940  -6.895  13.517  1.00 45.60 ? 300 ARG A CB  1 
ATOM   1046 C CG  . ARG A 1 158 ? -7.125  -7.762  14.494  1.00 48.19 ? 300 ARG A CG  1 
ATOM   1047 C CD  . ARG A 1 158 ? -6.203  -8.675  13.758  1.00 50.99 ? 300 ARG A CD  1 
ATOM   1048 N NE  . ARG A 1 158 ? -5.515  -7.942  12.691  1.00 54.20 ? 300 ARG A NE  1 
ATOM   1049 C CZ  . ARG A 1 158 ? -4.875  -8.504  11.665  1.00 56.04 ? 300 ARG A CZ  1 
ATOM   1050 N NH1 . ARG A 1 158 ? -4.797  -9.831  11.552  1.00 56.96 ? 300 ARG A NH1 1 
ATOM   1051 N NH2 . ARG A 1 158 ? -4.300  -7.724  10.744  1.00 56.67 ? 300 ARG A NH2 1 
ATOM   1052 N N   . LYS A 1 159 ? -9.763  -4.035  13.632  1.00 43.94 ? 301 LYS A N   1 
ATOM   1053 C CA  . LYS A 1 159 ? -10.622 -2.996  13.097  1.00 44.44 ? 301 LYS A CA  1 
ATOM   1054 C C   . LYS A 1 159 ? -9.967  -2.384  11.873  1.00 44.88 ? 301 LYS A C   1 
ATOM   1055 O O   . LYS A 1 159 ? -8.750  -2.341  11.745  1.00 44.78 ? 301 LYS A O   1 
ATOM   1056 C CB  . LYS A 1 159 ? -10.911 -1.916  14.195  1.00 44.34 ? 301 LYS A CB  1 
ATOM   1057 C CG  . LYS A 1 159 ? -11.966 -0.825  13.837  1.00 44.56 ? 301 LYS A CG  1 
ATOM   1058 C CD  . LYS A 1 159 ? -12.283 0.120   15.032  1.00 44.25 ? 301 LYS A CD  1 
ATOM   1059 N N   . LEU A 1 160 ? -10.811 -1.944  10.963  1.00 46.06 ? 302 LEU A N   1 
ATOM   1060 C CA  . LEU A 1 160 ? -10.422 -1.143  9.835   1.00 46.22 ? 302 LEU A CA  1 
ATOM   1061 C C   . LEU A 1 160 ? -11.494 -0.067  9.744   1.00 47.16 ? 302 LEU A C   1 
ATOM   1062 O O   . LEU A 1 160 ? -12.695 -0.351  10.002  1.00 48.20 ? 302 LEU A O   1 
ATOM   1063 C CB  . LEU A 1 160 ? -10.441 -2.012  8.584   1.00 46.05 ? 302 LEU A CB  1 
ATOM   1064 C CG  . LEU A 1 160 ? -9.386  -1.809  7.519   1.00 45.44 ? 302 LEU A CG  1 
ATOM   1065 C CD1 . LEU A 1 160 ? -8.007  -1.724  8.152   1.00 45.82 ? 302 LEU A CD1 1 
ATOM   1066 C CD2 . LEU A 1 160 ? -9.465  -2.960  6.526   1.00 44.83 ? 302 LEU A CD2 1 
ATOM   1067 N N   . ASP A 1 161 ? -11.103 1.165   9.416   1.00 47.17 ? 303 ASP A N   1 
ATOM   1068 C CA  . ASP A 1 161 ? -12.116 2.159   9.106   1.00 47.56 ? 303 ASP A CA  1 
ATOM   1069 C C   . ASP A 1 161 ? -12.605 1.921   7.689   1.00 46.04 ? 303 ASP A C   1 
ATOM   1070 O O   . ASP A 1 161 ? -11.972 2.318   6.710   1.00 45.50 ? 303 ASP A O   1 
ATOM   1071 C CB  . ASP A 1 161 ? -11.648 3.591   9.268   1.00 48.95 ? 303 ASP A CB  1 
ATOM   1072 C CG  . ASP A 1 161 ? -12.795 4.582   9.088   1.00 50.38 ? 303 ASP A CG  1 
ATOM   1073 O OD1 . ASP A 1 161 ? -13.813 4.485   9.835   1.00 51.46 ? 303 ASP A OD1 1 
ATOM   1074 O OD2 . ASP A 1 161 ? -12.701 5.427   8.181   1.00 51.45 ? 303 ASP A OD2 1 
ATOM   1075 N N   . LEU A 1 162 ? -13.742 1.252   7.615   1.00 45.01 ? 304 LEU A N   1 
ATOM   1076 C CA  . LEU A 1 162 ? -14.346 0.852   6.367   1.00 43.60 ? 304 LEU A CA  1 
ATOM   1077 C C   . LEU A 1 162 ? -14.687 2.051   5.490   1.00 43.19 ? 304 LEU A C   1 
ATOM   1078 O O   . LEU A 1 162 ? -14.589 1.984   4.275   1.00 43.76 ? 304 LEU A O   1 
ATOM   1079 C CB  . LEU A 1 162 ? -15.616 0.066   6.688   1.00 43.19 ? 304 LEU A CB  1 
ATOM   1080 C CG  . LEU A 1 162 ? -16.496 -0.385  5.544   1.00 42.71 ? 304 LEU A CG  1 
ATOM   1081 C CD1 . LEU A 1 162 ? -15.689 -1.223  4.596   1.00 42.65 ? 304 LEU A CD1 1 
ATOM   1082 C CD2 . LEU A 1 162 ? -17.664 -1.162  6.102   1.00 42.46 ? 304 LEU A CD2 1 
ATOM   1083 N N   . TRP A 1 163 ? -15.068 3.151   6.113   1.00 42.25 ? 305 TRP A N   1 
ATOM   1084 C CA  . TRP A 1 163 ? -15.665 4.264   5.385   1.00 42.00 ? 305 TRP A CA  1 
ATOM   1085 C C   . TRP A 1 163 ? -14.643 5.191   4.748   1.00 42.23 ? 305 TRP A C   1 
ATOM   1086 O O   . TRP A 1 163 ? -14.992 6.043   3.920   1.00 41.72 ? 305 TRP A O   1 
ATOM   1087 C CB  . TRP A 1 163 ? -16.580 5.033   6.316   1.00 41.41 ? 305 TRP A CB  1 
ATOM   1088 C CG  . TRP A 1 163 ? -17.527 4.130   6.971   1.00 40.81 ? 305 TRP A CG  1 
ATOM   1089 C CD1 . TRP A 1 163 ? -17.576 3.809   8.297   1.00 40.68 ? 305 TRP A CD1 1 
ATOM   1090 C CD2 . TRP A 1 163 ? -18.539 3.371   6.331   1.00 40.55 ? 305 TRP A CD2 1 
ATOM   1091 N NE1 . TRP A 1 163 ? -18.584 2.909   8.524   1.00 40.79 ? 305 TRP A NE1 1 
ATOM   1092 C CE2 . TRP A 1 163 ? -19.195 2.625   7.329   1.00 40.66 ? 305 TRP A CE2 1 
ATOM   1093 C CE3 . TRP A 1 163 ? -18.974 3.260   5.006   1.00 40.57 ? 305 TRP A CE3 1 
ATOM   1094 C CZ2 . TRP A 1 163 ? -20.263 1.772   7.044   1.00 40.46 ? 305 TRP A CZ2 1 
ATOM   1095 C CZ3 . TRP A 1 163 ? -20.034 2.413   4.720   1.00 40.56 ? 305 TRP A CZ3 1 
ATOM   1096 C CH2 . TRP A 1 163 ? -20.667 1.678   5.736   1.00 40.48 ? 305 TRP A CH2 1 
ATOM   1097 N N   . SER A 1 164 ? -13.388 5.036   5.137   1.00 42.15 ? 306 SER A N   1 
ATOM   1098 C CA  . SER A 1 164 ? -12.311 5.731   4.463   1.00 42.99 ? 306 SER A CA  1 
ATOM   1099 C C   . SER A 1 164 ? -11.178 4.739   4.168   1.00 42.29 ? 306 SER A C   1 
ATOM   1100 O O   . SER A 1 164 ? -9.999  5.015   4.395   1.00 41.42 ? 306 SER A O   1 
ATOM   1101 C CB  . SER A 1 164 ? -11.834 6.913   5.300   1.00 43.48 ? 306 SER A CB  1 
ATOM   1102 O OG  . SER A 1 164 ? -11.198 6.460   6.474   1.00 44.75 ? 306 SER A OG  1 
ATOM   1103 N N   . PHE A 1 165 ? -11.560 3.578   3.651   1.00 41.84 ? 307 PHE A N   1 
ATOM   1104 C CA  . PHE A 1 165 ? -10.598 2.591   3.252   1.00 41.96 ? 307 PHE A CA  1 
ATOM   1105 C C   . PHE A 1 165 ? -9.720  3.137   2.141   1.00 43.48 ? 307 PHE A C   1 
ATOM   1106 O O   . PHE A 1 165 ? -8.495  2.985   2.187   1.00 44.04 ? 307 PHE A O   1 
ATOM   1107 C CB  . PHE A 1 165 ? -11.274 1.305   2.785   1.00 41.01 ? 307 PHE A CB  1 
ATOM   1108 C CG  . PHE A 1 165 ? -10.304 0.268   2.339   1.00 39.94 ? 307 PHE A CG  1 
ATOM   1109 C CD1 . PHE A 1 165 ? -9.451  -0.327  3.252   1.00 39.55 ? 307 PHE A CD1 1 
ATOM   1110 C CD2 . PHE A 1 165 ? -10.201 -0.078  1.002   1.00 39.68 ? 307 PHE A CD2 1 
ATOM   1111 C CE1 . PHE A 1 165 ? -8.513  -1.281  2.836   1.00 39.62 ? 307 PHE A CE1 1 
ATOM   1112 C CE2 . PHE A 1 165 ? -9.282  -1.033  0.584   1.00 39.50 ? 307 PHE A CE2 1 
ATOM   1113 C CZ  . PHE A 1 165 ? -8.433  -1.632  1.502   1.00 39.19 ? 307 PHE A CZ  1 
ATOM   1114 N N   . LEU A 1 166 ? -10.345 3.791   1.157   1.00 44.90 ? 308 LEU A N   1 
ATOM   1115 C CA  . LEU A 1 166 ? -9.623  4.344   -0.002  1.00 45.64 ? 308 LEU A CA  1 
ATOM   1116 C C   . LEU A 1 166 ? -8.386  5.168   0.440   1.00 46.19 ? 308 LEU A C   1 
ATOM   1117 O O   . LEU A 1 166 ? -7.399  5.248   -0.294  1.00 46.30 ? 308 LEU A O   1 
ATOM   1118 C CB  . LEU A 1 166 ? -10.544 5.205   -0.897  1.00 46.64 ? 308 LEU A CB  1 
ATOM   1119 C CG  . LEU A 1 166 ? -12.057 4.896   -1.068  1.00 47.58 ? 308 LEU A CG  1 
ATOM   1120 C CD1 . LEU A 1 166 ? -12.585 5.631   -2.291  1.00 47.80 ? 308 LEU A CD1 1 
ATOM   1121 C CD2 . LEU A 1 166 ? -12.386 3.414   -1.186  1.00 47.85 ? 308 LEU A CD2 1 
ATOM   1122 N N   . ASP A 1 167 ? -8.445  5.762   1.639   1.00 46.53 ? 309 ASP A N   1 
ATOM   1123 C CA  . ASP A 1 167 ? -7.290  6.476   2.222   1.00 47.29 ? 309 ASP A CA  1 
ATOM   1124 C C   . ASP A 1 167 ? -6.047  5.617   2.442   1.00 46.10 ? 309 ASP A C   1 
ATOM   1125 O O   . ASP A 1 167 ? -4.935  6.128   2.342   1.00 46.36 ? 309 ASP A O   1 
ATOM   1126 C CB  . ASP A 1 167 ? -7.659  7.134   3.571   1.00 49.21 ? 309 ASP A CB  1 
ATOM   1127 C CG  . ASP A 1 167 ? -8.215  8.554   3.414   1.00 51.02 ? 309 ASP A CG  1 
ATOM   1128 O OD1 . ASP A 1 167 ? -7.771  9.266   2.481   1.00 52.42 ? 309 ASP A OD1 1 
ATOM   1129 O OD2 . ASP A 1 167 ? -9.080  8.965   4.241   1.00 51.86 ? 309 ASP A OD2 1 
ATOM   1130 N N   . ILE A 1 168 ? -6.223  4.331   2.757   1.00 44.65 ? 310 ILE A N   1 
ATOM   1131 C CA  . ILE A 1 168 ? -5.078  3.470   3.098   1.00 43.41 ? 310 ILE A CA  1 
ATOM   1132 C C   . ILE A 1 168 ? -4.084  3.366   1.919   1.00 42.86 ? 310 ILE A C   1 
ATOM   1133 O O   . ILE A 1 168 ? -2.933  3.802   2.058   1.00 43.36 ? 310 ILE A O   1 
ATOM   1134 C CB  . ILE A 1 168 ? -5.519  2.082   3.643   1.00 43.37 ? 310 ILE A CB  1 
ATOM   1135 C CG1 . ILE A 1 168 ? -6.249  2.256   4.977   1.00 43.77 ? 310 ILE A CG1 1 
ATOM   1136 C CG2 . ILE A 1 168 ? -4.318  1.152   3.833   1.00 41.90 ? 310 ILE A CG2 1 
ATOM   1137 C CD1 . ILE A 1 168 ? -6.860  0.964   5.516   1.00 44.04 ? 310 ILE A CD1 1 
ATOM   1138 N N   . PRO A 1 169 ? -4.529  2.833   0.758   1.00 41.45 ? 311 PRO A N   1 
ATOM   1139 C CA  . PRO A 1 169 ? -3.674  2.846   -0.434  1.00 41.08 ? 311 PRO A CA  1 
ATOM   1140 C C   . PRO A 1 169 ? -3.257  4.248   -0.890  1.00 41.19 ? 311 PRO A C   1 
ATOM   1141 O O   . PRO A 1 169 ? -2.078  4.480   -1.149  1.00 41.08 ? 311 PRO A O   1 
ATOM   1142 C CB  . PRO A 1 169 ? -4.557  2.197   -1.507  1.00 41.15 ? 311 PRO A CB  1 
ATOM   1143 C CG  . PRO A 1 169 ? -5.578  1.438   -0.768  1.00 40.91 ? 311 PRO A CG  1 
ATOM   1144 C CD  . PRO A 1 169 ? -5.816  2.164   0.492   1.00 41.16 ? 311 PRO A CD  1 
ATOM   1145 N N   . ARG A 1 170 ? -4.220  5.164   -0.992  1.00 41.50 ? 312 ARG A N   1 
ATOM   1146 C CA  . ARG A 1 170 ? -3.938  6.532   -1.436  1.00 42.29 ? 312 ARG A CA  1 
ATOM   1147 C C   . ARG A 1 170 ? -2.816  7.144   -0.619  1.00 41.38 ? 312 ARG A C   1 
ATOM   1148 O O   . ARG A 1 170 ? -1.866  7.701   -1.180  1.00 41.06 ? 312 ARG A O   1 
ATOM   1149 C CB  . ARG A 1 170 ? -5.172  7.430   -1.312  1.00 44.21 ? 312 ARG A CB  1 
ATOM   1150 C CG  . ARG A 1 170 ? -4.941  8.890   -1.836  1.00 46.23 ? 312 ARG A CG  1 
ATOM   1151 C CD  . ARG A 1 170 ? -5.836  9.960   -1.163  1.00 47.79 ? 312 ARG A CD  1 
ATOM   1152 N NE  . ARG A 1 170 ? -7.133  10.094  -1.847  1.00 49.86 ? 312 ARG A NE  1 
ATOM   1153 C CZ  . ARG A 1 170 ? -8.332  9.738   -1.349  1.00 51.65 ? 312 ARG A CZ  1 
ATOM   1154 N NH1 . ARG A 1 170 ? -8.457  9.218   -0.120  1.00 52.35 ? 312 ARG A NH1 1 
ATOM   1155 N NH2 . ARG A 1 170 ? -9.433  9.913   -2.093  1.00 52.09 ? 312 ARG A NH2 1 
ATOM   1156 N N   . SER A 1 171 ? -2.941  7.054   0.706   1.00 40.31 ? 313 SER A N   1 
ATOM   1157 C CA  . SER A 1 171 ? -1.930  7.589   1.619   1.00 39.29 ? 313 SER A CA  1 
ATOM   1158 C C   . SER A 1 171 ? -0.570  7.032   1.288   1.00 38.76 ? 313 SER A C   1 
ATOM   1159 O O   . SER A 1 171 ? 0.412   7.763   1.262   1.00 37.69 ? 313 SER A O   1 
ATOM   1160 C CB  . SER A 1 171 ? -2.273  7.250   3.062   1.00 39.12 ? 313 SER A CB  1 
ATOM   1161 O OG  . SER A 1 171 ? -3.471  7.889   3.447   1.00 39.74 ? 313 SER A OG  1 
ATOM   1162 N N   . ARG A 1 172 ? -0.531  5.730   1.010   1.00 38.52 ? 314 ARG A N   1 
ATOM   1163 C CA  . ARG A 1 172 ? 0.716   5.030   0.779   1.00 38.78 ? 314 ARG A CA  1 
ATOM   1164 C C   . ARG A 1 172 ? 1.345   5.450   -0.541  1.00 38.82 ? 314 ARG A C   1 
ATOM   1165 O O   . ARG A 1 172 ? 2.555   5.740   -0.601  1.00 39.27 ? 314 ARG A O   1 
ATOM   1166 C CB  . ARG A 1 172 ? 0.484   3.518   0.801   1.00 39.16 ? 314 ARG A CB  1 
ATOM   1167 C CG  . ARG A 1 172 ? 1.745   2.674   0.624   1.00 39.54 ? 314 ARG A CG  1 
ATOM   1168 C CD  . ARG A 1 172 ? 2.734   2.852   1.761   1.00 40.02 ? 314 ARG A CD  1 
ATOM   1169 N NE  . ARG A 1 172 ? 4.001   2.186   1.449   1.00 41.15 ? 314 ARG A NE  1 
ATOM   1170 C CZ  . ARG A 1 172 ? 5.110   2.270   2.180   1.00 41.44 ? 314 ARG A CZ  1 
ATOM   1171 N NH1 . ARG A 1 172 ? 5.140   3.001   3.289   1.00 41.38 ? 314 ARG A NH1 1 
ATOM   1172 N NH2 . ARG A 1 172 ? 6.209   1.623   1.790   1.00 42.33 ? 314 ARG A NH2 1 
ATOM   1173 N N   . LEU A 1 173 ? 0.528   5.477   -1.593  1.00 37.81 ? 315 LEU A N   1 
ATOM   1174 C CA  . LEU A 1 173 ? 0.987   5.877   -2.919  1.00 36.87 ? 315 LEU A CA  1 
ATOM   1175 C C   . LEU A 1 173 ? 1.592   7.282   -2.885  1.00 36.54 ? 315 LEU A C   1 
ATOM   1176 O O   . LEU A 1 173 ? 2.650   7.517   -3.455  1.00 36.64 ? 315 LEU A O   1 
ATOM   1177 C CB  . LEU A 1 173 ? -0.164  5.797   -3.936  1.00 36.77 ? 315 LEU A CB  1 
ATOM   1178 C CG  . LEU A 1 173 ? -0.551  4.367   -4.346  1.00 36.50 ? 315 LEU A CG  1 
ATOM   1179 C CD1 . LEU A 1 173 ? -1.939  4.294   -4.924  1.00 36.20 ? 315 LEU A CD1 1 
ATOM   1180 C CD2 . LEU A 1 173 ? 0.447   3.821   -5.334  1.00 36.90 ? 315 LEU A CD2 1 
ATOM   1181 N N   . VAL A 1 174 ? 0.930   8.195   -2.185  1.00 35.99 ? 316 VAL A N   1 
ATOM   1182 C CA  . VAL A 1 174 ? 1.402   9.577   -2.060  1.00 35.76 ? 316 VAL A CA  1 
ATOM   1183 C C   . VAL A 1 174 ? 2.642   9.719   -1.153  1.00 36.00 ? 316 VAL A C   1 
ATOM   1184 O O   . VAL A 1 174 ? 3.275   10.771  -1.144  1.00 35.51 ? 316 VAL A O   1 
ATOM   1185 C CB  . VAL A 1 174 ? 0.259   10.497  -1.539  1.00 35.50 ? 316 VAL A CB  1 
ATOM   1186 C CG1 . VAL A 1 174 ? 0.782   11.870  -1.147  1.00 35.28 ? 316 VAL A CG1 1 
ATOM   1187 C CG2 . VAL A 1 174 ? -0.828  10.618  -2.594  1.00 34.65 ? 316 VAL A CG2 1 
ATOM   1188 N N   . LYS A 1 175 ? 2.985   8.664   -0.402  1.00 37.23 ? 317 LYS A N   1 
ATOM   1189 C CA  . LYS A 1 175 ? 4.123   8.697   0.566   1.00 37.67 ? 317 LYS A CA  1 
ATOM   1190 C C   . LYS A 1 175 ? 5.457   8.243   -0.076  1.00 37.73 ? 317 LYS A C   1 
ATOM   1191 O O   . LYS A 1 175 ? 6.537   8.621   0.394   1.00 37.31 ? 317 LYS A O   1 
ATOM   1192 C CB  . LYS A 1 175 ? 3.794   7.834   1.828   1.00 37.55 ? 317 LYS A CB  1 
ATOM   1193 C CG  . LYS A 1 175 ? 4.485   8.290   3.170   1.00 37.33 ? 317 LYS A CG  1 
ATOM   1194 C CD  . LYS A 1 175 ? 3.821   7.657   4.419   1.00 36.21 ? 317 LYS A CD  1 
ATOM   1195 N N   . TYR A 1 176 ? 5.372   7.459   -1.153  1.00 38.06 ? 318 TYR A N   1 
ATOM   1196 C CA  . TYR A 1 176 ? 6.573   6.913   -1.795  1.00 38.96 ? 318 TYR A CA  1 
ATOM   1197 C C   . TYR A 1 176 ? 7.625   7.972   -2.133  1.00 39.60 ? 318 TYR A C   1 
ATOM   1198 O O   . TYR A 1 176 ? 8.795   7.802   -1.788  1.00 41.50 ? 318 TYR A O   1 
ATOM   1199 C CB  . TYR A 1 176 ? 6.233   6.083   -3.048  1.00 38.39 ? 318 TYR A CB  1 
ATOM   1200 C CG  . TYR A 1 176 ? 5.695   4.702   -2.738  1.00 38.28 ? 318 TYR A CG  1 
ATOM   1201 C CD1 . TYR A 1 176 ? 6.439   3.791   -1.986  1.00 37.89 ? 318 TYR A CD1 1 
ATOM   1202 C CD2 . TYR A 1 176 ? 4.446   4.303   -3.200  1.00 38.22 ? 318 TYR A CD2 1 
ATOM   1203 C CE1 . TYR A 1 176 ? 5.946   2.535   -1.697  1.00 38.07 ? 318 TYR A CE1 1 
ATOM   1204 C CE2 . TYR A 1 176 ? 3.951   3.048   -2.919  1.00 38.49 ? 318 TYR A CE2 1 
ATOM   1205 C CZ  . TYR A 1 176 ? 4.702   2.172   -2.168  1.00 38.51 ? 318 TYR A CZ  1 
ATOM   1206 O OH  . TYR A 1 176 ? 4.192   0.937   -1.896  1.00 39.68 ? 318 TYR A OH  1 
ATOM   1207 N N   . PRO A 1 177 ? 7.224   9.069   -2.799  1.00 39.50 ? 319 PRO A N   1 
ATOM   1208 C CA  . PRO A 1 177 ? 8.221   10.120  -3.116  1.00 38.95 ? 319 PRO A CA  1 
ATOM   1209 C C   . PRO A 1 177 ? 9.016   10.636  -1.892  1.00 38.78 ? 319 PRO A C   1 
ATOM   1210 O O   . PRO A 1 177 ? 10.202  10.935  -2.012  1.00 38.66 ? 319 PRO A O   1 
ATOM   1211 C CB  . PRO A 1 177 ? 7.365   11.243  -3.719  1.00 38.30 ? 319 PRO A CB  1 
ATOM   1212 C CG  . PRO A 1 177 ? 6.165   10.563  -4.262  1.00 38.62 ? 319 PRO A CG  1 
ATOM   1213 C CD  . PRO A 1 177 ? 5.891   9.396   -3.348  1.00 39.31 ? 319 PRO A CD  1 
ATOM   1214 N N   . LEU A 1 178 ? 8.361   10.731  -0.735  1.00 38.46 ? 320 LEU A N   1 
ATOM   1215 C CA  . LEU A 1 178 ? 9.029   11.158  0.483   1.00 37.92 ? 320 LEU A CA  1 
ATOM   1216 C C   . LEU A 1 178 ? 9.995   10.086  0.960   1.00 37.15 ? 320 LEU A C   1 
ATOM   1217 O O   . LEU A 1 178 ? 11.139  10.385  1.299   1.00 37.35 ? 320 LEU A O   1 
ATOM   1218 C CB  . LEU A 1 178 ? 8.005   11.479  1.558   1.00 38.80 ? 320 LEU A CB  1 
ATOM   1219 C CG  . LEU A 1 178 ? 7.161   12.720  1.236   1.00 39.62 ? 320 LEU A CG  1 
ATOM   1220 C CD1 . LEU A 1 178 ? 5.863   12.721  2.034   1.00 40.00 ? 320 LEU A CD1 1 
ATOM   1221 C CD2 . LEU A 1 178 ? 7.973   14.031  1.486   1.00 40.05 ? 320 LEU A CD2 1 
ATOM   1222 N N   . LEU A 1 179 ? 9.530   8.833   0.971   1.00 36.37 ? 321 LEU A N   1 
ATOM   1223 C CA  . LEU A 1 179 ? 10.383  7.667   1.311   1.00 35.09 ? 321 LEU A CA  1 
ATOM   1224 C C   . LEU A 1 179 ? 11.641  7.565   0.426   1.00 35.17 ? 321 LEU A C   1 
ATOM   1225 O O   . LEU A 1 179 ? 12.732  7.342   0.929   1.00 35.80 ? 321 LEU A O   1 
ATOM   1226 C CB  . LEU A 1 179 ? 9.584   6.365   1.211   1.00 33.38 ? 321 LEU A CB  1 
ATOM   1227 C CG  . LEU A 1 179 ? 8.394   6.165   2.163   1.00 31.83 ? 321 LEU A CG  1 
ATOM   1228 C CD1 . LEU A 1 179 ? 7.756   4.791   1.902   1.00 30.76 ? 321 LEU A CD1 1 
ATOM   1229 C CD2 . LEU A 1 179 ? 8.827   6.305   3.604   1.00 29.95 ? 321 LEU A CD2 1 
ATOM   1230 N N   . LEU A 1 180 ? 11.467  7.735   -0.882  1.00 34.72 ? 322 LEU A N   1 
ATOM   1231 C CA  . LEU A 1 180 ? 12.579  7.711   -1.845  1.00 34.79 ? 322 LEU A CA  1 
ATOM   1232 C C   . LEU A 1 180 ? 13.568  8.866   -1.668  1.00 35.13 ? 322 LEU A C   1 
ATOM   1233 O O   . LEU A 1 180 ? 14.773  8.667   -1.794  1.00 34.62 ? 322 LEU A O   1 
ATOM   1234 C CB  . LEU A 1 180 ? 12.045  7.752   -3.282  1.00 34.60 ? 322 LEU A CB  1 
ATOM   1235 C CG  . LEU A 1 180 ? 11.232  6.543   -3.753  1.00 34.49 ? 322 LEU A CG  1 
ATOM   1236 C CD1 . LEU A 1 180 ? 10.516  6.858   -5.082  1.00 34.64 ? 322 LEU A CD1 1 
ATOM   1237 C CD2 . LEU A 1 180 ? 12.115  5.310   -3.885  1.00 33.46 ? 322 LEU A CD2 1 
ATOM   1238 N N   . LYS A 1 181 ? 13.054  10.076  -1.416  1.00 35.99 ? 323 LYS A N   1 
ATOM   1239 C CA  . LYS A 1 181 ? 13.912  11.272  -1.217  1.00 35.50 ? 323 LYS A CA  1 
ATOM   1240 C C   . LYS A 1 181 ? 14.714  11.134  0.097   1.00 36.15 ? 323 LYS A C   1 
ATOM   1241 O O   . LYS A 1 181 ? 15.845  11.608  0.199   1.00 36.20 ? 323 LYS A O   1 
ATOM   1242 C CB  . LYS A 1 181 ? 13.080  12.570  -1.238  1.00 32.96 ? 323 LYS A CB  1 
ATOM   1243 N N   . GLU A 1 182 ? 14.139  10.459  1.086   1.00 37.50 ? 324 GLU A N   1 
ATOM   1244 C CA  . GLU A 1 182 ? 14.835  10.228  2.342   1.00 38.89 ? 324 GLU A CA  1 
ATOM   1245 C C   . GLU A 1 182 ? 15.993  9.225   2.175   1.00 38.42 ? 324 GLU A C   1 
ATOM   1246 O O   . GLU A 1 182 ? 17.076  9.437   2.731   1.00 38.78 ? 324 GLU A O   1 
ATOM   1247 C CB  . GLU A 1 182 ? 13.857  9.759   3.419   1.00 40.94 ? 324 GLU A CB  1 
ATOM   1248 C CG  . GLU A 1 182 ? 14.429  9.754   4.843   1.00 43.19 ? 324 GLU A CG  1 
ATOM   1249 C CD  . GLU A 1 182 ? 14.965  11.130  5.302   1.00 46.08 ? 324 GLU A CD  1 
ATOM   1250 O OE1 . GLU A 1 182 ? 14.403  12.198  4.892   1.00 48.14 ? 324 GLU A OE1 1 
ATOM   1251 O OE2 . GLU A 1 182 ? 15.959  11.142  6.081   1.00 47.70 ? 324 GLU A OE2 1 
ATOM   1252 N N   . ILE A 1 183 ? 15.779  8.150   1.406   1.00 36.95 ? 325 ILE A N   1 
ATOM   1253 C CA  . ILE A 1 183 ? 16.868  7.192   1.106   1.00 36.58 ? 325 ILE A CA  1 
ATOM   1254 C C   . ILE A 1 183 ? 18.002  7.908   0.351   1.00 37.03 ? 325 ILE A C   1 
ATOM   1255 O O   . ILE A 1 183 ? 19.188  7.696   0.638   1.00 36.46 ? 325 ILE A O   1 
ATOM   1256 C CB  . ILE A 1 183 ? 16.373  5.945   0.280   1.00 35.60 ? 325 ILE A CB  1 
ATOM   1257 C CG1 . ILE A 1 183 ? 15.366  5.108   1.085   1.00 34.77 ? 325 ILE A CG1 1 
ATOM   1258 C CG2 . ILE A 1 183 ? 17.538  5.056   -0.125  1.00 34.76 ? 325 ILE A CG2 1 
ATOM   1259 C CD1 . ILE A 1 183 ? 14.523  4.175   0.220   1.00 33.22 ? 325 ILE A CD1 1 
ATOM   1260 N N   . LEU A 1 184 ? 17.614  8.775   -0.587  1.00 37.84 ? 326 LEU A N   1 
ATOM   1261 C CA  . LEU A 1 184 ? 18.563  9.495   -1.464  1.00 37.86 ? 326 LEU A CA  1 
ATOM   1262 C C   . LEU A 1 184 ? 19.335  10.568  -0.707  1.00 38.17 ? 326 LEU A C   1 
ATOM   1263 O O   . LEU A 1 184 ? 20.517  10.779  -0.966  1.00 38.53 ? 326 LEU A O   1 
ATOM   1264 C CB  . LEU A 1 184 ? 17.816  10.124  -2.644  1.00 37.01 ? 326 LEU A CB  1 
ATOM   1265 C CG  . LEU A 1 184 ? 18.659  10.795  -3.712  1.00 36.92 ? 326 LEU A CG  1 
ATOM   1266 C CD1 . LEU A 1 184 ? 19.671  9.814   -4.302  1.00 36.66 ? 326 LEU A CD1 1 
ATOM   1267 C CD2 . LEU A 1 184 ? 17.750  11.364  -4.783  1.00 36.32 ? 326 LEU A CD2 1 
ATOM   1268 N N   . LYS A 1 185 ? 18.654  11.239  0.227   1.00 38.59 ? 327 LYS A N   1 
ATOM   1269 C CA  . LYS A 1 185 ? 19.288  12.217  1.134   1.00 37.83 ? 327 LYS A CA  1 
ATOM   1270 C C   . LYS A 1 185 ? 20.548  11.654  1.797   1.00 37.24 ? 327 LYS A C   1 
ATOM   1271 O O   . LYS A 1 185 ? 21.490  12.397  2.053   1.00 37.55 ? 327 LYS A O   1 
ATOM   1272 C CB  . LYS A 1 185 ? 18.295  12.661  2.226   1.00 37.67 ? 327 LYS A CB  1 
ATOM   1273 C CG  . LYS A 1 185 ? 18.821  13.743  3.157   1.00 37.86 ? 327 LYS A CG  1 
ATOM   1274 C CD  . LYS A 1 185 ? 17.825  14.079  4.266   1.00 38.51 ? 327 LYS A CD  1 
ATOM   1275 C CE  . LYS A 1 185 ? 18.244  15.366  5.010   1.00 38.77 ? 327 LYS A CE  1 
ATOM   1276 N NZ  . LYS A 1 185 ? 17.396  15.682  6.219   1.00 38.57 ? 327 LYS A NZ  1 
ATOM   1277 N N   . HIS A 1 186 ? 20.548  10.347  2.079   1.00 36.89 ? 328 HIS A N   1 
ATOM   1278 C CA  . HIS A 1 186 ? 21.641  9.692   2.807   1.00 36.21 ? 328 HIS A CA  1 
ATOM   1279 C C   . HIS A 1 186 ? 22.490  8.761   1.933   1.00 36.22 ? 328 HIS A C   1 
ATOM   1280 O O   . HIS A 1 186 ? 23.317  8.007   2.461   1.00 35.46 ? 328 HIS A O   1 
ATOM   1281 C CB  . HIS A 1 186 ? 21.073  8.921   3.996   1.00 35.74 ? 328 HIS A CB  1 
ATOM   1282 C CG  . HIS A 1 186 ? 20.210  9.755   4.885   1.00 36.03 ? 328 HIS A CG  1 
ATOM   1283 N ND1 . HIS A 1 186 ? 20.647  10.932  5.452   1.00 37.39 ? 328 HIS A ND1 1 
ATOM   1284 C CD2 . HIS A 1 186 ? 18.931  9.593   5.295   1.00 36.40 ? 328 HIS A CD2 1 
ATOM   1285 C CE1 . HIS A 1 186 ? 19.674  11.458  6.179   1.00 37.15 ? 328 HIS A CE1 1 
ATOM   1286 N NE2 . HIS A 1 186 ? 18.623  10.663  6.102   1.00 36.55 ? 328 HIS A NE2 1 
ATOM   1287 N N   . THR A 1 187 ? 22.296  8.822   0.608   1.00 36.37 ? 329 THR A N   1 
ATOM   1288 C CA  . THR A 1 187 ? 23.076  8.002   -0.335  1.00 36.49 ? 329 THR A CA  1 
ATOM   1289 C C   . THR A 1 187 ? 24.374  8.740   -0.738  1.00 36.94 ? 329 THR A C   1 
ATOM   1290 O O   . THR A 1 187 ? 24.311  9.870   -1.214  1.00 36.58 ? 329 THR A O   1 
ATOM   1291 C CB  . THR A 1 187 ? 22.260  7.632   -1.614  1.00 36.20 ? 329 THR A CB  1 
ATOM   1292 O OG1 . THR A 1 187 ? 21.117  6.837   -1.261  1.00 35.97 ? 329 THR A OG1 1 
ATOM   1293 C CG2 . THR A 1 187 ? 23.124  6.832   -2.585  1.00 35.95 ? 329 THR A CG2 1 
ATOM   1294 N N   . PRO A 1 188 ? 25.554  8.097   -0.537  1.00 38.05 ? 330 PRO A N   1 
ATOM   1295 C CA  . PRO A 1 188 ? 26.879  8.682   -0.887  1.00 38.32 ? 330 PRO A CA  1 
ATOM   1296 C C   . PRO A 1 188 ? 26.984  9.198   -2.321  1.00 38.89 ? 330 PRO A C   1 
ATOM   1297 O O   . PRO A 1 188 ? 26.446  8.575   -3.236  1.00 38.64 ? 330 PRO A O   1 
ATOM   1298 C CB  . PRO A 1 188 ? 27.831  7.510   -0.695  1.00 37.89 ? 330 PRO A CB  1 
ATOM   1299 C CG  . PRO A 1 188 ? 27.172  6.658   0.325   1.00 37.56 ? 330 PRO A CG  1 
ATOM   1300 C CD  . PRO A 1 188 ? 25.704  6.807   0.168   1.00 37.44 ? 330 PRO A CD  1 
ATOM   1301 N N   . LYS A 1 189 ? 27.685  10.317  -2.503  1.00 39.88 ? 331 LYS A N   1 
ATOM   1302 C CA  . LYS A 1 189 ? 27.764  10.985  -3.809  1.00 40.82 ? 331 LYS A CA  1 
ATOM   1303 C C   . LYS A 1 189 ? 28.039  10.005  -4.969  1.00 42.29 ? 331 LYS A C   1 
ATOM   1304 O O   . LYS A 1 189 ? 27.357  10.053  -5.990  1.00 43.21 ? 331 LYS A O   1 
ATOM   1305 C CB  . LYS A 1 189 ? 28.830  12.092  -3.792  1.00 40.08 ? 331 LYS A CB  1 
ATOM   1306 N N   . GLU A 1 190 ? 29.011  9.104   -4.800  1.00 43.28 ? 332 GLU A N   1 
ATOM   1307 C CA  . GLU A 1 190 ? 29.485  8.258   -5.908  1.00 43.65 ? 332 GLU A CA  1 
ATOM   1308 C C   . GLU A 1 190 ? 28.841  6.865   -5.932  1.00 44.68 ? 332 GLU A C   1 
ATOM   1309 O O   . GLU A 1 190 ? 29.453  5.907   -6.400  1.00 45.39 ? 332 GLU A O   1 
ATOM   1310 C CB  . GLU A 1 190 ? 31.008  8.125   -5.836  1.00 43.66 ? 332 GLU A CB  1 
ATOM   1311 N N   . HIS A 1 191 ? 27.598  6.772   -5.458  1.00 45.54 ? 333 HIS A N   1 
ATOM   1312 C CA  . HIS A 1 191 ? 26.881  5.493   -5.314  1.00 45.67 ? 333 HIS A CA  1 
ATOM   1313 C C   . HIS A 1 191 ? 25.887  5.284   -6.479  1.00 45.44 ? 333 HIS A C   1 
ATOM   1314 O O   . HIS A 1 191 ? 25.238  6.240   -6.913  1.00 45.20 ? 333 HIS A O   1 
ATOM   1315 C CB  . HIS A 1 191 ? 26.121  5.507   -3.988  1.00 46.26 ? 333 HIS A CB  1 
ATOM   1316 C CG  . HIS A 1 191 ? 25.719  4.154   -3.498  1.00 46.97 ? 333 HIS A CG  1 
ATOM   1317 N ND1 . HIS A 1 191 ? 24.580  3.513   -3.930  1.00 47.43 ? 333 HIS A ND1 1 
ATOM   1318 C CD2 . HIS A 1 191 ? 26.289  3.332   -2.586  1.00 47.18 ? 333 HIS A CD2 1 
ATOM   1319 C CE1 . HIS A 1 191 ? 24.470  2.349   -3.315  1.00 47.48 ? 333 HIS A CE1 1 
ATOM   1320 N NE2 . HIS A 1 191 ? 25.497  2.214   -2.497  1.00 47.58 ? 333 HIS A NE2 1 
ATOM   1321 N N   . PRO A 1 192 ? 25.758  4.036   -6.987  1.00 45.18 ? 334 PRO A N   1 
ATOM   1322 C CA  . PRO A 1 192 ? 24.822  3.773   -8.102  1.00 45.47 ? 334 PRO A CA  1 
ATOM   1323 C C   . PRO A 1 192 ? 23.345  4.100   -7.791  1.00 45.79 ? 334 PRO A C   1 
ATOM   1324 O O   . PRO A 1 192 ? 22.586  4.465   -8.695  1.00 45.90 ? 334 PRO A O   1 
ATOM   1325 C CB  . PRO A 1 192 ? 24.987  2.267   -8.351  1.00 45.45 ? 334 PRO A CB  1 
ATOM   1326 C CG  . PRO A 1 192 ? 26.305  1.922   -7.776  1.00 45.31 ? 334 PRO A CG  1 
ATOM   1327 C CD  . PRO A 1 192 ? 26.482  2.814   -6.595  1.00 45.22 ? 334 PRO A CD  1 
ATOM   1328 N N   . ASP A 1 193 ? 22.956  3.960   -6.527  1.00 46.01 ? 335 ASP A N   1 
ATOM   1329 C CA  . ASP A 1 193 ? 21.609  4.320   -6.075  1.00 46.41 ? 335 ASP A CA  1 
ATOM   1330 C C   . ASP A 1 193 ? 21.237  5.780   -6.316  1.00 45.75 ? 335 ASP A C   1 
ATOM   1331 O O   . ASP A 1 193 ? 20.062  6.090   -6.416  1.00 47.42 ? 335 ASP A O   1 
ATOM   1332 C CB  . ASP A 1 193 ? 21.416  3.997   -4.572  1.00 47.41 ? 335 ASP A CB  1 
ATOM   1333 C CG  . ASP A 1 193 ? 20.746  2.635   -4.331  1.00 48.71 ? 335 ASP A CG  1 
ATOM   1334 O OD1 . ASP A 1 193 ? 20.576  1.852   -5.301  1.00 48.71 ? 335 ASP A OD1 1 
ATOM   1335 O OD2 . ASP A 1 193 ? 20.368  2.356   -3.161  1.00 49.77 ? 335 ASP A OD2 1 
ATOM   1336 N N   . VAL A 1 194 ? 22.209  6.678   -6.397  1.00 43.77 ? 336 VAL A N   1 
ATOM   1337 C CA  . VAL A 1 194 ? 21.882  8.082   -6.611  1.00 43.11 ? 336 VAL A CA  1 
ATOM   1338 C C   . VAL A 1 194 ? 21.079  8.249   -7.928  1.00 43.51 ? 336 VAL A C   1 
ATOM   1339 O O   . VAL A 1 194 ? 19.959  8.773   -7.908  1.00 44.20 ? 336 VAL A O   1 
ATOM   1340 C CB  . VAL A 1 194 ? 23.143  8.993   -6.603  1.00 42.15 ? 336 VAL A CB  1 
ATOM   1341 C CG1 . VAL A 1 194 ? 22.764  10.439  -6.909  1.00 41.26 ? 336 VAL A CG1 1 
ATOM   1342 C CG2 . VAL A 1 194 ? 23.866  8.903   -5.264  1.00 40.89 ? 336 VAL A CG2 1 
ATOM   1343 N N   . GLN A 1 195 ? 21.647  7.783   -9.047  1.00 43.25 ? 337 GLN A N   1 
ATOM   1344 C CA  . GLN A 1 195 ? 20.971  7.857   -10.365 1.00 42.59 ? 337 GLN A CA  1 
ATOM   1345 C C   . GLN A 1 195 ? 19.646  7.098   -10.341 1.00 42.27 ? 337 GLN A C   1 
ATOM   1346 O O   . GLN A 1 195 ? 18.603  7.621   -10.750 1.00 42.79 ? 337 GLN A O   1 
ATOM   1347 C CB  . GLN A 1 195 ? 21.871  7.318   -11.510 1.00 42.05 ? 337 GLN A CB  1 
ATOM   1348 C CG  . GLN A 1 195 ? 22.479  8.412   -12.400 1.00 41.86 ? 337 GLN A CG  1 
ATOM   1349 N N   . LEU A 1 196 ? 19.691  5.869   -9.845  1.00 41.05 ? 338 LEU A N   1 
ATOM   1350 C CA  . LEU A 1 196 ? 18.521  5.017   -9.841  1.00 39.79 ? 338 LEU A CA  1 
ATOM   1351 C C   . LEU A 1 196 ? 17.411  5.615   -8.987  1.00 40.07 ? 338 LEU A C   1 
ATOM   1352 O O   . LEU A 1 196 ? 16.263  5.670   -9.429  1.00 41.07 ? 338 LEU A O   1 
ATOM   1353 C CB  . LEU A 1 196 ? 18.888  3.614   -9.356  1.00 39.53 ? 338 LEU A CB  1 
ATOM   1354 C CG  . LEU A 1 196 ? 19.754  2.792   -10.326 1.00 38.67 ? 338 LEU A CG  1 
ATOM   1355 C CD1 . LEU A 1 196 ? 20.342  1.571   -9.636  1.00 37.96 ? 338 LEU A CD1 1 
ATOM   1356 C CD2 . LEU A 1 196 ? 18.946  2.387   -11.547 1.00 38.30 ? 338 LEU A CD2 1 
ATOM   1357 N N   . LEU A 1 197 ? 17.749  6.081   -7.781  1.00 39.94 ? 339 LEU A N   1 
ATOM   1358 C CA  . LEU A 1 197 ? 16.752  6.713   -6.887  1.00 39.14 ? 339 LEU A CA  1 
ATOM   1359 C C   . LEU A 1 197 ? 16.205  7.993   -7.498  1.00 38.61 ? 339 LEU A C   1 
ATOM   1360 O O   . LEU A 1 197 ? 14.998  8.227   -7.443  1.00 38.57 ? 339 LEU A O   1 
ATOM   1361 C CB  . LEU A 1 197 ? 17.324  7.009   -5.487  1.00 39.21 ? 339 LEU A CB  1 
ATOM   1362 C CG  . LEU A 1 197 ? 17.499  5.826   -4.522  1.00 39.36 ? 339 LEU A CG  1 
ATOM   1363 C CD1 . LEU A 1 197 ? 18.226  6.279   -3.239  1.00 39.54 ? 339 LEU A CD1 1 
ATOM   1364 C CD2 . LEU A 1 197 ? 16.160  5.179   -4.188  1.00 38.12 ? 339 LEU A CD2 1 
ATOM   1365 N N   . GLU A 1 198 ? 17.092  8.820   -8.067  1.00 38.00 ? 340 GLU A N   1 
ATOM   1366 C CA  . GLU A 1 198 ? 16.667  9.997   -8.838  1.00 38.01 ? 340 GLU A CA  1 
ATOM   1367 C C   . GLU A 1 198 ? 15.666  9.577   -9.921  1.00 38.31 ? 340 GLU A C   1 
ATOM   1368 O O   . GLU A 1 198 ? 14.614  10.201  -10.073 1.00 38.71 ? 340 GLU A O   1 
ATOM   1369 C CB  . GLU A 1 198 ? 17.863  10.739  -9.474  1.00 37.93 ? 340 GLU A CB  1 
ATOM   1370 C CG  . GLU A 1 198 ? 18.485  11.849  -8.595  1.00 37.79 ? 340 GLU A CG  1 
ATOM   1371 N N   . ASP A 1 199 ? 15.979  8.502   -10.647 1.00 38.42 ? 341 ASP A N   1 
ATOM   1372 C CA  . ASP A 1 199 ? 15.081  8.005   -11.703 1.00 38.49 ? 341 ASP A CA  1 
ATOM   1373 C C   . ASP A 1 199 ? 13.778  7.381   -11.134 1.00 38.38 ? 341 ASP A C   1 
ATOM   1374 O O   . ASP A 1 199 ? 12.702  7.533   -11.733 1.00 38.17 ? 341 ASP A O   1 
ATOM   1375 C CB  . ASP A 1 199 ? 15.819  7.034   -12.654 1.00 38.58 ? 341 ASP A CB  1 
ATOM   1376 C CG  . ASP A 1 199 ? 16.629  7.774   -13.742 1.00 38.58 ? 341 ASP A CG  1 
ATOM   1377 N N   . ALA A 1 200 ? 13.872  6.713   -9.981  1.00 37.51 ? 342 ALA A N   1 
ATOM   1378 C CA  . ALA A 1 200 ? 12.688  6.177   -9.296  1.00 37.15 ? 342 ALA A CA  1 
ATOM   1379 C C   . ALA A 1 200 ? 11.720  7.286   -8.806  1.00 37.62 ? 342 ALA A C   1 
ATOM   1380 O O   . ALA A 1 200 ? 10.495  7.134   -8.892  1.00 38.62 ? 342 ALA A O   1 
ATOM   1381 C CB  . ALA A 1 200 ? 13.106  5.306   -8.143  1.00 36.67 ? 342 ALA A CB  1 
ATOM   1382 N N   . ILE A 1 201 ? 12.259  8.390   -8.292  1.00 37.10 ? 343 ILE A N   1 
ATOM   1383 C CA  . ILE A 1 201 ? 11.419  9.522   -7.869  1.00 36.61 ? 343 ILE A CA  1 
ATOM   1384 C C   . ILE A 1 201 ? 10.593  10.045  -9.044  1.00 37.64 ? 343 ILE A C   1 
ATOM   1385 O O   . ILE A 1 201 ? 9.405   10.360  -8.887  1.00 38.20 ? 343 ILE A O   1 
ATOM   1386 C CB  . ILE A 1 201 ? 12.260  10.670  -7.267  1.00 35.85 ? 343 ILE A CB  1 
ATOM   1387 C CG1 . ILE A 1 201 ? 12.792  10.257  -5.889  1.00 35.29 ? 343 ILE A CG1 1 
ATOM   1388 C CG2 . ILE A 1 201 ? 11.428  11.936  -7.135  1.00 34.62 ? 343 ILE A CG2 1 
ATOM   1389 C CD1 . ILE A 1 201 ? 13.894  11.151  -5.359  1.00 34.13 ? 343 ILE A CD1 1 
ATOM   1390 N N   . LEU A 1 202 ? 11.230  10.124  -10.217 1.00 38.36 ? 344 LEU A N   1 
ATOM   1391 C CA  . LEU A 1 202 ? 10.535  10.474  -11.473 1.00 38.56 ? 344 LEU A CA  1 
ATOM   1392 C C   . LEU A 1 202 ? 9.456   9.434   -11.870 1.00 38.63 ? 344 LEU A C   1 
ATOM   1393 O O   . LEU A 1 202 ? 8.358   9.811   -12.291 1.00 39.36 ? 344 LEU A O   1 
ATOM   1394 C CB  . LEU A 1 202 ? 11.541  10.682  -12.632 1.00 38.26 ? 344 LEU A CB  1 
ATOM   1395 C CG  . LEU A 1 202 ? 12.422  11.951  -12.600 1.00 37.74 ? 344 LEU A CG  1 
ATOM   1396 C CD1 . LEU A 1 202 ? 13.423  11.964  -13.765 1.00 36.52 ? 344 LEU A CD1 1 
ATOM   1397 C CD2 . LEU A 1 202 ? 11.570  13.215  -12.609 1.00 36.97 ? 344 LEU A CD2 1 
ATOM   1398 N N   . ILE A 1 203 ? 9.760   8.143   -11.721 1.00 38.29 ? 345 ILE A N   1 
ATOM   1399 C CA  . ILE A 1 203 ? 8.764   7.093   -11.985 1.00 38.21 ? 345 ILE A CA  1 
ATOM   1400 C C   . ILE A 1 203 ? 7.520   7.277   -11.076 1.00 39.09 ? 345 ILE A C   1 
ATOM   1401 O O   . ILE A 1 203 ? 6.393   7.352   -11.590 1.00 39.63 ? 345 ILE A O   1 
ATOM   1402 C CB  . ILE A 1 203 ? 9.346   5.656   -11.787 1.00 38.20 ? 345 ILE A CB  1 
ATOM   1403 C CG1 . ILE A 1 203 ? 10.483  5.361   -12.776 1.00 37.82 ? 345 ILE A CG1 1 
ATOM   1404 C CG2 . ILE A 1 203 ? 8.245   4.601   -11.941 1.00 38.21 ? 345 ILE A CG2 1 
ATOM   1405 C CD1 . ILE A 1 203 ? 10.017  5.111   -14.198 1.00 38.10 ? 345 ILE A CD1 1 
ATOM   1406 N N   . ILE A 1 204 ? 7.735   7.364   -9.747  1.00 39.00 ? 346 ILE A N   1 
ATOM   1407 C CA  . ILE A 1 204 ? 6.631   7.542   -8.775  1.00 39.08 ? 346 ILE A CA  1 
ATOM   1408 C C   . ILE A 1 204 ? 5.805   8.769   -9.144  1.00 40.09 ? 346 ILE A C   1 
ATOM   1409 O O   . ILE A 1 204 ? 4.582   8.722   -9.103  1.00 40.50 ? 346 ILE A O   1 
ATOM   1410 C CB  . ILE A 1 204 ? 7.127   7.686   -7.308  1.00 37.42 ? 346 ILE A CB  1 
ATOM   1411 N N   . GLN A 1 205 ? 6.476   9.856   -9.536  1.00 40.67 ? 347 GLN A N   1 
ATOM   1412 C CA  . GLN A 1 205 ? 5.783   11.118  -9.871  1.00 41.40 ? 347 GLN A CA  1 
ATOM   1413 C C   . GLN A 1 205 ? 4.911   10.998  -11.115 1.00 40.48 ? 347 GLN A C   1 
ATOM   1414 O O   . GLN A 1 205 ? 3.836   11.604  -11.191 1.00 40.08 ? 347 GLN A O   1 
ATOM   1415 C CB  . GLN A 1 205 ? 6.787   12.260  -10.062 1.00 42.68 ? 347 GLN A CB  1 
ATOM   1416 C CG  . GLN A 1 205 ? 7.394   12.814  -8.756  1.00 43.99 ? 347 GLN A CG  1 
ATOM   1417 C CD  . GLN A 1 205 ? 8.494   13.887  -9.004  1.00 45.21 ? 347 GLN A CD  1 
ATOM   1418 O OE1 . GLN A 1 205 ? 8.761   14.287  -10.155 1.00 45.59 ? 347 GLN A OE1 1 
ATOM   1419 N NE2 . GLN A 1 205 ? 9.125   14.352  -7.917  1.00 45.30 ? 347 GLN A NE2 1 
ATOM   1420 N N   . GLY A 1 206 ? 5.380   10.233  -12.093 1.00 40.04 ? 348 GLY A N   1 
ATOM   1421 C CA  . GLY A 1 206 ? 4.596   9.964   -13.290 1.00 40.07 ? 348 GLY A CA  1 
ATOM   1422 C C   . GLY A 1 206 ? 3.360   9.146   -12.951 1.00 40.23 ? 348 GLY A C   1 
ATOM   1423 O O   . GLY A 1 206 ? 2.239   9.525   -13.290 1.00 40.19 ? 348 GLY A O   1 
ATOM   1424 N N   . VAL A 1 207 ? 3.574   8.037   -12.249 1.00 40.07 ? 349 VAL A N   1 
ATOM   1425 C CA  . VAL A 1 207 ? 2.494   7.117   -11.862 1.00 39.94 ? 349 VAL A CA  1 
ATOM   1426 C C   . VAL A 1 207 ? 1.343   7.808   -11.112 1.00 40.76 ? 349 VAL A C   1 
ATOM   1427 O O   . VAL A 1 207 ? 0.177   7.450   -11.286 1.00 40.69 ? 349 VAL A O   1 
ATOM   1428 C CB  . VAL A 1 207 ? 3.045   5.964   -10.975 1.00 39.30 ? 349 VAL A CB  1 
ATOM   1429 C CG1 . VAL A 1 207 ? 1.927   5.017   -10.557 1.00 38.36 ? 349 VAL A CG1 1 
ATOM   1430 C CG2 . VAL A 1 207 ? 4.161   5.207   -11.711 1.00 38.67 ? 349 VAL A CG2 1 
ATOM   1431 N N   . LEU A 1 208 ? 1.682   8.792   -10.279 1.00 41.90 ? 350 LEU A N   1 
ATOM   1432 C CA  . LEU A 1 208 ? 0.688   9.544   -9.498  1.00 42.39 ? 350 LEU A CA  1 
ATOM   1433 C C   . LEU A 1 208 ? -0.247  10.364  -10.378 1.00 43.86 ? 350 LEU A C   1 
ATOM   1434 O O   . LEU A 1 208 ? -1.462  10.366  -10.162 1.00 43.92 ? 350 LEU A O   1 
ATOM   1435 C CB  . LEU A 1 208 ? 1.383   10.478  -8.498  1.00 41.68 ? 350 LEU A CB  1 
ATOM   1436 C CG  . LEU A 1 208 ? 2.124   9.812   -7.343  1.00 41.35 ? 350 LEU A CG  1 
ATOM   1437 C CD1 . LEU A 1 208 ? 3.037   10.816  -6.668  1.00 40.97 ? 350 LEU A CD1 1 
ATOM   1438 C CD2 . LEU A 1 208 ? 1.149   9.192   -6.344  1.00 40.90 ? 350 LEU A CD2 1 
ATOM   1439 N N   . SER A 1 209 ? 0.324   11.068  -11.359 1.00 46.01 ? 351 SER A N   1 
ATOM   1440 C CA  . SER A 1 209 ? -0.464  11.906  -12.285 1.00 47.87 ? 351 SER A CA  1 
ATOM   1441 C C   . SER A 1 209 ? -1.386  11.066  -13.184 1.00 49.06 ? 351 SER A C   1 
ATOM   1442 O O   . SER A 1 209 ? -2.448  11.541  -13.619 1.00 49.80 ? 351 SER A O   1 
ATOM   1443 C CB  . SER A 1 209 ? 0.453   12.798  -13.150 1.00 47.87 ? 351 SER A CB  1 
ATOM   1444 O OG  . SER A 1 209 ? 1.222   12.031  -14.060 1.00 47.94 ? 351 SER A OG  1 
ATOM   1445 N N   . ASP A 1 210 ? -0.984  9.819   -13.436 1.00 49.99 ? 352 ASP A N   1 
ATOM   1446 C CA  . ASP A 1 210 ? -1.767  8.892   -14.256 1.00 50.96 ? 352 ASP A CA  1 
ATOM   1447 C C   . ASP A 1 210 ? -2.980  8.311   -13.516 1.00 51.78 ? 352 ASP A C   1 
ATOM   1448 O O   . ASP A 1 210 ? -3.576  7.338   -13.989 1.00 52.36 ? 352 ASP A O   1 
ATOM   1449 C CB  . ASP A 1 210 ? -0.889  7.725   -14.734 1.00 51.34 ? 352 ASP A CB  1 
ATOM   1450 C CG  . ASP A 1 210 ? 0.412   8.183   -15.359 1.00 51.79 ? 352 ASP A CG  1 
ATOM   1451 O OD1 . ASP A 1 210 ? 0.419   9.243   -16.031 1.00 51.26 ? 352 ASP A OD1 1 
ATOM   1452 O OD2 . ASP A 1 210 ? 1.433   7.475   -15.166 1.00 52.19 ? 352 ASP A OD2 1 
ATOM   1453 N N   . ILE A 1 211 ? -3.324  8.863   -12.345 1.00 52.07 ? 353 ILE A N   1 
ATOM   1454 C CA  . ILE A 1 211 ? -4.556  8.466   -11.646 1.00 51.69 ? 353 ILE A CA  1 
ATOM   1455 C C   . ILE A 1 211 ? -5.336  9.636   -10.996 1.00 52.00 ? 353 ILE A C   1 
ATOM   1456 O O   . ILE A 1 211 ? -6.565  9.584   -10.909 1.00 52.65 ? 353 ILE A O   1 
ATOM   1457 C CB  . ILE A 1 211 ? -4.295  7.378   -10.589 1.00 51.04 ? 353 ILE A CB  1 
ATOM   1458 C CG1 . ILE A 1 211 ? -3.126  6.456   -10.999 1.00 50.04 ? 353 ILE A CG1 1 
ATOM   1459 C CG2 . ILE A 1 211 ? -5.581  6.572   -10.374 1.00 51.58 ? 353 ILE A CG2 1 
ATOM   1460 C CD1 . ILE A 1 211 ? -2.652  5.555   -9.899  1.00 49.09 ? 353 ILE A CD1 1 
ATOM   1461 N N   . ASN A 1 212 ? -4.629  10.677  -10.551 1.00 52.02 ? 354 ASN A N   1 
ATOM   1462 C CA  . ASN A 1 212 ? -5.278  11.858  -9.963  1.00 52.06 ? 354 ASN A CA  1 
ATOM   1463 C C   . ASN A 1 212 ? -6.073  12.650  -11.004 1.00 51.85 ? 354 ASN A C   1 
ATOM   1464 O O   . ASN A 1 212 ? -5.528  13.071  -12.025 1.00 51.60 ? 354 ASN A O   1 
ATOM   1465 C CB  . ASN A 1 212 ? -4.238  12.772  -9.312  1.00 52.01 ? 354 ASN A CB  1 
ATOM   1466 C CG  . ASN A 1 212 ? -3.424  12.065  -8.265  1.00 51.90 ? 354 ASN A CG  1 
ATOM   1467 O OD1 . ASN A 1 212 ? -3.943  11.250  -7.503  1.00 51.70 ? 354 ASN A OD1 1 
ATOM   1468 N ND2 . ASN A 1 212 ? -2.136  12.361  -8.223  1.00 52.06 ? 354 ASN A ND2 1 
HETATM 1469 X UNK . UNX B 2 .   ? -15.672 0.147   10.225  0.01 2.00  ? 1   UNX A UNK 1 
# 
loop_
_pdbx_poly_seq_scheme.asym_id 
_pdbx_poly_seq_scheme.entity_id 
_pdbx_poly_seq_scheme.seq_id 
_pdbx_poly_seq_scheme.mon_id 
_pdbx_poly_seq_scheme.ndb_seq_num 
_pdbx_poly_seq_scheme.pdb_seq_num 
_pdbx_poly_seq_scheme.auth_seq_num 
_pdbx_poly_seq_scheme.pdb_mon_id 
_pdbx_poly_seq_scheme.auth_mon_id 
_pdbx_poly_seq_scheme.pdb_strand_id 
_pdbx_poly_seq_scheme.pdb_ins_code 
_pdbx_poly_seq_scheme.hetero 
A 1 1   MET 1   143 ?   ?   ?   A . n 
A 1 2   HIS 2   144 ?   ?   ?   A . n 
A 1 3   HIS 3   145 ?   ?   ?   A . n 
A 1 4   HIS 4   146 ?   ?   ?   A . n 
A 1 5   HIS 5   147 ?   ?   ?   A . n 
A 1 6   HIS 6   148 ?   ?   ?   A . n 
A 1 7   HIS 7   149 ?   ?   ?   A . n 
A 1 8   SER 8   150 ?   ?   ?   A . n 
A 1 9   SER 9   151 ?   ?   ?   A . n 
A 1 10  GLY 10  152 ?   ?   ?   A . n 
A 1 11  ARG 11  153 ?   ?   ?   A . n 
A 1 12  GLU 12  154 ?   ?   ?   A . n 
A 1 13  ASN 13  155 ?   ?   ?   A . n 
A 1 14  LEU 14  156 ?   ?   ?   A . n 
A 1 15  TYR 15  157 ?   ?   ?   A . n 
A 1 16  PHE 16  158 ?   ?   ?   A . n 
A 1 17  GLN 17  159 ?   ?   ?   A . n 
A 1 18  GLY 18  160 ?   ?   ?   A . n 
A 1 19  ASP 19  161 ?   ?   ?   A . n 
A 1 20  ILE 20  162 ?   ?   ?   A . n 
A 1 21  THR 21  163 ?   ?   ?   A . n 
A 1 22  MET 22  164 ?   ?   ?   A . n 
A 1 23  LYS 23  165 ?   ?   ?   A . n 
A 1 24  GLU 24  166 ?   ?   ?   A . n 
A 1 25  SER 25  167 ?   ?   ?   A . n 
A 1 26  LEU 26  168 168 LEU LEU A . n 
A 1 27  THR 27  169 169 THR THR A . n 
A 1 28  THR 28  170 170 THR THR A . n 
A 1 29  ARG 29  171 171 ARG ARG A . n 
A 1 30  GLU 30  172 172 GLU GLU A . n 
A 1 31  ILE 31  173 173 ILE ILE A . n 
A 1 32  ARG 32  174 174 ARG ARG A . n 
A 1 33  ARG 33  175 175 ARG ARG A . n 
A 1 34  GLN 34  176 176 GLN GLN A . n 
A 1 35  GLU 35  177 177 GLU GLU A . n 
A 1 36  ALA 36  178 178 ALA ALA A . n 
A 1 37  ILE 37  179 179 ILE ILE A . n 
A 1 38  TYR 38  180 180 TYR TYR A . n 
A 1 39  GLU 39  181 181 GLU GLU A . n 
A 1 40  MET 40  182 182 MET MET A . n 
A 1 41  SER 41  183 183 SER SER A . n 
A 1 42  ARG 42  184 184 ARG ARG A . n 
A 1 43  GLY 43  185 185 GLY GLY A . n 
A 1 44  GLU 44  186 186 GLU GLU A . n 
A 1 45  GLN 45  187 187 GLN GLN A . n 
A 1 46  ASP 46  188 188 ASP ASP A . n 
A 1 47  LEU 47  189 189 LEU LEU A . n 
A 1 48  ILE 48  190 190 ILE ILE A . n 
A 1 49  GLU 49  191 191 GLU GLU A . n 
A 1 50  ASP 50  192 192 ASP ASP A . n 
A 1 51  LEU 51  193 193 LEU LEU A . n 
A 1 52  LYS 52  194 194 LYS LYS A . n 
A 1 53  LEU 53  195 195 LEU LEU A . n 
A 1 54  ALA 54  196 196 ALA ALA A . n 
A 1 55  ARG 55  197 197 ARG ARG A . n 
A 1 56  LYS 56  198 198 LYS LYS A . n 
A 1 57  ALA 57  199 199 ALA ALA A . n 
A 1 58  TYR 58  200 200 TYR TYR A . n 
A 1 59  HIS 59  201 201 HIS HIS A . n 
A 1 60  ASP 60  202 202 ASP ASP A . n 
A 1 61  PRO 61  203 203 PRO PRO A . n 
A 1 62  MET 62  204 204 MET MET A . n 
A 1 63  LEU 63  205 205 LEU LEU A . n 
A 1 64  LYS 64  206 206 LYS LYS A . n 
A 1 65  LEU 65  207 207 LEU LEU A . n 
A 1 66  SER 66  208 208 SER SER A . n 
A 1 67  ILE 67  209 209 ILE ILE A . n 
A 1 68  MET 68  210 210 MET MET A . n 
A 1 69  SER 69  211 211 SER SER A . n 
A 1 70  GLU 70  212 212 GLU GLU A . n 
A 1 71  GLU 71  213 213 GLU GLU A . n 
A 1 72  GLU 72  214 214 GLU GLU A . n 
A 1 73  LEU 73  215 215 LEU LEU A . n 
A 1 74  THR 74  216 216 THR THR A . n 
A 1 75  HIS 75  217 217 HIS HIS A . n 
A 1 76  ILE 76  218 218 ILE ILE A . n 
A 1 77  PHE 77  219 219 PHE PHE A . n 
A 1 78  GLY 78  220 220 GLY GLY A . n 
A 1 79  ASP 79  221 221 ASP ASP A . n 
A 1 80  LEU 80  222 222 LEU LEU A . n 
A 1 81  ASP 81  223 223 ASP ASP A . n 
A 1 82  SER 82  224 224 SER SER A . n 
A 1 83  TYR 83  225 225 TYR TYR A . n 
A 1 84  ILE 84  226 226 ILE ILE A . n 
A 1 85  PRO 85  227 227 PRO PRO A . n 
A 1 86  LEU 86  228 228 LEU LEU A . n 
A 1 87  HIS 87  229 229 HIS HIS A . n 
A 1 88  GLU 88  230 230 GLU GLU A . n 
A 1 89  ASP 89  231 231 ASP ASP A . n 
A 1 90  LEU 90  232 232 LEU LEU A . n 
A 1 91  LEU 91  233 233 LEU LEU A . n 
A 1 92  THR 92  234 234 THR THR A . n 
A 1 93  ARG 93  235 235 ARG ARG A . n 
A 1 94  ILE 94  236 236 ILE ILE A . n 
A 1 95  GLY 95  237 237 GLY GLY A . n 
A 1 96  GLU 96  238 238 GLU GLU A . n 
A 1 97  ALA 97  239 239 ALA ALA A . n 
A 1 98  THR 98  240 240 THR THR A . n 
A 1 99  LYS 99  241 241 LYS LYS A . n 
A 1 100 PRO 100 242 242 PRO PRO A . n 
A 1 101 ASP 101 243 243 ASP ASP A . n 
A 1 102 GLY 102 244 244 GLY GLY A . n 
A 1 103 THR 103 245 245 THR THR A . n 
A 1 104 VAL 104 246 246 VAL VAL A . n 
A 1 105 GLU 105 247 247 GLU GLU A . n 
A 1 106 GLN 106 248 248 GLN GLN A . n 
A 1 107 ILE 107 249 249 ILE ILE A . n 
A 1 108 GLY 108 250 250 GLY GLY A . n 
A 1 109 HIS 109 251 251 HIS HIS A . n 
A 1 110 ILE 110 252 252 ILE ILE A . n 
A 1 111 LEU 111 253 253 LEU LEU A . n 
A 1 112 VAL 112 254 254 VAL VAL A . n 
A 1 113 SER 113 255 255 SER SER A . n 
A 1 114 TRP 114 256 256 TRP TRP A . n 
A 1 115 LEU 115 257 257 LEU LEU A . n 
A 1 116 PRO 116 258 258 PRO PRO A . n 
A 1 117 ARG 117 259 259 ARG ARG A . n 
A 1 118 LEU 118 260 260 LEU LEU A . n 
A 1 119 ASN 119 261 261 ASN ASN A . n 
A 1 120 ALA 120 262 262 ALA ALA A . n 
A 1 121 TYR 121 263 263 TYR TYR A . n 
A 1 122 ARG 122 264 264 ARG ARG A . n 
A 1 123 GLY 123 265 265 GLY GLY A . n 
A 1 124 TYR 124 266 266 TYR TYR A . n 
A 1 125 CYS 125 267 267 CYS CYS A . n 
A 1 126 SER 126 268 268 SER SER A . n 
A 1 127 ASN 127 269 269 ASN ASN A . n 
A 1 128 GLN 128 270 270 GLN GLN A . n 
A 1 129 LEU 129 271 271 LEU LEU A . n 
A 1 130 ALA 130 272 272 ALA ALA A . n 
A 1 131 ALA 131 273 273 ALA ALA A . n 
A 1 132 LYS 132 274 274 LYS LYS A . n 
A 1 133 ALA 133 275 275 ALA ALA A . n 
A 1 134 LEU 134 276 276 LEU LEU A . n 
A 1 135 LEU 135 277 277 LEU LEU A . n 
A 1 136 ASP 136 278 278 ASP ASP A . n 
A 1 137 GLN 137 279 279 GLN GLN A . n 
A 1 138 LYS 138 280 280 LYS LYS A . n 
A 1 139 LYS 139 281 281 LYS LYS A . n 
A 1 140 GLN 140 282 282 GLN GLN A . n 
A 1 141 ASP 141 283 283 ASP ASP A . n 
A 1 142 PRO 142 284 284 PRO PRO A . n 
A 1 143 ARG 143 285 285 ARG ARG A . n 
A 1 144 VAL 144 286 286 VAL VAL A . n 
A 1 145 GLN 145 287 287 GLN GLN A . n 
A 1 146 ASP 146 288 288 ASP ASP A . n 
A 1 147 PHE 147 289 289 PHE PHE A . n 
A 1 148 LEU 148 290 290 LEU LEU A . n 
A 1 149 GLN 149 291 291 GLN GLN A . n 
A 1 150 ARG 150 292 292 ARG ARG A . n 
A 1 151 CYS 151 293 293 CYS CYS A . n 
A 1 152 LEU 152 294 294 LEU LEU A . n 
A 1 153 GLU 153 295 295 GLU GLU A . n 
A 1 154 SER 154 296 296 SER SER A . n 
A 1 155 PRO 155 297 297 PRO PRO A . n 
A 1 156 PHE 156 298 298 PHE PHE A . n 
A 1 157 SER 157 299 299 SER SER A . n 
A 1 158 ARG 158 300 300 ARG ARG A . n 
A 1 159 LYS 159 301 301 LYS LYS A . n 
A 1 160 LEU 160 302 302 LEU LEU A . n 
A 1 161 ASP 161 303 303 ASP ASP A . n 
A 1 162 LEU 162 304 304 LEU LEU A . n 
A 1 163 TRP 163 305 305 TRP TRP A . n 
A 1 164 SER 164 306 306 SER SER A . n 
A 1 165 PHE 165 307 307 PHE PHE A . n 
A 1 166 LEU 166 308 308 LEU LEU A . n 
A 1 167 ASP 167 309 309 ASP ASP A . n 
A 1 168 ILE 168 310 310 ILE ILE A . n 
A 1 169 PRO 169 311 311 PRO PRO A . n 
A 1 170 ARG 170 312 312 ARG ARG A . n 
A 1 171 SER 171 313 313 SER SER A . n 
A 1 172 ARG 172 314 314 ARG ARG A . n 
A 1 173 LEU 173 315 315 LEU LEU A . n 
A 1 174 VAL 174 316 316 VAL VAL A . n 
A 1 175 LYS 175 317 317 LYS LYS A . n 
A 1 176 TYR 176 318 318 TYR TYR A . n 
A 1 177 PRO 177 319 319 PRO PRO A . n 
A 1 178 LEU 178 320 320 LEU LEU A . n 
A 1 179 LEU 179 321 321 LEU LEU A . n 
A 1 180 LEU 180 322 322 LEU LEU A . n 
A 1 181 LYS 181 323 323 LYS LYS A . n 
A 1 182 GLU 182 324 324 GLU GLU A . n 
A 1 183 ILE 183 325 325 ILE ILE A . n 
A 1 184 LEU 184 326 326 LEU LEU A . n 
A 1 185 LYS 185 327 327 LYS LYS A . n 
A 1 186 HIS 186 328 328 HIS HIS A . n 
A 1 187 THR 187 329 329 THR THR A . n 
A 1 188 PRO 188 330 330 PRO PRO A . n 
A 1 189 LYS 189 331 331 LYS LYS A . n 
A 1 190 GLU 190 332 332 GLU GLU A . n 
A 1 191 HIS 191 333 333 HIS HIS A . n 
A 1 192 PRO 192 334 334 PRO PRO A . n 
A 1 193 ASP 193 335 335 ASP ASP A . n 
A 1 194 VAL 194 336 336 VAL VAL A . n 
A 1 195 GLN 195 337 337 GLN GLN A . n 
A 1 196 LEU 196 338 338 LEU LEU A . n 
A 1 197 LEU 197 339 339 LEU LEU A . n 
A 1 198 GLU 198 340 340 GLU GLU A . n 
A 1 199 ASP 199 341 341 ASP ASP A . n 
A 1 200 ALA 200 342 342 ALA ALA A . n 
A 1 201 ILE 201 343 343 ILE ILE A . n 
A 1 202 LEU 202 344 344 LEU LEU A . n 
A 1 203 ILE 203 345 345 ILE ILE A . n 
A 1 204 ILE 204 346 346 ILE ILE A . n 
A 1 205 GLN 205 347 347 GLN GLN A . n 
A 1 206 GLY 206 348 348 GLY GLY A . n 
A 1 207 VAL 207 349 349 VAL VAL A . n 
A 1 208 LEU 208 350 350 LEU LEU A . n 
A 1 209 SER 209 351 351 SER SER A . n 
A 1 210 ASP 210 352 352 ASP ASP A . n 
A 1 211 ILE 211 353 353 ILE ILE A . n 
A 1 212 ASN 212 354 354 ASN ASN A . n 
A 1 213 LEU 213 355 ?   ?   ?   A . n 
A 1 214 LYS 214 356 ?   ?   ?   A . n 
A 1 215 LYS 215 357 ?   ?   ?   A . n 
A 1 216 GLY 216 358 ?   ?   ?   A . n 
A 1 217 GLU 217 359 ?   ?   ?   A . n 
A 1 218 SER 218 360 ?   ?   ?   A . n 
A 1 219 GLU 219 361 ?   ?   ?   A . n 
A 1 220 CYS 220 362 ?   ?   ?   A . n 
A 1 221 GLN 221 363 ?   ?   ?   A . n 
A 1 222 TYR 222 364 ?   ?   ?   A . n 
A 1 223 TYR 223 365 ?   ?   ?   A . n 
A 1 224 ILE 224 366 ?   ?   ?   A . n 
A 1 225 ASP 225 367 ?   ?   ?   A . n 
A 1 226 LYS 226 368 ?   ?   ?   A . n 
A 1 227 LEU 227 369 ?   ?   ?   A . n 
A 1 228 GLU 228 370 ?   ?   ?   A . n 
A 1 229 TYR 229 371 ?   ?   ?   A . n 
A 1 230 LEU 230 372 ?   ?   ?   A . n 
A 1 231 ASP 231 373 ?   ?   ?   A . n 
# 
_pdbx_SG_project.id                    1 
_pdbx_SG_project.project_name          ? 
_pdbx_SG_project.full_name_of_center   'Structural Genomics Consortium' 
_pdbx_SG_project.initial_of_center     SGC 
# 
_pdbx_nonpoly_scheme.asym_id         B 
_pdbx_nonpoly_scheme.entity_id       2 
_pdbx_nonpoly_scheme.mon_id          UNX 
_pdbx_nonpoly_scheme.ndb_seq_num     1 
_pdbx_nonpoly_scheme.pdb_seq_num     1 
_pdbx_nonpoly_scheme.auth_seq_num    1 
_pdbx_nonpoly_scheme.pdb_mon_id      UNX 
_pdbx_nonpoly_scheme.auth_mon_id     UNX 
_pdbx_nonpoly_scheme.pdb_strand_id   A 
_pdbx_nonpoly_scheme.pdb_ins_code    . 
# 
_pdbx_struct_assembly.id                   1 
_pdbx_struct_assembly.details              software_defined_assembly 
_pdbx_struct_assembly.method_details       PISA 
_pdbx_struct_assembly.oligomeric_details   dimeric 
_pdbx_struct_assembly.oligomeric_count     2 
# 
_pdbx_struct_assembly_gen.assembly_id       1 
_pdbx_struct_assembly_gen.oper_expression   1,2 
_pdbx_struct_assembly_gen.asym_id_list      A,B 
# 
loop_
_pdbx_struct_assembly_prop.biol_id 
_pdbx_struct_assembly_prop.type 
_pdbx_struct_assembly_prop.value 
_pdbx_struct_assembly_prop.details 
1 'ABSA (A^2)' 1470  ? 
1 MORE         -13   ? 
1 'SSA (A^2)'  18660 ? 
# 
loop_
_pdbx_struct_oper_list.id 
_pdbx_struct_oper_list.type 
_pdbx_struct_oper_list.name 
_pdbx_struct_oper_list.symmetry_operation 
_pdbx_struct_oper_list.matrix[1][1] 
_pdbx_struct_oper_list.matrix[1][2] 
_pdbx_struct_oper_list.matrix[1][3] 
_pdbx_struct_oper_list.vector[1] 
_pdbx_struct_oper_list.matrix[2][1] 
_pdbx_struct_oper_list.matrix[2][2] 
_pdbx_struct_oper_list.matrix[2][3] 
_pdbx_struct_oper_list.vector[2] 
_pdbx_struct_oper_list.matrix[3][1] 
_pdbx_struct_oper_list.matrix[3][2] 
_pdbx_struct_oper_list.matrix[3][3] 
_pdbx_struct_oper_list.vector[3] 
1 'identity operation'         1_555 x,y,z     1.0000000000  0.0000000000 0.0000000000 0.0000000000 0.0000000000 1.0000000000  0.0000000000 0.0000000000   0.0000000000 0.0000000000 1.0000000000 0.0000000000  
2 'crystal symmetry operation' 4_455 -x-1,-y,z -0.9926506246 0.0684031164 0.0998286087 9.3028224385 0.0684031164 -0.3633491158 0.9291385439 -24.8529756503 0.0998286087 0.9291385439 0.3559997405 16.3445236189 
# 
loop_
_pdbx_audit_revision_history.ordinal 
_pdbx_audit_revision_history.data_content_type 
_pdbx_audit_revision_history.major_revision 
_pdbx_audit_revision_history.minor_revision 
_pdbx_audit_revision_history.revision_date 
1 'Structure model' 1 0 2008-10-07 
2 'Structure model' 1 1 2011-07-13 
3 'Structure model' 1 2 2017-10-25 
4 'Structure model' 1 3 2020-10-14 
5 'Structure model' 1 4 2023-09-06 
# 
_pdbx_audit_revision_details.ordinal             1 
_pdbx_audit_revision_details.revision_ordinal    1 
_pdbx_audit_revision_details.data_content_type   'Structure model' 
_pdbx_audit_revision_details.provider            repository 
_pdbx_audit_revision_details.type                'Initial release' 
_pdbx_audit_revision_details.description         ? 
_pdbx_audit_revision_details.details             ? 
# 
loop_
_pdbx_audit_revision_group.ordinal 
_pdbx_audit_revision_group.revision_ordinal 
_pdbx_audit_revision_group.data_content_type 
_pdbx_audit_revision_group.group 
1 2 'Structure model' Advisory                    
2 2 'Structure model' 'Version format compliance' 
3 3 'Structure model' 'Refinement description'    
4 4 'Structure model' 'Data collection'           
5 4 'Structure model' 'Database references'       
6 4 'Structure model' 'Derived calculations'      
7 5 'Structure model' 'Data collection'           
8 5 'Structure model' 'Database references'       
9 5 'Structure model' 'Refinement description'    
# 
loop_
_pdbx_audit_revision_category.ordinal 
_pdbx_audit_revision_category.revision_ordinal 
_pdbx_audit_revision_category.data_content_type 
_pdbx_audit_revision_category.category 
1 3 'Structure model' software                      
2 4 'Structure model' phasing                       
3 4 'Structure model' struct_ref_seq_dif            
4 4 'Structure model' struct_site                   
5 5 'Structure model' chem_comp_atom                
6 5 'Structure model' chem_comp_bond                
7 5 'Structure model' database_2                    
8 5 'Structure model' pdbx_initial_refinement_model 
# 
loop_
_pdbx_audit_revision_item.ordinal 
_pdbx_audit_revision_item.revision_ordinal 
_pdbx_audit_revision_item.data_content_type 
_pdbx_audit_revision_item.item 
1 4 'Structure model' '_struct_ref_seq_dif.details'         
2 4 'Structure model' '_struct_site.pdbx_auth_asym_id'      
3 4 'Structure model' '_struct_site.pdbx_auth_comp_id'      
4 4 'Structure model' '_struct_site.pdbx_auth_seq_id'       
5 5 'Structure model' '_database_2.pdbx_DOI'                
6 5 'Structure model' '_database_2.pdbx_database_accession' 
# 
_pdbx_refine_tls.id               1 
_pdbx_refine_tls.details          ? 
_pdbx_refine_tls.method           refined 
_pdbx_refine_tls.origin_x         -0.0905 
_pdbx_refine_tls.origin_y         -0.3637 
_pdbx_refine_tls.origin_z         0.5507 
_pdbx_refine_tls.T[1][1]          0.2509 
_pdbx_refine_tls.T[2][2]          0.2141 
_pdbx_refine_tls.T[3][3]          0.1896 
_pdbx_refine_tls.T[1][2]          0.0628 
_pdbx_refine_tls.T[1][3]          0.0052 
_pdbx_refine_tls.T[2][3]          0.0402 
_pdbx_refine_tls.L[1][1]          3.8541 
_pdbx_refine_tls.L[2][2]          1.8417 
_pdbx_refine_tls.L[3][3]          1.7800 
_pdbx_refine_tls.L[1][2]          0.8164 
_pdbx_refine_tls.L[1][3]          -1.7181 
_pdbx_refine_tls.L[2][3]          0.0721 
_pdbx_refine_tls.S[1][1]          0.0259 
_pdbx_refine_tls.S[2][2]          -0.0610 
_pdbx_refine_tls.S[3][3]          0.0350 
_pdbx_refine_tls.S[1][2]          0.3221 
_pdbx_refine_tls.S[1][3]          0.4240 
_pdbx_refine_tls.S[2][3]          0.1527 
_pdbx_refine_tls.S[2][1]          -0.1477 
_pdbx_refine_tls.S[3][1]          -0.3835 
_pdbx_refine_tls.S[3][2]          -0.3114 
_pdbx_refine_tls.pdbx_refine_id   'X-RAY DIFFRACTION' 
# 
_pdbx_refine_tls_group.id                  1 
_pdbx_refine_tls_group.refine_tls_id       1 
_pdbx_refine_tls_group.beg_auth_asym_id    A 
_pdbx_refine_tls_group.end_auth_asym_id    A 
_pdbx_refine_tls_group.end_auth_seq_id     354 
_pdbx_refine_tls_group.selection           ? 
_pdbx_refine_tls_group.beg_auth_seq_id     168 
_pdbx_refine_tls_group.beg_label_asym_id   . 
_pdbx_refine_tls_group.beg_label_seq_id    . 
_pdbx_refine_tls_group.end_label_asym_id   . 
_pdbx_refine_tls_group.end_label_seq_id    . 
_pdbx_refine_tls_group.pdbx_refine_id      'X-RAY DIFFRACTION' 
_pdbx_refine_tls_group.selection_details   ? 
# 
_phasing.method   MR 
# 
loop_
_software.name 
_software.version 
_software.date 
_software.type 
_software.contact_author 
_software.contact_author_email 
_software.classification 
_software.location 
_software.language 
_software.citation_id 
_software.pdbx_ordinal 
DENZO       .        ?                    package 'Zbyszek Otwinowski' zbyszek@mix.swmed.edu    'data reduction'  
http://www.lnls.br/infra/linhasluz/denzo-hkl.htm ?          ? 1 
SCALEPACK   .        ?                    package 'Zbyszek Otwinowski' zbyszek@mix.swmed.edu    'data scaling'    
http://www.lnls.br/infra/linhasluz/denzo-hkl.htm ?          ? 2 
MOLREP      .        ?                    other   'A. Vagin'           alexei@ysbl.york.ac.uk   phasing           
http://www.ccp4.ac.uk/dist/html/molrep.html      Fortran_77 ? 3 
REFMAC      5.5.0044 ?                    program 'Murshudov, G.N.'    ccp4@dl.ac.uk            refinement        
http://www.ccp4.ac.uk/main.html                  Fortran_77 ? 4 
PDB_EXTRACT 3.005    'September 10, 2007' package PDB                  sw-help@rcsb.rutgers.edu 'data extraction' 
http://pdb.rutgers.edu/software/                 C++        ? 5 
HKL-2000    .        ?                    ?       ?                    ?                        'data scaling'    ? ?          ? 6 
# 
_pdbx_validate_rmsd_bond.id                        1 
_pdbx_validate_rmsd_bond.PDB_model_num             1 
_pdbx_validate_rmsd_bond.auth_atom_id_1            CB 
_pdbx_validate_rmsd_bond.auth_asym_id_1            A 
_pdbx_validate_rmsd_bond.auth_comp_id_1            CYS 
_pdbx_validate_rmsd_bond.auth_seq_id_1             293 
_pdbx_validate_rmsd_bond.PDB_ins_code_1            ? 
_pdbx_validate_rmsd_bond.label_alt_id_1            ? 
_pdbx_validate_rmsd_bond.auth_atom_id_2            SG 
_pdbx_validate_rmsd_bond.auth_asym_id_2            A 
_pdbx_validate_rmsd_bond.auth_comp_id_2            CYS 
_pdbx_validate_rmsd_bond.auth_seq_id_2             293 
_pdbx_validate_rmsd_bond.PDB_ins_code_2            ? 
_pdbx_validate_rmsd_bond.label_alt_id_2            ? 
_pdbx_validate_rmsd_bond.bond_value                1.963 
_pdbx_validate_rmsd_bond.bond_target_value         1.818 
_pdbx_validate_rmsd_bond.bond_deviation            0.145 
_pdbx_validate_rmsd_bond.bond_standard_deviation   0.017 
_pdbx_validate_rmsd_bond.linker_flag               N 
# 
_pdbx_validate_rmsd_angle.id                         1 
_pdbx_validate_rmsd_angle.PDB_model_num              1 
_pdbx_validate_rmsd_angle.auth_atom_id_1             CA 
_pdbx_validate_rmsd_angle.auth_asym_id_1             A 
_pdbx_validate_rmsd_angle.auth_comp_id_1             CYS 
_pdbx_validate_rmsd_angle.auth_seq_id_1              293 
_pdbx_validate_rmsd_angle.PDB_ins_code_1             ? 
_pdbx_validate_rmsd_angle.label_alt_id_1             ? 
_pdbx_validate_rmsd_angle.auth_atom_id_2             CB 
_pdbx_validate_rmsd_angle.auth_asym_id_2             A 
_pdbx_validate_rmsd_angle.auth_comp_id_2             CYS 
_pdbx_validate_rmsd_angle.auth_seq_id_2              293 
_pdbx_validate_rmsd_angle.PDB_ins_code_2             ? 
_pdbx_validate_rmsd_angle.label_alt_id_2             ? 
_pdbx_validate_rmsd_angle.auth_atom_id_3             SG 
_pdbx_validate_rmsd_angle.auth_asym_id_3             A 
_pdbx_validate_rmsd_angle.auth_comp_id_3             CYS 
_pdbx_validate_rmsd_angle.auth_seq_id_3              293 
_pdbx_validate_rmsd_angle.PDB_ins_code_3             ? 
_pdbx_validate_rmsd_angle.label_alt_id_3             ? 
_pdbx_validate_rmsd_angle.angle_value                122.99 
_pdbx_validate_rmsd_angle.angle_target_value         114.20 
_pdbx_validate_rmsd_angle.angle_deviation            8.79 
_pdbx_validate_rmsd_angle.angle_standard_deviation   1.10 
_pdbx_validate_rmsd_angle.linker_flag                N 
# 
loop_
_pdbx_validate_torsion.id 
_pdbx_validate_torsion.PDB_model_num 
_pdbx_validate_torsion.auth_comp_id 
_pdbx_validate_torsion.auth_asym_id 
_pdbx_validate_torsion.auth_seq_id 
_pdbx_validate_torsion.PDB_ins_code 
_pdbx_validate_torsion.label_alt_id 
_pdbx_validate_torsion.phi 
_pdbx_validate_torsion.psi 
1 1 TYR A 200 ? ? -120.48 -67.71 
2 1 LYS A 274 ? ? -82.04  39.97  
3 1 GLU A 332 ? ? -97.04  30.53  
4 1 ILE A 353 ? ? -139.54 -31.31 
# 
loop_
_pdbx_unobs_or_zero_occ_atoms.id 
_pdbx_unobs_or_zero_occ_atoms.PDB_model_num 
_pdbx_unobs_or_zero_occ_atoms.polymer_flag 
_pdbx_unobs_or_zero_occ_atoms.occupancy_flag 
_pdbx_unobs_or_zero_occ_atoms.auth_asym_id 
_pdbx_unobs_or_zero_occ_atoms.auth_comp_id 
_pdbx_unobs_or_zero_occ_atoms.auth_seq_id 
_pdbx_unobs_or_zero_occ_atoms.PDB_ins_code 
_pdbx_unobs_or_zero_occ_atoms.auth_atom_id 
_pdbx_unobs_or_zero_occ_atoms.label_alt_id 
_pdbx_unobs_or_zero_occ_atoms.label_asym_id 
_pdbx_unobs_or_zero_occ_atoms.label_comp_id 
_pdbx_unobs_or_zero_occ_atoms.label_seq_id 
_pdbx_unobs_or_zero_occ_atoms.label_atom_id 
1  1 Y 1 A GLU 191 ? CG  ? A GLU 49  CG  
2  1 Y 1 A GLU 191 ? CD  ? A GLU 49  CD  
3  1 Y 1 A GLU 191 ? OE1 ? A GLU 49  OE1 
4  1 Y 1 A GLU 191 ? OE2 ? A GLU 49  OE2 
5  1 Y 1 A ASP 192 ? CG  ? A ASP 50  CG  
6  1 Y 1 A ASP 192 ? OD1 ? A ASP 50  OD1 
7  1 Y 1 A ASP 192 ? OD2 ? A ASP 50  OD2 
8  1 Y 1 A LYS 206 ? CE  ? A LYS 64  CE  
9  1 Y 1 A LYS 206 ? NZ  ? A LYS 64  NZ  
10 1 Y 1 A GLU 213 ? CG  ? A GLU 71  CG  
11 1 Y 1 A GLU 213 ? CD  ? A GLU 71  CD  
12 1 Y 1 A GLU 213 ? OE1 ? A GLU 71  OE1 
13 1 Y 1 A GLU 213 ? OE2 ? A GLU 71  OE2 
14 1 Y 1 A ARG 264 ? CG  ? A ARG 122 CG  
15 1 Y 1 A ARG 264 ? CD  ? A ARG 122 CD  
16 1 Y 1 A ARG 264 ? NE  ? A ARG 122 NE  
17 1 Y 1 A ARG 264 ? CZ  ? A ARG 122 CZ  
18 1 Y 1 A ARG 264 ? NH1 ? A ARG 122 NH1 
19 1 Y 1 A ARG 264 ? NH2 ? A ARG 122 NH2 
20 1 Y 1 A GLN 270 ? CD  ? A GLN 128 CD  
21 1 Y 1 A GLN 270 ? OE1 ? A GLN 128 OE1 
22 1 Y 1 A GLN 270 ? NE2 ? A GLN 128 NE2 
23 1 Y 1 A LEU 271 ? CG  ? A LEU 129 CG  
24 1 Y 1 A LEU 271 ? CD1 ? A LEU 129 CD1 
25 1 Y 1 A LEU 271 ? CD2 ? A LEU 129 CD2 
26 1 Y 1 A LYS 274 ? CG  ? A LYS 132 CG  
27 1 Y 1 A LYS 274 ? CD  ? A LYS 132 CD  
28 1 Y 1 A LYS 274 ? CE  ? A LYS 132 CE  
29 1 Y 1 A LYS 274 ? NZ  ? A LYS 132 NZ  
30 1 Y 1 A ARG 292 ? NE  ? A ARG 150 NE  
31 1 Y 1 A ARG 292 ? CZ  ? A ARG 150 CZ  
32 1 Y 1 A ARG 292 ? NH1 ? A ARG 150 NH1 
33 1 Y 1 A ARG 292 ? NH2 ? A ARG 150 NH2 
34 1 Y 1 A LYS 301 ? CE  ? A LYS 159 CE  
35 1 Y 1 A LYS 301 ? NZ  ? A LYS 159 NZ  
36 1 Y 1 A LYS 317 ? CE  ? A LYS 175 CE  
37 1 Y 1 A LYS 317 ? NZ  ? A LYS 175 NZ  
38 1 Y 1 A LYS 323 ? CG  ? A LYS 181 CG  
39 1 Y 1 A LYS 323 ? CD  ? A LYS 181 CD  
40 1 Y 1 A LYS 323 ? CE  ? A LYS 181 CE  
41 1 Y 1 A LYS 323 ? NZ  ? A LYS 181 NZ  
42 1 Y 1 A LYS 331 ? CG  ? A LYS 189 CG  
43 1 Y 1 A LYS 331 ? CD  ? A LYS 189 CD  
44 1 Y 1 A LYS 331 ? CE  ? A LYS 189 CE  
45 1 Y 1 A LYS 331 ? NZ  ? A LYS 189 NZ  
46 1 Y 1 A GLU 332 ? CG  ? A GLU 190 CG  
47 1 Y 1 A GLU 332 ? CD  ? A GLU 190 CD  
48 1 Y 1 A GLU 332 ? OE1 ? A GLU 190 OE1 
49 1 Y 1 A GLU 332 ? OE2 ? A GLU 190 OE2 
50 1 Y 1 A GLN 337 ? CD  ? A GLN 195 CD  
51 1 Y 1 A GLN 337 ? OE1 ? A GLN 195 OE1 
52 1 Y 1 A GLN 337 ? NE2 ? A GLN 195 NE2 
53 1 Y 1 A GLU 340 ? CD  ? A GLU 198 CD  
54 1 Y 1 A GLU 340 ? OE1 ? A GLU 198 OE1 
55 1 Y 1 A GLU 340 ? OE2 ? A GLU 198 OE2 
56 1 Y 1 A ASP 341 ? OD1 ? A ASP 199 OD1 
57 1 Y 1 A ASP 341 ? OD2 ? A ASP 199 OD2 
58 1 Y 1 A ILE 346 ? CG1 ? A ILE 204 CG1 
59 1 Y 1 A ILE 346 ? CG2 ? A ILE 204 CG2 
60 1 Y 1 A ILE 346 ? CD1 ? A ILE 204 CD1 
# 
loop_
_pdbx_unobs_or_zero_occ_residues.id 
_pdbx_unobs_or_zero_occ_residues.PDB_model_num 
_pdbx_unobs_or_zero_occ_residues.polymer_flag 
_pdbx_unobs_or_zero_occ_residues.occupancy_flag 
_pdbx_unobs_or_zero_occ_residues.auth_asym_id 
_pdbx_unobs_or_zero_occ_residues.auth_comp_id 
_pdbx_unobs_or_zero_occ_residues.auth_seq_id 
_pdbx_unobs_or_zero_occ_residues.PDB_ins_code 
_pdbx_unobs_or_zero_occ_residues.label_asym_id 
_pdbx_unobs_or_zero_occ_residues.label_comp_id 
_pdbx_unobs_or_zero_occ_residues.label_seq_id 
1  1 Y 1 A MET 143 ? A MET 1   
2  1 Y 1 A HIS 144 ? A HIS 2   
3  1 Y 1 A HIS 145 ? A HIS 3   
4  1 Y 1 A HIS 146 ? A HIS 4   
5  1 Y 1 A HIS 147 ? A HIS 5   
6  1 Y 1 A HIS 148 ? A HIS 6   
7  1 Y 1 A HIS 149 ? A HIS 7   
8  1 Y 1 A SER 150 ? A SER 8   
9  1 Y 1 A SER 151 ? A SER 9   
10 1 Y 1 A GLY 152 ? A GLY 10  
11 1 Y 1 A ARG 153 ? A ARG 11  
12 1 Y 1 A GLU 154 ? A GLU 12  
13 1 Y 1 A ASN 155 ? A ASN 13  
14 1 Y 1 A LEU 156 ? A LEU 14  
15 1 Y 1 A TYR 157 ? A TYR 15  
16 1 Y 1 A PHE 158 ? A PHE 16  
17 1 Y 1 A GLN 159 ? A GLN 17  
18 1 Y 1 A GLY 160 ? A GLY 18  
19 1 Y 1 A ASP 161 ? A ASP 19  
20 1 Y 1 A ILE 162 ? A ILE 20  
21 1 Y 1 A THR 163 ? A THR 21  
22 1 Y 1 A MET 164 ? A MET 22  
23 1 Y 1 A LYS 165 ? A LYS 23  
24 1 Y 1 A GLU 166 ? A GLU 24  
25 1 Y 1 A SER 167 ? A SER 25  
26 1 Y 1 A LEU 355 ? A LEU 213 
27 1 Y 1 A LYS 356 ? A LYS 214 
28 1 Y 1 A LYS 357 ? A LYS 215 
29 1 Y 1 A GLY 358 ? A GLY 216 
30 1 Y 1 A GLU 359 ? A GLU 217 
31 1 Y 1 A SER 360 ? A SER 218 
32 1 Y 1 A GLU 361 ? A GLU 219 
33 1 Y 1 A CYS 362 ? A CYS 220 
34 1 Y 1 A GLN 363 ? A GLN 221 
35 1 Y 1 A TYR 364 ? A TYR 222 
36 1 Y 1 A TYR 365 ? A TYR 223 
37 1 Y 1 A ILE 366 ? A ILE 224 
38 1 Y 1 A ASP 367 ? A ASP 225 
39 1 Y 1 A LYS 368 ? A LYS 226 
40 1 Y 1 A LEU 369 ? A LEU 227 
41 1 Y 1 A GLU 370 ? A GLU 228 
42 1 Y 1 A TYR 371 ? A TYR 229 
43 1 Y 1 A LEU 372 ? A LEU 230 
44 1 Y 1 A ASP 373 ? A ASP 231 
# 
loop_
_chem_comp_atom.comp_id 
_chem_comp_atom.atom_id 
_chem_comp_atom.type_symbol 
_chem_comp_atom.pdbx_aromatic_flag 
_chem_comp_atom.pdbx_stereo_config 
_chem_comp_atom.pdbx_ordinal 
ALA N    N N N 1   
ALA CA   C N S 2   
ALA C    C N N 3   
ALA O    O N N 4   
ALA CB   C N N 5   
ALA OXT  O N N 6   
ALA H    H N N 7   
ALA H2   H N N 8   
ALA HA   H N N 9   
ALA HB1  H N N 10  
ALA HB2  H N N 11  
ALA HB3  H N N 12  
ALA HXT  H N N 13  
ARG N    N N N 14  
ARG CA   C N S 15  
ARG C    C N N 16  
ARG O    O N N 17  
ARG CB   C N N 18  
ARG CG   C N N 19  
ARG CD   C N N 20  
ARG NE   N N N 21  
ARG CZ   C N N 22  
ARG NH1  N N N 23  
ARG NH2  N N N 24  
ARG OXT  O N N 25  
ARG H    H N N 26  
ARG H2   H N N 27  
ARG HA   H N N 28  
ARG HB2  H N N 29  
ARG HB3  H N N 30  
ARG HG2  H N N 31  
ARG HG3  H N N 32  
ARG HD2  H N N 33  
ARG HD3  H N N 34  
ARG HE   H N N 35  
ARG HH11 H N N 36  
ARG HH12 H N N 37  
ARG HH21 H N N 38  
ARG HH22 H N N 39  
ARG HXT  H N N 40  
ASN N    N N N 41  
ASN CA   C N S 42  
ASN C    C N N 43  
ASN O    O N N 44  
ASN CB   C N N 45  
ASN CG   C N N 46  
ASN OD1  O N N 47  
ASN ND2  N N N 48  
ASN OXT  O N N 49  
ASN H    H N N 50  
ASN H2   H N N 51  
ASN HA   H N N 52  
ASN HB2  H N N 53  
ASN HB3  H N N 54  
ASN HD21 H N N 55  
ASN HD22 H N N 56  
ASN HXT  H N N 57  
ASP N    N N N 58  
ASP CA   C N S 59  
ASP C    C N N 60  
ASP O    O N N 61  
ASP CB   C N N 62  
ASP CG   C N N 63  
ASP OD1  O N N 64  
ASP OD2  O N N 65  
ASP OXT  O N N 66  
ASP H    H N N 67  
ASP H2   H N N 68  
ASP HA   H N N 69  
ASP HB2  H N N 70  
ASP HB3  H N N 71  
ASP HD2  H N N 72  
ASP HXT  H N N 73  
CYS N    N N N 74  
CYS CA   C N R 75  
CYS C    C N N 76  
CYS O    O N N 77  
CYS CB   C N N 78  
CYS SG   S N N 79  
CYS OXT  O N N 80  
CYS H    H N N 81  
CYS H2   H N N 82  
CYS HA   H N N 83  
CYS HB2  H N N 84  
CYS HB3  H N N 85  
CYS HG   H N N 86  
CYS HXT  H N N 87  
GLN N    N N N 88  
GLN CA   C N S 89  
GLN C    C N N 90  
GLN O    O N N 91  
GLN CB   C N N 92  
GLN CG   C N N 93  
GLN CD   C N N 94  
GLN OE1  O N N 95  
GLN NE2  N N N 96  
GLN OXT  O N N 97  
GLN H    H N N 98  
GLN H2   H N N 99  
GLN HA   H N N 100 
GLN HB2  H N N 101 
GLN HB3  H N N 102 
GLN HG2  H N N 103 
GLN HG3  H N N 104 
GLN HE21 H N N 105 
GLN HE22 H N N 106 
GLN HXT  H N N 107 
GLU N    N N N 108 
GLU CA   C N S 109 
GLU C    C N N 110 
GLU O    O N N 111 
GLU CB   C N N 112 
GLU CG   C N N 113 
GLU CD   C N N 114 
GLU OE1  O N N 115 
GLU OE2  O N N 116 
GLU OXT  O N N 117 
GLU H    H N N 118 
GLU H2   H N N 119 
GLU HA   H N N 120 
GLU HB2  H N N 121 
GLU HB3  H N N 122 
GLU HG2  H N N 123 
GLU HG3  H N N 124 
GLU HE2  H N N 125 
GLU HXT  H N N 126 
GLY N    N N N 127 
GLY CA   C N N 128 
GLY C    C N N 129 
GLY O    O N N 130 
GLY OXT  O N N 131 
GLY H    H N N 132 
GLY H2   H N N 133 
GLY HA2  H N N 134 
GLY HA3  H N N 135 
GLY HXT  H N N 136 
HIS N    N N N 137 
HIS CA   C N S 138 
HIS C    C N N 139 
HIS O    O N N 140 
HIS CB   C N N 141 
HIS CG   C Y N 142 
HIS ND1  N Y N 143 
HIS CD2  C Y N 144 
HIS CE1  C Y N 145 
HIS NE2  N Y N 146 
HIS OXT  O N N 147 
HIS H    H N N 148 
HIS H2   H N N 149 
HIS HA   H N N 150 
HIS HB2  H N N 151 
HIS HB3  H N N 152 
HIS HD1  H N N 153 
HIS HD2  H N N 154 
HIS HE1  H N N 155 
HIS HE2  H N N 156 
HIS HXT  H N N 157 
ILE N    N N N 158 
ILE CA   C N S 159 
ILE C    C N N 160 
ILE O    O N N 161 
ILE CB   C N S 162 
ILE CG1  C N N 163 
ILE CG2  C N N 164 
ILE CD1  C N N 165 
ILE OXT  O N N 166 
ILE H    H N N 167 
ILE H2   H N N 168 
ILE HA   H N N 169 
ILE HB   H N N 170 
ILE HG12 H N N 171 
ILE HG13 H N N 172 
ILE HG21 H N N 173 
ILE HG22 H N N 174 
ILE HG23 H N N 175 
ILE HD11 H N N 176 
ILE HD12 H N N 177 
ILE HD13 H N N 178 
ILE HXT  H N N 179 
LEU N    N N N 180 
LEU CA   C N S 181 
LEU C    C N N 182 
LEU O    O N N 183 
LEU CB   C N N 184 
LEU CG   C N N 185 
LEU CD1  C N N 186 
LEU CD2  C N N 187 
LEU OXT  O N N 188 
LEU H    H N N 189 
LEU H2   H N N 190 
LEU HA   H N N 191 
LEU HB2  H N N 192 
LEU HB3  H N N 193 
LEU HG   H N N 194 
LEU HD11 H N N 195 
LEU HD12 H N N 196 
LEU HD13 H N N 197 
LEU HD21 H N N 198 
LEU HD22 H N N 199 
LEU HD23 H N N 200 
LEU HXT  H N N 201 
LYS N    N N N 202 
LYS CA   C N S 203 
LYS C    C N N 204 
LYS O    O N N 205 
LYS CB   C N N 206 
LYS CG   C N N 207 
LYS CD   C N N 208 
LYS CE   C N N 209 
LYS NZ   N N N 210 
LYS OXT  O N N 211 
LYS H    H N N 212 
LYS H2   H N N 213 
LYS HA   H N N 214 
LYS HB2  H N N 215 
LYS HB3  H N N 216 
LYS HG2  H N N 217 
LYS HG3  H N N 218 
LYS HD2  H N N 219 
LYS HD3  H N N 220 
LYS HE2  H N N 221 
LYS HE3  H N N 222 
LYS HZ1  H N N 223 
LYS HZ2  H N N 224 
LYS HZ3  H N N 225 
LYS HXT  H N N 226 
MET N    N N N 227 
MET CA   C N S 228 
MET C    C N N 229 
MET O    O N N 230 
MET CB   C N N 231 
MET CG   C N N 232 
MET SD   S N N 233 
MET CE   C N N 234 
MET OXT  O N N 235 
MET H    H N N 236 
MET H2   H N N 237 
MET HA   H N N 238 
MET HB2  H N N 239 
MET HB3  H N N 240 
MET HG2  H N N 241 
MET HG3  H N N 242 
MET HE1  H N N 243 
MET HE2  H N N 244 
MET HE3  H N N 245 
MET HXT  H N N 246 
PHE N    N N N 247 
PHE CA   C N S 248 
PHE C    C N N 249 
PHE O    O N N 250 
PHE CB   C N N 251 
PHE CG   C Y N 252 
PHE CD1  C Y N 253 
PHE CD2  C Y N 254 
PHE CE1  C Y N 255 
PHE CE2  C Y N 256 
PHE CZ   C Y N 257 
PHE OXT  O N N 258 
PHE H    H N N 259 
PHE H2   H N N 260 
PHE HA   H N N 261 
PHE HB2  H N N 262 
PHE HB3  H N N 263 
PHE HD1  H N N 264 
PHE HD2  H N N 265 
PHE HE1  H N N 266 
PHE HE2  H N N 267 
PHE HZ   H N N 268 
PHE HXT  H N N 269 
PRO N    N N N 270 
PRO CA   C N S 271 
PRO C    C N N 272 
PRO O    O N N 273 
PRO CB   C N N 274 
PRO CG   C N N 275 
PRO CD   C N N 276 
PRO OXT  O N N 277 
PRO H    H N N 278 
PRO HA   H N N 279 
PRO HB2  H N N 280 
PRO HB3  H N N 281 
PRO HG2  H N N 282 
PRO HG3  H N N 283 
PRO HD2  H N N 284 
PRO HD3  H N N 285 
PRO HXT  H N N 286 
SER N    N N N 287 
SER CA   C N S 288 
SER C    C N N 289 
SER O    O N N 290 
SER CB   C N N 291 
SER OG   O N N 292 
SER OXT  O N N 293 
SER H    H N N 294 
SER H2   H N N 295 
SER HA   H N N 296 
SER HB2  H N N 297 
SER HB3  H N N 298 
SER HG   H N N 299 
SER HXT  H N N 300 
THR N    N N N 301 
THR CA   C N S 302 
THR C    C N N 303 
THR O    O N N 304 
THR CB   C N R 305 
THR OG1  O N N 306 
THR CG2  C N N 307 
THR OXT  O N N 308 
THR H    H N N 309 
THR H2   H N N 310 
THR HA   H N N 311 
THR HB   H N N 312 
THR HG1  H N N 313 
THR HG21 H N N 314 
THR HG22 H N N 315 
THR HG23 H N N 316 
THR HXT  H N N 317 
TRP N    N N N 318 
TRP CA   C N S 319 
TRP C    C N N 320 
TRP O    O N N 321 
TRP CB   C N N 322 
TRP CG   C Y N 323 
TRP CD1  C Y N 324 
TRP CD2  C Y N 325 
TRP NE1  N Y N 326 
TRP CE2  C Y N 327 
TRP CE3  C Y N 328 
TRP CZ2  C Y N 329 
TRP CZ3  C Y N 330 
TRP CH2  C Y N 331 
TRP OXT  O N N 332 
TRP H    H N N 333 
TRP H2   H N N 334 
TRP HA   H N N 335 
TRP HB2  H N N 336 
TRP HB3  H N N 337 
TRP HD1  H N N 338 
TRP HE1  H N N 339 
TRP HE3  H N N 340 
TRP HZ2  H N N 341 
TRP HZ3  H N N 342 
TRP HH2  H N N 343 
TRP HXT  H N N 344 
TYR N    N N N 345 
TYR CA   C N S 346 
TYR C    C N N 347 
TYR O    O N N 348 
TYR CB   C N N 349 
TYR CG   C Y N 350 
TYR CD1  C Y N 351 
TYR CD2  C Y N 352 
TYR CE1  C Y N 353 
TYR CE2  C Y N 354 
TYR CZ   C Y N 355 
TYR OH   O N N 356 
TYR OXT  O N N 357 
TYR H    H N N 358 
TYR H2   H N N 359 
TYR HA   H N N 360 
TYR HB2  H N N 361 
TYR HB3  H N N 362 
TYR HD1  H N N 363 
TYR HD2  H N N 364 
TYR HE1  H N N 365 
TYR HE2  H N N 366 
TYR HH   H N N 367 
TYR HXT  H N N 368 
VAL N    N N N 369 
VAL CA   C N S 370 
VAL C    C N N 371 
VAL O    O N N 372 
VAL CB   C N N 373 
VAL CG1  C N N 374 
VAL CG2  C N N 375 
VAL OXT  O N N 376 
VAL H    H N N 377 
VAL H2   H N N 378 
VAL HA   H N N 379 
VAL HB   H N N 380 
VAL HG11 H N N 381 
VAL HG12 H N N 382 
VAL HG13 H N N 383 
VAL HG21 H N N 384 
VAL HG22 H N N 385 
VAL HG23 H N N 386 
VAL HXT  H N N 387 
# 
loop_
_chem_comp_bond.comp_id 
_chem_comp_bond.atom_id_1 
_chem_comp_bond.atom_id_2 
_chem_comp_bond.value_order 
_chem_comp_bond.pdbx_aromatic_flag 
_chem_comp_bond.pdbx_stereo_config 
_chem_comp_bond.pdbx_ordinal 
ALA N   CA   sing N N 1   
ALA N   H    sing N N 2   
ALA N   H2   sing N N 3   
ALA CA  C    sing N N 4   
ALA CA  CB   sing N N 5   
ALA CA  HA   sing N N 6   
ALA C   O    doub N N 7   
ALA C   OXT  sing N N 8   
ALA CB  HB1  sing N N 9   
ALA CB  HB2  sing N N 10  
ALA CB  HB3  sing N N 11  
ALA OXT HXT  sing N N 12  
ARG N   CA   sing N N 13  
ARG N   H    sing N N 14  
ARG N   H2   sing N N 15  
ARG CA  C    sing N N 16  
ARG CA  CB   sing N N 17  
ARG CA  HA   sing N N 18  
ARG C   O    doub N N 19  
ARG C   OXT  sing N N 20  
ARG CB  CG   sing N N 21  
ARG CB  HB2  sing N N 22  
ARG CB  HB3  sing N N 23  
ARG CG  CD   sing N N 24  
ARG CG  HG2  sing N N 25  
ARG CG  HG3  sing N N 26  
ARG CD  NE   sing N N 27  
ARG CD  HD2  sing N N 28  
ARG CD  HD3  sing N N 29  
ARG NE  CZ   sing N N 30  
ARG NE  HE   sing N N 31  
ARG CZ  NH1  sing N N 32  
ARG CZ  NH2  doub N N 33  
ARG NH1 HH11 sing N N 34  
ARG NH1 HH12 sing N N 35  
ARG NH2 HH21 sing N N 36  
ARG NH2 HH22 sing N N 37  
ARG OXT HXT  sing N N 38  
ASN N   CA   sing N N 39  
ASN N   H    sing N N 40  
ASN N   H2   sing N N 41  
ASN CA  C    sing N N 42  
ASN CA  CB   sing N N 43  
ASN CA  HA   sing N N 44  
ASN C   O    doub N N 45  
ASN C   OXT  sing N N 46  
ASN CB  CG   sing N N 47  
ASN CB  HB2  sing N N 48  
ASN CB  HB3  sing N N 49  
ASN CG  OD1  doub N N 50  
ASN CG  ND2  sing N N 51  
ASN ND2 HD21 sing N N 52  
ASN ND2 HD22 sing N N 53  
ASN OXT HXT  sing N N 54  
ASP N   CA   sing N N 55  
ASP N   H    sing N N 56  
ASP N   H2   sing N N 57  
ASP CA  C    sing N N 58  
ASP CA  CB   sing N N 59  
ASP CA  HA   sing N N 60  
ASP C   O    doub N N 61  
ASP C   OXT  sing N N 62  
ASP CB  CG   sing N N 63  
ASP CB  HB2  sing N N 64  
ASP CB  HB3  sing N N 65  
ASP CG  OD1  doub N N 66  
ASP CG  OD2  sing N N 67  
ASP OD2 HD2  sing N N 68  
ASP OXT HXT  sing N N 69  
CYS N   CA   sing N N 70  
CYS N   H    sing N N 71  
CYS N   H2   sing N N 72  
CYS CA  C    sing N N 73  
CYS CA  CB   sing N N 74  
CYS CA  HA   sing N N 75  
CYS C   O    doub N N 76  
CYS C   OXT  sing N N 77  
CYS CB  SG   sing N N 78  
CYS CB  HB2  sing N N 79  
CYS CB  HB3  sing N N 80  
CYS SG  HG   sing N N 81  
CYS OXT HXT  sing N N 82  
GLN N   CA   sing N N 83  
GLN N   H    sing N N 84  
GLN N   H2   sing N N 85  
GLN CA  C    sing N N 86  
GLN CA  CB   sing N N 87  
GLN CA  HA   sing N N 88  
GLN C   O    doub N N 89  
GLN C   OXT  sing N N 90  
GLN CB  CG   sing N N 91  
GLN CB  HB2  sing N N 92  
GLN CB  HB3  sing N N 93  
GLN CG  CD   sing N N 94  
GLN CG  HG2  sing N N 95  
GLN CG  HG3  sing N N 96  
GLN CD  OE1  doub N N 97  
GLN CD  NE2  sing N N 98  
GLN NE2 HE21 sing N N 99  
GLN NE2 HE22 sing N N 100 
GLN OXT HXT  sing N N 101 
GLU N   CA   sing N N 102 
GLU N   H    sing N N 103 
GLU N   H2   sing N N 104 
GLU CA  C    sing N N 105 
GLU CA  CB   sing N N 106 
GLU CA  HA   sing N N 107 
GLU C   O    doub N N 108 
GLU C   OXT  sing N N 109 
GLU CB  CG   sing N N 110 
GLU CB  HB2  sing N N 111 
GLU CB  HB3  sing N N 112 
GLU CG  CD   sing N N 113 
GLU CG  HG2  sing N N 114 
GLU CG  HG3  sing N N 115 
GLU CD  OE1  doub N N 116 
GLU CD  OE2  sing N N 117 
GLU OE2 HE2  sing N N 118 
GLU OXT HXT  sing N N 119 
GLY N   CA   sing N N 120 
GLY N   H    sing N N 121 
GLY N   H2   sing N N 122 
GLY CA  C    sing N N 123 
GLY CA  HA2  sing N N 124 
GLY CA  HA3  sing N N 125 
GLY C   O    doub N N 126 
GLY C   OXT  sing N N 127 
GLY OXT HXT  sing N N 128 
HIS N   CA   sing N N 129 
HIS N   H    sing N N 130 
HIS N   H2   sing N N 131 
HIS CA  C    sing N N 132 
HIS CA  CB   sing N N 133 
HIS CA  HA   sing N N 134 
HIS C   O    doub N N 135 
HIS C   OXT  sing N N 136 
HIS CB  CG   sing N N 137 
HIS CB  HB2  sing N N 138 
HIS CB  HB3  sing N N 139 
HIS CG  ND1  sing Y N 140 
HIS CG  CD2  doub Y N 141 
HIS ND1 CE1  doub Y N 142 
HIS ND1 HD1  sing N N 143 
HIS CD2 NE2  sing Y N 144 
HIS CD2 HD2  sing N N 145 
HIS CE1 NE2  sing Y N 146 
HIS CE1 HE1  sing N N 147 
HIS NE2 HE2  sing N N 148 
HIS OXT HXT  sing N N 149 
ILE N   CA   sing N N 150 
ILE N   H    sing N N 151 
ILE N   H2   sing N N 152 
ILE CA  C    sing N N 153 
ILE CA  CB   sing N N 154 
ILE CA  HA   sing N N 155 
ILE C   O    doub N N 156 
ILE C   OXT  sing N N 157 
ILE CB  CG1  sing N N 158 
ILE CB  CG2  sing N N 159 
ILE CB  HB   sing N N 160 
ILE CG1 CD1  sing N N 161 
ILE CG1 HG12 sing N N 162 
ILE CG1 HG13 sing N N 163 
ILE CG2 HG21 sing N N 164 
ILE CG2 HG22 sing N N 165 
ILE CG2 HG23 sing N N 166 
ILE CD1 HD11 sing N N 167 
ILE CD1 HD12 sing N N 168 
ILE CD1 HD13 sing N N 169 
ILE OXT HXT  sing N N 170 
LEU N   CA   sing N N 171 
LEU N   H    sing N N 172 
LEU N   H2   sing N N 173 
LEU CA  C    sing N N 174 
LEU CA  CB   sing N N 175 
LEU CA  HA   sing N N 176 
LEU C   O    doub N N 177 
LEU C   OXT  sing N N 178 
LEU CB  CG   sing N N 179 
LEU CB  HB2  sing N N 180 
LEU CB  HB3  sing N N 181 
LEU CG  CD1  sing N N 182 
LEU CG  CD2  sing N N 183 
LEU CG  HG   sing N N 184 
LEU CD1 HD11 sing N N 185 
LEU CD1 HD12 sing N N 186 
LEU CD1 HD13 sing N N 187 
LEU CD2 HD21 sing N N 188 
LEU CD2 HD22 sing N N 189 
LEU CD2 HD23 sing N N 190 
LEU OXT HXT  sing N N 191 
LYS N   CA   sing N N 192 
LYS N   H    sing N N 193 
LYS N   H2   sing N N 194 
LYS CA  C    sing N N 195 
LYS CA  CB   sing N N 196 
LYS CA  HA   sing N N 197 
LYS C   O    doub N N 198 
LYS C   OXT  sing N N 199 
LYS CB  CG   sing N N 200 
LYS CB  HB2  sing N N 201 
LYS CB  HB3  sing N N 202 
LYS CG  CD   sing N N 203 
LYS CG  HG2  sing N N 204 
LYS CG  HG3  sing N N 205 
LYS CD  CE   sing N N 206 
LYS CD  HD2  sing N N 207 
LYS CD  HD3  sing N N 208 
LYS CE  NZ   sing N N 209 
LYS CE  HE2  sing N N 210 
LYS CE  HE3  sing N N 211 
LYS NZ  HZ1  sing N N 212 
LYS NZ  HZ2  sing N N 213 
LYS NZ  HZ3  sing N N 214 
LYS OXT HXT  sing N N 215 
MET N   CA   sing N N 216 
MET N   H    sing N N 217 
MET N   H2   sing N N 218 
MET CA  C    sing N N 219 
MET CA  CB   sing N N 220 
MET CA  HA   sing N N 221 
MET C   O    doub N N 222 
MET C   OXT  sing N N 223 
MET CB  CG   sing N N 224 
MET CB  HB2  sing N N 225 
MET CB  HB3  sing N N 226 
MET CG  SD   sing N N 227 
MET CG  HG2  sing N N 228 
MET CG  HG3  sing N N 229 
MET SD  CE   sing N N 230 
MET CE  HE1  sing N N 231 
MET CE  HE2  sing N N 232 
MET CE  HE3  sing N N 233 
MET OXT HXT  sing N N 234 
PHE N   CA   sing N N 235 
PHE N   H    sing N N 236 
PHE N   H2   sing N N 237 
PHE CA  C    sing N N 238 
PHE CA  CB   sing N N 239 
PHE CA  HA   sing N N 240 
PHE C   O    doub N N 241 
PHE C   OXT  sing N N 242 
PHE CB  CG   sing N N 243 
PHE CB  HB2  sing N N 244 
PHE CB  HB3  sing N N 245 
PHE CG  CD1  doub Y N 246 
PHE CG  CD2  sing Y N 247 
PHE CD1 CE1  sing Y N 248 
PHE CD1 HD1  sing N N 249 
PHE CD2 CE2  doub Y N 250 
PHE CD2 HD2  sing N N 251 
PHE CE1 CZ   doub Y N 252 
PHE CE1 HE1  sing N N 253 
PHE CE2 CZ   sing Y N 254 
PHE CE2 HE2  sing N N 255 
PHE CZ  HZ   sing N N 256 
PHE OXT HXT  sing N N 257 
PRO N   CA   sing N N 258 
PRO N   CD   sing N N 259 
PRO N   H    sing N N 260 
PRO CA  C    sing N N 261 
PRO CA  CB   sing N N 262 
PRO CA  HA   sing N N 263 
PRO C   O    doub N N 264 
PRO C   OXT  sing N N 265 
PRO CB  CG   sing N N 266 
PRO CB  HB2  sing N N 267 
PRO CB  HB3  sing N N 268 
PRO CG  CD   sing N N 269 
PRO CG  HG2  sing N N 270 
PRO CG  HG3  sing N N 271 
PRO CD  HD2  sing N N 272 
PRO CD  HD3  sing N N 273 
PRO OXT HXT  sing N N 274 
SER N   CA   sing N N 275 
SER N   H    sing N N 276 
SER N   H2   sing N N 277 
SER CA  C    sing N N 278 
SER CA  CB   sing N N 279 
SER CA  HA   sing N N 280 
SER C   O    doub N N 281 
SER C   OXT  sing N N 282 
SER CB  OG   sing N N 283 
SER CB  HB2  sing N N 284 
SER CB  HB3  sing N N 285 
SER OG  HG   sing N N 286 
SER OXT HXT  sing N N 287 
THR N   CA   sing N N 288 
THR N   H    sing N N 289 
THR N   H2   sing N N 290 
THR CA  C    sing N N 291 
THR CA  CB   sing N N 292 
THR CA  HA   sing N N 293 
THR C   O    doub N N 294 
THR C   OXT  sing N N 295 
THR CB  OG1  sing N N 296 
THR CB  CG2  sing N N 297 
THR CB  HB   sing N N 298 
THR OG1 HG1  sing N N 299 
THR CG2 HG21 sing N N 300 
THR CG2 HG22 sing N N 301 
THR CG2 HG23 sing N N 302 
THR OXT HXT  sing N N 303 
TRP N   CA   sing N N 304 
TRP N   H    sing N N 305 
TRP N   H2   sing N N 306 
TRP CA  C    sing N N 307 
TRP CA  CB   sing N N 308 
TRP CA  HA   sing N N 309 
TRP C   O    doub N N 310 
TRP C   OXT  sing N N 311 
TRP CB  CG   sing N N 312 
TRP CB  HB2  sing N N 313 
TRP CB  HB3  sing N N 314 
TRP CG  CD1  doub Y N 315 
TRP CG  CD2  sing Y N 316 
TRP CD1 NE1  sing Y N 317 
TRP CD1 HD1  sing N N 318 
TRP CD2 CE2  doub Y N 319 
TRP CD2 CE3  sing Y N 320 
TRP NE1 CE2  sing Y N 321 
TRP NE1 HE1  sing N N 322 
TRP CE2 CZ2  sing Y N 323 
TRP CE3 CZ3  doub Y N 324 
TRP CE3 HE3  sing N N 325 
TRP CZ2 CH2  doub Y N 326 
TRP CZ2 HZ2  sing N N 327 
TRP CZ3 CH2  sing Y N 328 
TRP CZ3 HZ3  sing N N 329 
TRP CH2 HH2  sing N N 330 
TRP OXT HXT  sing N N 331 
TYR N   CA   sing N N 332 
TYR N   H    sing N N 333 
TYR N   H2   sing N N 334 
TYR CA  C    sing N N 335 
TYR CA  CB   sing N N 336 
TYR CA  HA   sing N N 337 
TYR C   O    doub N N 338 
TYR C   OXT  sing N N 339 
TYR CB  CG   sing N N 340 
TYR CB  HB2  sing N N 341 
TYR CB  HB3  sing N N 342 
TYR CG  CD1  doub Y N 343 
TYR CG  CD2  sing Y N 344 
TYR CD1 CE1  sing Y N 345 
TYR CD1 HD1  sing N N 346 
TYR CD2 CE2  doub Y N 347 
TYR CD2 HD2  sing N N 348 
TYR CE1 CZ   doub Y N 349 
TYR CE1 HE1  sing N N 350 
TYR CE2 CZ   sing Y N 351 
TYR CE2 HE2  sing N N 352 
TYR CZ  OH   sing N N 353 
TYR OH  HH   sing N N 354 
TYR OXT HXT  sing N N 355 
VAL N   CA   sing N N 356 
VAL N   H    sing N N 357 
VAL N   H2   sing N N 358 
VAL CA  C    sing N N 359 
VAL CA  CB   sing N N 360 
VAL CA  HA   sing N N 361 
VAL C   O    doub N N 362 
VAL C   OXT  sing N N 363 
VAL CB  CG1  sing N N 364 
VAL CB  CG2  sing N N 365 
VAL CB  HB   sing N N 366 
VAL CG1 HG11 sing N N 367 
VAL CG1 HG12 sing N N 368 
VAL CG1 HG13 sing N N 369 
VAL CG2 HG21 sing N N 370 
VAL CG2 HG22 sing N N 371 
VAL CG2 HG23 sing N N 372 
VAL OXT HXT  sing N N 373 
# 
_pdbx_entity_nonpoly.entity_id   2 
_pdbx_entity_nonpoly.name        'UNKNOWN ATOM OR ION' 
_pdbx_entity_nonpoly.comp_id     UNX 
# 
_pdbx_initial_refinement_model.id               1 
_pdbx_initial_refinement_model.entity_id_list   ? 
_pdbx_initial_refinement_model.type             'experimental model' 
_pdbx_initial_refinement_model.source_name      PDB 
_pdbx_initial_refinement_model.accession_code   2Z0Q 
_pdbx_initial_refinement_model.details          'pdb entry 2Z0Q' 
# 
